data_5W1M
#
_entry.id   5W1M
#
_cell.length_a   206.970
_cell.length_b   206.970
_cell.length_c   238.230
_cell.angle_alpha   90.000
_cell.angle_beta   90.000
_cell.angle_gamma   90.000
#
_symmetry.space_group_name_H-M   'P 42 21 2'
#
loop_
_entity.id
_entity.type
_entity.pdbx_description
1 polymer 'CR1-07 Fab light chain'
2 polymer 'CR1-07 Fab heavy chain'
3 polymer 'Pre-glycoprotein polyprotein GP complex'
4 branched 2-acetamido-2-deoxy-beta-D-glucopyranose-(1-4)-2-acetamido-2-deoxy-beta-D-glucopyranose
5 branched beta-D-mannopyranose-(1-4)-2-acetamido-2-deoxy-beta-D-glucopyranose-(1-4)-2-acetamido-2-deoxy-beta-D-glucopyranose
6 non-polymer beta-D-mannopyranose
7 non-polymer 2-acetamido-2-deoxy-beta-D-glucopyranose
#
loop_
_entity_poly.entity_id
_entity_poly.type
_entity_poly.pdbx_seq_one_letter_code
_entity_poly.pdbx_strand_id
1 'polypeptide(L)'
;DIVMTQSPESLAVSLGERATINCKSSQSVLYSSRSDNKDYLAWYQQKPGQSPKLLIYWASTRESGVPERFTGSGSGTDFT
LSISSLQAEDVAVYYCQQYYSSPPTFGGGTKVELKRTVAAPSVFIFPPSDEQLKSGTASVVCLLNNFYPREAKVQWKVDN
ALQSGNSQESVTEQDSKDSTYSLSSTLTLSKADYEKHKVYACEVTHQGLSSPVTKSFNRGE
;
A,C,E,G
2 'polypeptide(L)'
;VQLVESGGGVVHPGRSLRLSCAASGFTFGTSIMHWVRQAPGKGMQWVAQISHDESRKFYSDSVKGRFTVSRDNSKNTLFL
EMSSLRIEDTAVYYCAKDLSPPYSYAWDIFQYWGQGSLVTVSGASTKGPSVFPLAPSSKSTSGGTAALGCLVKDYFPEPV
TVSWNSGALTSGVHTFPAVLQSSGLYSLSSVVTVPSSSLGTQTYICNVNHKPSNTKVDKRVEPKSC
;
B,D,F,H
3 'polypeptide(L)'
;ELPSLCMLNNSFYYMRGGVNTFLIRVSDISVLMKEYDVSIYEPEDLGNCLNKSDSSWAIHWFSNALGHDWLMDPPMLCRN
KTKKEGSNIQFNISKADDARVYGKKIRNGMRHLFRGFHDPCEEGKVCYLTINQCGDPSSFDYCGVNHLSKCQ
;
Q,R,S,T
#
loop_
_chem_comp.id
_chem_comp.type
_chem_comp.name
_chem_comp.formula
BMA D-saccharide, beta linking beta-D-mannopyranose 'C6 H12 O6'
NAG D-saccharide, beta linking 2-acetamido-2-deoxy-beta-D-glucopyranose 'C8 H15 N O6'
#
# COMPACT_ATOMS: atom_id res chain seq x y z
N ASP A 1 -3.28 14.37 2.72
CA ASP A 1 -1.92 14.47 3.28
C ASP A 1 -0.98 13.35 2.76
N ILE A 2 0.21 13.16 3.37
CA ILE A 2 1.20 12.18 2.90
C ILE A 2 0.83 10.76 3.29
N VAL A 3 0.94 9.84 2.32
CA VAL A 3 0.64 8.41 2.46
C VAL A 3 1.89 7.60 2.31
N MET A 4 2.25 6.89 3.33
CA MET A 4 3.44 6.08 3.31
C MET A 4 3.03 4.67 3.02
N THR A 5 3.50 4.10 1.96
CA THR A 5 3.16 2.73 1.76
C THR A 5 4.38 1.89 1.86
N GLN A 6 4.30 0.77 2.59
CA GLN A 6 5.47 -0.08 2.75
C GLN A 6 5.25 -1.37 2.05
N SER A 7 6.35 -1.98 1.56
CA SER A 7 6.35 -3.25 0.80
C SER A 7 7.64 -4.04 0.97
N PRO A 8 7.68 -5.42 1.08
CA PRO A 8 6.57 -6.43 1.04
C PRO A 8 6.01 -6.65 2.47
N GLU A 9 4.70 -6.89 2.53
CA GLU A 9 3.88 -7.09 3.73
C GLU A 9 4.58 -7.91 4.86
N SER A 10 5.34 -8.98 4.49
CA SER A 10 6.13 -9.84 5.38
C SER A 10 7.17 -10.60 4.60
N LEU A 11 8.41 -10.56 5.05
CA LEU A 11 9.45 -11.27 4.35
C LEU A 11 10.20 -12.21 5.26
N ALA A 12 10.76 -13.27 4.70
CA ALA A 12 11.51 -14.21 5.50
C ALA A 12 12.87 -14.45 4.88
N VAL A 13 13.96 -14.26 5.66
CA VAL A 13 15.34 -14.46 5.21
C VAL A 13 16.07 -15.40 6.15
N SER A 14 17.05 -16.18 5.64
CA SER A 14 17.85 -17.11 6.47
C SER A 14 18.70 -16.30 7.45
N LEU A 15 19.12 -16.91 8.56
CA LEU A 15 19.99 -16.22 9.52
C LEU A 15 21.32 -15.86 8.81
N GLY A 16 21.68 -14.58 8.86
CA GLY A 16 22.90 -14.08 8.25
C GLY A 16 22.78 -13.36 6.92
N GLU A 17 21.72 -13.64 6.15
CA GLU A 17 21.48 -13.01 4.84
C GLU A 17 20.96 -11.58 5.00
N ARG A 18 20.83 -10.86 3.89
CA ARG A 18 20.37 -9.48 3.88
C ARG A 18 18.88 -9.43 3.81
N ALA A 19 18.32 -8.51 4.58
CA ALA A 19 16.90 -8.24 4.56
C ALA A 19 16.73 -6.87 3.93
N THR A 20 15.66 -6.64 3.14
CA THR A 20 15.46 -5.36 2.45
C THR A 20 13.98 -4.90 2.40
N ILE A 21 13.61 -3.97 3.26
CA ILE A 21 12.25 -3.41 3.29
C ILE A 21 12.19 -2.19 2.39
N ASN A 22 11.11 -2.01 1.60
CA ASN A 22 10.91 -0.79 0.78
C ASN A 22 9.81 0.10 1.36
N CYS A 23 10.03 1.39 1.25
CA CYS A 23 9.10 2.39 1.74
C CYS A 23 8.94 3.40 0.65
N LYS A 24 7.71 3.80 0.36
CA LYS A 24 7.40 4.77 -0.66
C LYS A 24 6.41 5.78 -0.17
N SER A 25 6.72 7.06 -0.37
CA SER A 25 5.89 8.18 0.03
C SER A 25 5.12 8.70 -1.16
N SER A 26 3.91 9.21 -0.92
CA SER A 26 3.03 9.76 -1.96
C SER A 26 3.46 11.15 -2.48
N GLN A 27 4.32 11.87 -1.70
CA GLN A 27 4.88 13.20 -1.99
C GLN A 27 6.32 13.20 -1.49
N SER A 28 7.24 13.90 -2.17
CA SER A 28 8.63 13.93 -1.70
C SER A 28 8.73 14.46 -0.29
N VAL A 29 9.70 13.95 0.46
CA VAL A 29 9.91 14.42 1.83
C VAL A 29 11.27 15.04 1.95
N LEU A 30 11.79 15.54 0.81
CA LEU A 30 13.09 16.15 0.79
C LEU A 30 13.05 17.66 0.81
N TYR A 31 13.88 18.26 1.69
CA TYR A 31 14.19 19.69 1.81
C TYR A 31 15.63 19.83 1.30
N SER A 32 15.86 20.75 0.34
CA SER A 32 17.17 21.00 -0.28
C SER A 32 17.76 22.45 -0.06
N SER A 33 18.86 22.83 -0.78
CA SER A 33 19.61 24.11 -0.73
C SER A 33 20.26 24.38 0.66
N ARG A 34 21.17 25.41 0.71
CA ARG A 34 22.09 25.84 1.77
C ARG A 34 23.32 25.23 1.17
N SER A 35 23.27 23.89 1.19
CA SER A 35 24.22 22.84 0.90
C SER A 35 23.47 21.51 1.27
N ASP A 36 22.78 21.51 2.46
CA ASP A 36 22.02 20.44 3.08
C ASP A 36 20.82 19.98 2.29
N ASN A 37 20.71 18.65 2.19
CA ASN A 37 19.63 17.88 1.59
C ASN A 37 19.22 16.89 2.67
N LYS A 38 18.06 17.13 3.26
CA LYS A 38 17.61 16.23 4.29
C LYS A 38 16.35 15.54 3.84
N ASP A 39 16.20 14.30 4.27
CA ASP A 39 15.01 13.50 4.01
C ASP A 39 14.30 13.27 5.34
N TYR A 40 13.08 13.81 5.45
CA TYR A 40 12.25 13.81 6.65
C TYR A 40 11.52 12.48 6.87
N LEU A 41 12.31 11.39 6.92
CA LEU A 41 11.85 10.00 7.01
C LEU A 41 12.55 9.26 8.17
N ALA A 42 11.78 8.50 9.00
CA ALA A 42 12.27 7.73 10.16
C ALA A 42 11.87 6.27 10.08
N TRP A 43 12.67 5.37 10.69
CA TRP A 43 12.41 3.93 10.72
C TRP A 43 12.24 3.45 12.17
N TYR A 44 11.30 2.54 12.43
CA TYR A 44 11.08 2.02 13.79
C TYR A 44 10.98 0.49 13.85
N GLN A 45 11.49 -0.13 14.95
CA GLN A 45 11.47 -1.58 15.22
C GLN A 45 10.55 -1.87 16.36
N GLN A 46 9.56 -2.73 16.12
CA GLN A 46 8.58 -3.11 17.11
C GLN A 46 8.51 -4.64 17.23
N LYS A 47 9.11 -5.18 18.31
CA LYS A 47 9.06 -6.61 18.62
C LYS A 47 7.72 -6.86 19.37
N PRO A 48 7.27 -8.14 19.56
CA PRO A 48 5.97 -8.38 20.22
C PRO A 48 5.75 -7.77 21.61
N GLY A 49 4.64 -7.05 21.74
CA GLY A 49 4.19 -6.39 22.97
C GLY A 49 5.00 -5.18 23.35
N GLN A 50 6.33 -5.33 23.23
CA GLN A 50 7.38 -4.37 23.55
C GLN A 50 7.19 -3.00 22.97
N SER A 51 7.86 -2.03 23.61
CA SER A 51 7.84 -0.65 23.20
C SER A 51 8.52 -0.49 21.85
N PRO A 52 7.84 0.11 20.83
CA PRO A 52 8.50 0.35 19.54
C PRO A 52 9.72 1.26 19.77
N LYS A 53 10.80 1.04 19.00
CA LYS A 53 12.04 1.80 19.18
C LYS A 53 12.41 2.59 17.93
N LEU A 54 13.04 3.77 18.10
CA LEU A 54 13.48 4.54 16.94
C LEU A 54 14.85 4.05 16.46
N LEU A 55 14.94 3.66 15.18
CA LEU A 55 16.15 3.12 14.59
C LEU A 55 16.94 4.14 13.83
N ILE A 56 16.31 4.71 12.78
CA ILE A 56 16.90 5.62 11.83
C ILE A 56 16.02 6.88 11.74
N TYR A 57 16.66 8.05 11.57
CA TYR A 57 16.04 9.35 11.30
C TYR A 57 16.90 10.07 10.25
N TRP A 58 16.30 11.04 9.54
CA TRP A 58 16.93 11.70 8.41
C TRP A 58 17.23 10.67 7.34
N ALA A 59 16.43 9.59 7.33
CA ALA A 59 16.44 8.42 6.46
C ALA A 59 17.73 7.62 6.44
N SER A 60 18.83 8.17 6.96
CA SER A 60 20.15 7.51 6.96
C SER A 60 20.90 7.56 8.29
N THR A 61 20.55 8.48 9.18
CA THR A 61 21.24 8.61 10.46
C THR A 61 20.72 7.61 11.50
N ARG A 62 21.63 6.75 12.02
CA ARG A 62 21.37 5.73 13.04
C ARG A 62 21.18 6.38 14.40
N GLU A 63 20.12 6.00 15.13
CA GLU A 63 19.88 6.51 16.49
C GLU A 63 20.91 5.83 17.38
N SER A 64 21.43 6.57 18.38
CA SER A 64 22.44 6.12 19.34
C SER A 64 22.23 4.70 19.83
N GLY A 65 23.21 3.85 19.56
CA GLY A 65 23.18 2.46 19.98
C GLY A 65 22.64 1.45 18.99
N VAL A 66 22.03 1.89 17.87
CA VAL A 66 21.54 0.98 16.85
C VAL A 66 22.77 0.33 16.15
N PRO A 67 22.87 -1.02 16.08
CA PRO A 67 24.07 -1.64 15.48
C PRO A 67 24.22 -1.31 14.03
N GLU A 68 25.46 -1.35 13.57
CA GLU A 68 25.83 -0.96 12.22
C GLU A 68 25.26 -1.90 11.13
N ARG A 69 24.70 -3.07 11.52
CA ARG A 69 24.10 -3.96 10.52
C ARG A 69 22.83 -3.34 9.94
N PHE A 70 22.20 -2.41 10.68
CA PHE A 70 21.04 -1.67 10.23
C PHE A 70 21.49 -0.49 9.38
N THR A 71 21.06 -0.48 8.13
CA THR A 71 21.42 0.57 7.18
C THR A 71 20.16 1.22 6.63
N GLY A 72 20.02 2.52 6.86
CA GLY A 72 18.92 3.31 6.33
C GLY A 72 19.37 3.95 5.04
N SER A 73 18.55 3.91 3.97
CA SER A 73 18.93 4.51 2.69
C SER A 73 17.74 5.08 1.89
N GLY A 74 18.05 5.82 0.81
CA GLY A 74 17.07 6.41 -0.10
C GLY A 74 16.99 7.92 -0.10
N SER A 75 16.12 8.46 -1.00
CA SER A 75 15.89 9.89 -1.18
C SER A 75 14.58 10.24 -1.87
N GLY A 76 13.96 11.32 -1.40
CA GLY A 76 12.74 11.89 -1.93
C GLY A 76 11.47 11.09 -1.76
N THR A 77 11.28 10.05 -2.57
CA THR A 77 10.06 9.26 -2.54
C THR A 77 10.33 7.82 -2.21
N ASP A 78 11.53 7.31 -2.53
CA ASP A 78 11.82 5.89 -2.31
C ASP A 78 12.91 5.63 -1.28
N PHE A 79 12.55 4.84 -0.24
CA PHE A 79 13.41 4.50 0.88
C PHE A 79 13.53 3.01 1.10
N THR A 80 14.66 2.61 1.71
CA THR A 80 15.02 1.22 1.96
C THR A 80 15.73 1.07 3.29
N LEU A 81 15.31 0.05 4.07
CA LEU A 81 15.92 -0.33 5.33
C LEU A 81 16.53 -1.69 5.13
N SER A 82 17.86 -1.78 5.26
CA SER A 82 18.59 -3.02 5.04
C SER A 82 19.19 -3.56 6.31
N ILE A 83 18.99 -4.87 6.60
CA ILE A 83 19.62 -5.49 7.75
C ILE A 83 20.68 -6.39 7.17
N SER A 84 21.92 -5.88 7.19
CA SER A 84 23.12 -6.46 6.62
C SER A 84 23.28 -7.94 6.93
N SER A 85 23.11 -8.36 8.18
CA SER A 85 23.22 -9.78 8.54
C SER A 85 22.17 -10.11 9.61
N LEU A 86 21.05 -10.74 9.20
CA LEU A 86 19.94 -11.02 10.09
C LEU A 86 20.28 -11.94 11.23
N GLN A 87 19.88 -11.52 12.44
CA GLN A 87 20.02 -12.19 13.74
C GLN A 87 18.67 -12.57 14.26
N ALA A 88 18.58 -13.66 15.03
CA ALA A 88 17.31 -14.11 15.60
C ALA A 88 16.53 -12.98 16.30
N GLU A 89 17.28 -12.08 16.94
CA GLU A 89 16.84 -10.90 17.69
C GLU A 89 16.11 -9.88 16.82
N ASP A 90 16.53 -9.78 15.53
CA ASP A 90 15.98 -8.87 14.52
C ASP A 90 14.58 -9.22 14.02
N VAL A 91 13.99 -10.34 14.46
CA VAL A 91 12.62 -10.70 14.09
C VAL A 91 11.70 -9.67 14.76
N ALA A 92 10.92 -8.96 13.93
CA ALA A 92 9.99 -7.91 14.33
C ALA A 92 9.27 -7.32 13.14
N VAL A 93 8.49 -6.28 13.43
CA VAL A 93 7.75 -5.48 12.46
C VAL A 93 8.55 -4.21 12.33
N TYR A 94 8.64 -3.65 11.12
CA TYR A 94 9.39 -2.41 10.93
C TYR A 94 8.53 -1.38 10.25
N TYR A 95 8.41 -0.18 10.83
CA TYR A 95 7.57 0.88 10.25
C TYR A 95 8.36 2.09 9.80
N CYS A 96 8.02 2.64 8.62
CA CYS A 96 8.63 3.88 8.14
C CYS A 96 7.68 5.02 8.40
N GLN A 97 8.24 6.19 8.66
CA GLN A 97 7.43 7.34 9.02
C GLN A 97 7.93 8.65 8.43
N GLN A 98 7.00 9.46 7.91
CA GLN A 98 7.21 10.78 7.31
C GLN A 98 7.01 11.86 8.38
N TYR A 99 7.87 12.91 8.41
CA TYR A 99 7.72 14.04 9.36
C TYR A 99 7.94 15.38 8.69
N TYR A 100 7.83 15.39 7.34
CA TYR A 100 7.98 16.55 6.47
C TYR A 100 6.73 17.44 6.52
N SER A 101 5.54 16.83 6.58
CA SER A 101 4.27 17.56 6.65
C SER A 101 3.49 17.18 7.89
N SER A 102 2.61 18.05 8.33
CA SER A 102 1.73 17.71 9.42
C SER A 102 0.41 17.26 8.78
N PRO A 103 -0.17 16.13 9.20
CA PRO A 103 0.23 15.26 10.31
C PRO A 103 1.29 14.20 9.99
N PRO A 104 2.16 13.81 10.97
CA PRO A 104 3.17 12.77 10.70
C PRO A 104 2.48 11.46 10.42
N THR A 105 2.86 10.76 9.36
CA THR A 105 2.22 9.50 8.95
C THR A 105 3.18 8.29 8.88
N PHE A 106 2.65 7.07 9.13
CA PHE A 106 3.42 5.83 9.14
C PHE A 106 3.02 4.84 8.09
N GLY A 107 3.90 3.87 7.88
CA GLY A 107 3.63 2.78 6.97
C GLY A 107 2.84 1.68 7.61
N GLY A 108 2.51 0.69 6.79
CA GLY A 108 1.76 -0.51 7.17
C GLY A 108 2.72 -1.53 7.74
N GLY A 109 3.98 -1.35 7.37
CA GLY A 109 5.06 -2.15 7.88
C GLY A 109 5.15 -3.57 7.40
N THR A 110 6.38 -3.94 7.15
CA THR A 110 6.84 -5.26 6.78
C THR A 110 7.04 -6.01 8.12
N LYS A 111 6.82 -7.32 8.09
CA LYS A 111 7.02 -8.19 9.22
C LYS A 111 8.23 -9.01 8.79
N VAL A 112 9.22 -9.19 9.67
CA VAL A 112 10.44 -9.94 9.33
C VAL A 112 10.43 -11.24 10.09
N GLU A 113 10.48 -12.35 9.37
CA GLU A 113 10.47 -13.69 9.95
C GLU A 113 11.69 -14.40 9.51
N LEU A 114 11.87 -15.65 9.97
CA LEU A 114 12.99 -16.44 9.50
C LEU A 114 12.52 -17.35 8.37
N LYS A 115 13.40 -17.54 7.34
CA LYS A 115 13.23 -18.39 6.17
C LYS A 115 13.84 -19.73 6.50
N ARG A 116 13.00 -20.78 6.54
CA ARG A 116 13.44 -22.14 6.86
C ARG A 116 12.97 -23.15 5.84
N THR A 117 13.49 -24.39 5.92
CA THR A 117 13.16 -25.46 4.98
C THR A 117 11.68 -25.79 5.00
N VAL A 118 11.18 -26.39 3.92
CA VAL A 118 9.76 -26.72 3.84
C VAL A 118 9.48 -27.76 4.90
N ALA A 119 8.32 -27.64 5.54
CA ALA A 119 7.85 -28.57 6.57
C ALA A 119 6.38 -28.87 6.31
N ALA A 120 6.05 -30.14 6.08
CA ALA A 120 4.68 -30.52 5.77
C ALA A 120 3.76 -30.45 7.00
N PRO A 121 2.49 -30.08 6.84
CA PRO A 121 1.62 -30.03 8.00
C PRO A 121 1.08 -31.40 8.33
N SER A 122 0.81 -31.62 9.59
CA SER A 122 0.20 -32.85 10.04
C SER A 122 -1.27 -32.46 10.10
N VAL A 123 -2.16 -33.24 9.48
CA VAL A 123 -3.58 -32.86 9.43
C VAL A 123 -4.46 -33.67 10.38
N PHE A 124 -5.39 -32.96 11.07
CA PHE A 124 -6.33 -33.58 12.01
C PHE A 124 -7.70 -32.95 11.96
N ILE A 125 -8.76 -33.79 12.01
CA ILE A 125 -10.15 -33.34 12.05
C ILE A 125 -10.77 -33.67 13.39
N PHE A 126 -11.77 -32.89 13.83
CA PHE A 126 -12.51 -33.05 15.09
C PHE A 126 -14.00 -32.84 14.91
N PRO A 127 -14.87 -33.78 15.29
CA PRO A 127 -16.31 -33.55 15.13
C PRO A 127 -16.87 -32.69 16.25
N PRO A 128 -18.06 -32.06 16.08
CA PRO A 128 -18.60 -31.23 17.16
C PRO A 128 -18.94 -32.13 18.32
N SER A 129 -18.69 -31.65 19.53
CA SER A 129 -18.98 -32.40 20.75
C SER A 129 -20.51 -32.51 20.98
N ASP A 130 -20.96 -33.62 21.60
CA ASP A 130 -22.37 -33.86 21.93
C ASP A 130 -22.89 -32.76 22.86
N GLU A 131 -22.02 -32.31 23.76
CA GLU A 131 -22.18 -31.22 24.72
C GLU A 131 -22.61 -29.97 23.95
N GLN A 132 -21.89 -29.65 22.86
CA GLN A 132 -22.19 -28.52 21.99
C GLN A 132 -23.43 -28.78 21.13
N LEU A 133 -23.62 -30.04 20.69
CA LEU A 133 -24.75 -30.36 19.84
C LEU A 133 -26.07 -30.17 20.55
N LYS A 134 -26.13 -30.46 21.87
CA LYS A 134 -27.35 -30.20 22.64
C LYS A 134 -27.59 -28.69 22.79
N SER A 135 -26.50 -27.90 22.71
CA SER A 135 -26.47 -26.44 22.81
C SER A 135 -27.10 -25.72 21.59
N GLY A 136 -27.40 -26.47 20.53
CA GLY A 136 -28.04 -25.93 19.33
C GLY A 136 -27.14 -25.50 18.18
N THR A 137 -25.81 -25.63 18.34
CA THR A 137 -24.81 -25.30 17.32
C THR A 137 -23.85 -26.46 17.07
N ALA A 138 -23.06 -26.40 15.98
CA ALA A 138 -22.10 -27.46 15.64
C ALA A 138 -20.81 -26.87 15.12
N SER A 139 -19.66 -27.31 15.64
CA SER A 139 -18.36 -26.80 15.22
C SER A 139 -17.36 -27.89 14.88
N VAL A 140 -17.02 -28.00 13.59
CA VAL A 140 -16.04 -28.95 13.04
C VAL A 140 -14.72 -28.21 12.94
N VAL A 141 -13.67 -28.77 13.49
CA VAL A 141 -12.38 -28.10 13.54
C VAL A 141 -11.33 -28.87 12.80
N CYS A 142 -10.45 -28.17 12.10
CA CYS A 142 -9.34 -28.78 11.39
C CYS A 142 -8.01 -28.17 11.80
N LEU A 143 -7.07 -29.00 12.24
CA LEU A 143 -5.75 -28.56 12.67
C LEU A 143 -4.68 -28.95 11.66
N LEU A 144 -3.80 -27.99 11.33
CA LEU A 144 -2.62 -28.13 10.47
C LEU A 144 -1.53 -27.86 11.45
N ASN A 145 -0.75 -28.89 11.80
CA ASN A 145 0.24 -28.72 12.84
C ASN A 145 1.68 -28.76 12.38
N ASN A 146 2.45 -27.77 12.85
CA ASN A 146 3.87 -27.55 12.60
C ASN A 146 4.26 -27.69 11.11
N PHE A 147 4.24 -26.56 10.38
CA PHE A 147 4.56 -26.52 8.96
C PHE A 147 5.22 -25.25 8.56
N TYR A 148 5.81 -25.24 7.35
CA TYR A 148 6.45 -24.09 6.73
C TYR A 148 6.47 -24.26 5.23
N PRO A 149 6.10 -23.23 4.44
CA PRO A 149 5.72 -21.86 4.82
C PRO A 149 4.28 -21.71 5.30
N ARG A 150 3.88 -20.50 5.78
CA ARG A 150 2.54 -20.17 6.27
C ARG A 150 1.44 -20.48 5.25
N GLU A 151 1.79 -20.43 3.98
CA GLU A 151 0.88 -20.62 2.84
C GLU A 151 0.40 -22.09 2.69
N ALA A 152 -0.92 -22.28 2.81
CA ALA A 152 -1.62 -23.56 2.67
C ALA A 152 -3.12 -23.33 2.43
N LYS A 153 -3.79 -24.24 1.72
CA LYS A 153 -5.21 -24.09 1.40
C LYS A 153 -6.09 -25.10 2.10
N VAL A 154 -7.01 -24.59 2.94
CA VAL A 154 -7.96 -25.42 3.68
C VAL A 154 -9.28 -25.30 2.98
N GLN A 155 -9.82 -26.44 2.49
CA GLN A 155 -11.13 -26.48 1.81
C GLN A 155 -12.04 -27.40 2.61
N TRP A 156 -13.23 -26.92 2.99
CA TRP A 156 -14.17 -27.77 3.71
C TRP A 156 -15.17 -28.39 2.74
N LYS A 157 -15.56 -29.68 2.95
CA LYS A 157 -16.51 -30.41 2.09
C LYS A 157 -17.56 -31.17 2.89
N VAL A 158 -18.81 -30.80 2.68
CA VAL A 158 -19.94 -31.45 3.35
C VAL A 158 -20.73 -32.15 2.29
N ASP A 159 -20.77 -33.48 2.38
CA ASP A 159 -21.46 -34.32 1.39
C ASP A 159 -21.05 -33.94 -0.02
N ASN A 160 -19.74 -33.86 -0.16
CA ASN A 160 -19.08 -33.55 -1.41
C ASN A 160 -19.46 -32.18 -2.05
N ALA A 161 -20.10 -31.28 -1.29
CA ALA A 161 -20.41 -29.91 -1.72
C ALA A 161 -19.39 -28.98 -1.00
N LEU A 162 -18.58 -28.20 -1.74
CA LEU A 162 -17.57 -27.31 -1.14
C LEU A 162 -18.17 -26.18 -0.26
N GLN A 163 -17.49 -25.83 0.87
CA GLN A 163 -17.97 -24.82 1.83
C GLN A 163 -17.26 -23.50 1.76
N SER A 164 -18.05 -22.40 1.81
CA SER A 164 -17.53 -21.03 1.76
C SER A 164 -18.30 -20.08 2.66
N GLY A 165 -17.57 -19.17 3.30
CA GLY A 165 -18.10 -18.15 4.19
C GLY A 165 -18.33 -18.61 5.63
N ASN A 166 -18.72 -19.88 5.80
CA ASN A 166 -19.05 -20.52 7.08
C ASN A 166 -17.84 -20.96 7.91
N SER A 167 -16.62 -20.72 7.42
CA SER A 167 -15.40 -21.13 8.12
C SER A 167 -14.54 -19.96 8.55
N GLN A 168 -13.71 -20.13 9.58
CA GLN A 168 -12.80 -19.08 10.09
C GLN A 168 -11.45 -19.65 10.41
N GLU A 169 -10.41 -18.96 10.00
CA GLU A 169 -9.03 -19.41 10.22
C GLU A 169 -8.30 -18.59 11.26
N SER A 170 -7.34 -19.22 11.96
CA SER A 170 -6.49 -18.67 13.01
C SER A 170 -5.08 -19.26 12.86
N VAL A 171 -4.03 -18.41 12.86
CA VAL A 171 -2.66 -18.91 12.67
C VAL A 171 -1.75 -18.45 13.77
N THR A 172 -0.94 -19.38 14.33
CA THR A 172 0.04 -19.09 15.38
C THR A 172 1.14 -18.29 14.76
N GLU A 173 1.91 -17.58 15.60
CA GLU A 173 3.08 -16.84 15.14
C GLU A 173 4.23 -17.84 14.96
N GLN A 174 5.17 -17.58 14.02
CA GLN A 174 6.31 -18.49 13.80
C GLN A 174 6.95 -18.85 15.12
N ASP A 175 6.99 -20.13 15.34
CA ASP A 175 7.54 -20.76 16.52
C ASP A 175 8.94 -20.27 16.89
N SER A 176 9.25 -20.19 18.19
CA SER A 176 10.54 -19.74 18.70
C SER A 176 11.66 -20.71 18.44
N LYS A 177 11.36 -22.01 18.43
CA LYS A 177 12.37 -23.03 18.26
C LYS A 177 12.55 -23.47 16.82
N ASP A 178 11.53 -24.11 16.24
CA ASP A 178 11.63 -24.64 14.89
C ASP A 178 11.17 -23.67 13.78
N SER A 179 10.65 -22.48 14.15
CA SER A 179 10.09 -21.42 13.28
C SER A 179 9.04 -21.96 12.28
N THR A 180 8.12 -22.80 12.79
CA THR A 180 7.00 -23.35 12.01
C THR A 180 5.71 -22.71 12.48
N TYR A 181 4.67 -22.86 11.67
CA TYR A 181 3.37 -22.34 12.02
C TYR A 181 2.42 -23.48 12.29
N SER A 182 1.26 -23.16 12.84
CA SER A 182 0.18 -24.10 13.09
C SER A 182 -1.11 -23.37 12.74
N LEU A 183 -2.11 -24.07 12.19
CA LEU A 183 -3.33 -23.41 11.75
C LEU A 183 -4.60 -24.06 12.24
N SER A 184 -5.59 -23.26 12.67
CA SER A 184 -6.91 -23.73 13.13
C SER A 184 -7.97 -23.29 12.16
N SER A 185 -8.77 -24.23 11.62
CA SER A 185 -9.87 -23.88 10.72
C SER A 185 -11.16 -24.39 11.32
N THR A 186 -12.07 -23.49 11.64
CA THR A 186 -13.31 -23.86 12.29
C THR A 186 -14.56 -23.70 11.41
N LEU A 187 -15.18 -24.82 11.02
CA LEU A 187 -16.42 -24.85 10.23
C LEU A 187 -17.57 -24.84 11.23
N THR A 188 -18.36 -23.76 11.20
CA THR A 188 -19.47 -23.51 12.10
C THR A 188 -20.81 -23.74 11.38
N LEU A 189 -21.60 -24.73 11.84
CA LEU A 189 -22.89 -25.11 11.24
C LEU A 189 -24.03 -25.15 12.25
N SER A 190 -25.28 -25.01 11.75
CA SER A 190 -26.46 -25.10 12.62
C SER A 190 -26.61 -26.55 13.01
N LYS A 191 -27.06 -26.82 14.26
CA LYS A 191 -27.27 -28.20 14.72
C LYS A 191 -28.13 -28.94 13.68
N ALA A 192 -29.17 -28.22 13.19
CA ALA A 192 -30.15 -28.67 12.21
C ALA A 192 -29.48 -29.19 10.96
N ASP A 193 -28.72 -28.32 10.27
CA ASP A 193 -28.01 -28.66 9.07
C ASP A 193 -27.01 -29.76 9.28
N TYR A 194 -26.25 -29.74 10.40
CA TYR A 194 -25.25 -30.76 10.74
C TYR A 194 -25.83 -32.16 10.76
N GLU A 195 -27.05 -32.29 11.28
CA GLU A 195 -27.68 -33.60 11.38
C GLU A 195 -28.21 -34.11 10.03
N LYS A 196 -28.37 -33.23 9.05
CA LYS A 196 -28.88 -33.62 7.73
C LYS A 196 -27.87 -34.20 6.80
N HIS A 197 -26.59 -34.09 7.14
CA HIS A 197 -25.52 -34.53 6.27
C HIS A 197 -24.65 -35.53 6.91
N LYS A 198 -24.00 -36.33 6.11
CA LYS A 198 -23.19 -37.39 6.65
C LYS A 198 -21.69 -37.15 6.57
N VAL A 199 -21.10 -36.99 5.35
CA VAL A 199 -19.65 -36.87 5.24
C VAL A 199 -19.18 -35.45 5.43
N TYR A 200 -18.21 -35.31 6.34
CA TYR A 200 -17.58 -34.05 6.70
C TYR A 200 -16.08 -34.22 6.47
N ALA A 201 -15.51 -33.42 5.54
CA ALA A 201 -14.10 -33.53 5.17
C ALA A 201 -13.38 -32.21 5.14
N CYS A 202 -12.08 -32.26 5.38
CA CYS A 202 -11.18 -31.16 5.40
C CYS A 202 -10.02 -31.52 4.49
N GLU A 203 -9.75 -30.69 3.44
CA GLU A 203 -8.68 -30.92 2.44
C GLU A 203 -7.61 -29.81 2.44
N VAL A 204 -6.39 -30.24 2.76
CA VAL A 204 -5.20 -29.41 2.91
C VAL A 204 -4.29 -29.55 1.69
N THR A 205 -3.88 -28.42 1.12
CA THR A 205 -2.99 -28.39 -0.02
C THR A 205 -1.79 -27.61 0.41
N HIS A 206 -0.61 -28.22 0.40
CA HIS A 206 0.62 -27.54 0.84
C HIS A 206 1.81 -27.89 -0.01
N GLN A 207 2.89 -27.10 0.15
CA GLN A 207 4.16 -27.23 -0.56
C GLN A 207 4.84 -28.54 -0.20
N GLY A 208 4.74 -28.91 1.08
CA GLY A 208 5.34 -30.11 1.65
C GLY A 208 4.61 -31.41 1.38
N LEU A 209 3.34 -31.34 0.94
CA LEU A 209 2.56 -32.53 0.65
C LEU A 209 2.64 -32.87 -0.81
N SER A 210 2.93 -34.12 -1.09
CA SER A 210 3.04 -34.69 -2.43
C SER A 210 1.75 -34.54 -3.23
N SER A 211 0.62 -34.59 -2.52
CA SER A 211 -0.72 -34.52 -3.07
C SER A 211 -1.64 -34.00 -1.98
N PRO A 212 -2.83 -33.44 -2.27
CA PRO A 212 -3.68 -32.95 -1.19
C PRO A 212 -4.00 -34.04 -0.20
N VAL A 213 -4.07 -33.64 1.05
CA VAL A 213 -4.35 -34.53 2.16
C VAL A 213 -5.78 -34.29 2.59
N THR A 214 -6.54 -35.37 2.83
CA THR A 214 -7.92 -35.26 3.25
C THR A 214 -8.15 -35.96 4.58
N LYS A 215 -8.77 -35.25 5.53
CA LYS A 215 -9.15 -35.81 6.82
C LYS A 215 -10.67 -35.70 6.88
N SER A 216 -11.37 -36.84 7.02
CA SER A 216 -12.82 -36.92 6.96
C SER A 216 -13.44 -37.87 7.95
N PHE A 217 -14.75 -37.66 8.23
CA PHE A 217 -15.56 -38.52 9.09
C PHE A 217 -16.99 -38.62 8.60
N ASN A 218 -17.74 -39.64 9.05
CA ASN A 218 -19.17 -39.79 8.75
C ASN A 218 -19.98 -39.39 9.99
N ARG A 219 -21.22 -38.90 9.85
CA ARG A 219 -21.99 -38.47 11.01
C ARG A 219 -22.42 -39.62 11.90
N GLY A 220 -22.58 -40.79 11.27
CA GLY A 220 -22.90 -42.08 11.88
C GLY A 220 -21.84 -42.51 12.87
N GLU A 221 -20.54 -42.42 12.48
CA GLU A 221 -19.33 -42.70 13.27
C GLU A 221 -19.21 -44.11 13.83
N VAL B 1 15.71 5.92 31.46
CA VAL B 1 14.54 6.49 30.79
C VAL B 1 13.38 5.49 30.92
N GLN B 2 12.14 5.97 31.21
CA GLN B 2 10.92 5.14 31.33
C GLN B 2 9.62 5.87 31.06
N LEU B 3 8.73 5.22 30.30
CA LEU B 3 7.38 5.70 29.99
C LEU B 3 6.43 4.54 30.25
N VAL B 4 5.53 4.69 31.23
CA VAL B 4 4.61 3.62 31.55
C VAL B 4 3.16 4.09 31.55
N GLU B 5 2.45 3.61 30.52
CA GLU B 5 1.04 3.91 30.32
C GLU B 5 0.23 3.09 31.29
N SER B 6 -0.86 3.68 31.79
CA SER B 6 -1.80 3.06 32.70
C SER B 6 -3.22 3.46 32.37
N GLY B 7 -4.17 2.64 32.82
CA GLY B 7 -5.57 2.81 32.53
C GLY B 7 -5.89 2.02 31.28
N GLY B 8 -7.05 2.25 30.71
CA GLY B 8 -7.48 1.58 29.49
C GLY B 8 -7.85 0.12 29.64
N GLY B 9 -9.10 -0.18 29.28
CA GLY B 9 -9.67 -1.52 29.31
C GLY B 9 -10.75 -1.65 28.27
N VAL B 10 -11.96 -2.05 28.70
CA VAL B 10 -13.11 -2.14 27.79
C VAL B 10 -14.16 -1.12 28.20
N VAL B 11 -14.76 -0.49 27.20
CA VAL B 11 -15.77 0.55 27.36
C VAL B 11 -16.87 0.30 26.36
N HIS B 12 -18.04 0.77 26.73
CA HIS B 12 -19.22 0.75 25.91
C HIS B 12 -19.19 1.97 24.99
N PRO B 13 -19.70 1.84 23.75
CA PRO B 13 -19.69 2.99 22.83
C PRO B 13 -20.47 4.18 23.35
N GLY B 14 -19.78 5.29 23.46
CA GLY B 14 -20.33 6.54 23.98
C GLY B 14 -19.77 6.92 25.33
N ARG B 15 -19.25 5.94 26.13
CA ARG B 15 -18.72 6.22 27.48
C ARG B 15 -17.32 6.92 27.45
N SER B 16 -16.77 7.19 28.64
CA SER B 16 -15.47 7.88 28.75
C SER B 16 -14.44 7.04 29.51
N LEU B 17 -13.15 7.31 29.26
CA LEU B 17 -11.99 6.65 29.87
C LEU B 17 -10.85 7.66 29.98
N ARG B 18 -9.94 7.44 30.95
CA ARG B 18 -8.75 8.28 31.13
C ARG B 18 -7.45 7.46 31.23
N LEU B 19 -6.50 7.82 30.36
CA LEU B 19 -5.17 7.23 30.25
C LEU B 19 -4.13 8.17 30.83
N SER B 20 -3.14 7.60 31.53
CA SER B 20 -2.05 8.33 32.13
C SER B 20 -0.72 7.70 31.74
N CYS B 21 0.32 8.51 31.62
CA CYS B 21 1.64 8.02 31.26
C CYS B 21 2.66 8.57 32.26
N ALA B 22 3.29 7.66 33.02
CA ALA B 22 4.29 8.04 34.01
C ALA B 22 5.68 8.10 33.39
N ALA B 23 6.30 9.29 33.48
CA ALA B 23 7.60 9.52 32.88
C ALA B 23 8.72 9.75 33.88
N SER B 24 9.90 9.17 33.56
CA SER B 24 11.16 9.24 34.31
C SER B 24 12.38 9.06 33.38
N GLY B 25 13.55 9.53 33.83
CA GLY B 25 14.80 9.39 33.08
C GLY B 25 15.17 10.55 32.16
N PHE B 26 14.31 11.58 32.07
CA PHE B 26 14.52 12.77 31.24
C PHE B 26 13.86 14.01 31.88
N THR B 27 14.07 15.18 31.28
CA THR B 27 13.47 16.43 31.78
C THR B 27 12.08 16.52 31.17
N PHE B 28 11.08 15.97 31.91
CA PHE B 28 9.71 15.93 31.41
C PHE B 28 9.12 17.31 31.15
N GLY B 29 9.27 18.21 32.10
CA GLY B 29 8.74 19.58 32.03
C GLY B 29 9.16 20.44 30.84
N THR B 30 10.25 20.06 30.13
CA THR B 30 10.80 20.82 28.99
C THR B 30 10.52 20.21 27.60
N SER B 31 10.19 18.89 27.55
CA SER B 31 9.97 18.20 26.29
C SER B 31 8.51 18.08 25.87
N ILE B 32 8.31 18.06 24.55
CA ILE B 32 7.02 17.96 23.84
C ILE B 32 6.59 16.48 23.89
N MET B 33 5.33 16.20 24.25
CA MET B 33 4.82 14.82 24.34
C MET B 33 3.75 14.49 23.33
N HIS B 34 3.59 13.18 23.01
CA HIS B 34 2.63 12.73 22.01
C HIS B 34 1.90 11.44 22.40
N TRP B 35 0.74 11.22 21.80
CA TRP B 35 -0.08 10.03 21.92
C TRP B 35 -0.30 9.46 20.54
N VAL B 36 0.25 8.27 20.28
CA VAL B 36 0.14 7.56 19.00
C VAL B 36 -0.59 6.23 19.22
N ARG B 37 -1.64 5.96 18.43
CA ARG B 37 -2.42 4.73 18.58
C ARG B 37 -2.18 3.71 17.47
N GLN B 38 -2.32 2.42 17.80
CA GLN B 38 -2.16 1.30 16.87
C GLN B 38 -3.37 0.41 16.93
N ALA B 39 -4.20 0.53 15.91
CA ALA B 39 -5.42 -0.25 15.80
C ALA B 39 -5.10 -1.70 15.44
N PRO B 40 -5.93 -2.66 15.90
CA PRO B 40 -5.71 -4.05 15.51
C PRO B 40 -5.77 -4.03 14.00
N GLY B 41 -4.64 -4.31 13.40
CA GLY B 41 -4.48 -4.28 11.98
C GLY B 41 -3.01 -4.12 11.78
N LYS B 42 -2.58 -2.91 11.51
CA LYS B 42 -1.15 -2.66 11.37
C LYS B 42 -0.83 -1.19 11.56
N GLY B 43 -1.60 -0.35 10.92
CA GLY B 43 -1.42 1.10 10.92
C GLY B 43 -1.10 1.74 12.25
N MET B 44 -0.06 2.58 12.24
CA MET B 44 0.37 3.37 13.37
C MET B 44 -0.14 4.77 13.09
N GLN B 45 -0.99 5.34 13.94
CA GLN B 45 -1.60 6.66 13.69
C GLN B 45 -1.37 7.65 14.80
N TRP B 46 -1.04 8.90 14.44
CA TRP B 46 -0.86 9.96 15.42
C TRP B 46 -2.22 10.46 15.91
N VAL B 47 -2.32 10.74 17.23
CA VAL B 47 -3.54 11.20 17.90
C VAL B 47 -3.38 12.61 18.46
N ALA B 48 -2.44 12.84 19.38
CA ALA B 48 -2.29 14.19 19.94
C ALA B 48 -0.85 14.62 20.21
N GLN B 49 -0.66 15.94 20.42
CA GLN B 49 0.60 16.59 20.75
C GLN B 49 0.33 17.67 21.81
N ILE B 50 1.26 17.81 22.75
CA ILE B 50 1.18 18.79 23.82
C ILE B 50 2.55 19.43 24.04
N SER B 51 2.59 20.76 24.29
CA SER B 51 3.81 21.51 24.56
C SER B 51 4.20 21.34 26.03
N HIS B 52 5.46 21.69 26.39
CA HIS B 52 6.00 21.60 27.75
C HIS B 52 5.13 22.32 28.82
N ASP B 53 4.37 23.38 28.40
CA ASP B 53 3.53 24.24 29.25
C ASP B 53 2.01 24.16 28.99
N GLU B 54 1.59 23.27 28.05
CA GLU B 54 0.18 23.02 27.67
C GLU B 54 -0.47 24.11 26.75
N SER B 55 0.24 25.22 26.47
CA SER B 55 -0.26 26.30 25.63
C SER B 55 -0.66 25.88 24.21
N ARG B 56 0.09 24.92 23.63
CA ARG B 56 -0.11 24.41 22.27
C ARG B 56 -0.43 22.89 22.27
N LYS B 57 -1.73 22.53 22.08
CA LYS B 57 -2.23 21.15 22.00
C LYS B 57 -2.86 20.93 20.64
N PHE B 58 -2.48 19.86 19.98
CA PHE B 58 -2.94 19.58 18.63
C PHE B 58 -3.48 18.17 18.54
N TYR B 59 -4.62 18.00 17.88
CA TYR B 59 -5.23 16.69 17.76
C TYR B 59 -5.37 16.24 16.32
N SER B 60 -5.41 14.91 16.09
CA SER B 60 -5.65 14.35 14.75
C SER B 60 -7.11 14.58 14.49
N ASP B 61 -7.49 14.71 13.22
CA ASP B 61 -8.85 15.09 12.86
C ASP B 61 -9.91 14.07 13.29
N SER B 62 -9.52 12.79 13.43
CA SER B 62 -10.39 11.68 13.88
C SER B 62 -10.92 11.85 15.33
N VAL B 63 -10.04 12.35 16.22
CA VAL B 63 -10.29 12.50 17.65
C VAL B 63 -10.68 13.93 18.06
N LYS B 64 -10.26 14.93 17.27
CA LYS B 64 -10.46 16.38 17.50
C LYS B 64 -11.78 16.68 18.20
N GLY B 65 -11.69 17.24 19.42
CA GLY B 65 -12.84 17.62 20.23
C GLY B 65 -13.46 16.56 21.12
N ARG B 66 -13.12 15.27 20.91
CA ARG B 66 -13.65 14.15 21.72
C ARG B 66 -12.63 13.86 22.80
N PHE B 67 -11.36 13.96 22.43
CA PHE B 67 -10.26 13.70 23.32
C PHE B 67 -9.72 15.03 23.83
N THR B 68 -8.99 14.98 24.97
CA THR B 68 -8.37 16.13 25.60
C THR B 68 -7.04 15.73 26.21
N VAL B 69 -5.94 16.27 25.65
CA VAL B 69 -4.61 16.02 26.18
C VAL B 69 -4.34 17.06 27.29
N SER B 70 -3.75 16.59 28.41
CA SER B 70 -3.37 17.39 29.59
C SER B 70 -2.07 16.81 30.17
N ARG B 71 -1.39 17.56 31.03
CA ARG B 71 -0.16 17.11 31.66
C ARG B 71 0.06 17.77 33.02
N ASP B 72 0.77 17.06 33.91
CA ASP B 72 1.14 17.55 35.24
C ASP B 72 2.65 17.36 35.38
N ASN B 73 3.41 18.44 35.13
CA ASN B 73 4.89 18.47 35.13
C ASN B 73 5.52 18.19 36.50
N SER B 74 4.78 18.51 37.57
CA SER B 74 5.15 18.30 38.97
C SER B 74 5.26 16.81 39.31
N LYS B 75 4.42 16.00 38.67
CA LYS B 75 4.33 14.55 38.84
C LYS B 75 4.98 13.79 37.64
N ASN B 76 5.43 14.55 36.60
CA ASN B 76 6.02 14.06 35.33
C ASN B 76 5.08 13.00 34.68
N THR B 77 3.78 13.40 34.51
CA THR B 77 2.69 12.57 33.99
C THR B 77 1.94 13.22 32.85
N LEU B 78 1.66 12.45 31.82
CA LEU B 78 0.94 12.87 30.62
C LEU B 78 -0.44 12.21 30.65
N PHE B 79 -1.50 12.94 30.23
CA PHE B 79 -2.88 12.44 30.27
C PHE B 79 -3.67 12.60 28.99
N LEU B 80 -4.53 11.63 28.69
CA LEU B 80 -5.44 11.70 27.55
C LEU B 80 -6.85 11.34 28.04
N GLU B 81 -7.77 12.32 28.00
CA GLU B 81 -9.16 12.15 28.43
C GLU B 81 -9.97 11.90 27.22
N MET B 82 -10.46 10.68 27.15
CA MET B 82 -11.20 10.14 26.01
C MET B 82 -12.67 10.04 26.28
N SER B 83 -13.46 10.86 25.63
CA SER B 83 -14.88 10.81 25.84
C SER B 83 -15.55 10.48 24.54
N SER B 84 -16.83 10.12 24.63
CA SER B 84 -17.70 9.79 23.50
C SER B 84 -17.05 8.77 22.60
N LEU B 85 -16.45 7.76 23.22
CA LEU B 85 -15.73 6.71 22.53
C LEU B 85 -16.58 5.94 21.49
N ARG B 86 -15.91 5.50 20.44
CA ARG B 86 -16.50 4.79 19.32
C ARG B 86 -15.66 3.55 19.03
N ILE B 87 -16.25 2.55 18.35
CA ILE B 87 -15.56 1.28 18.01
C ILE B 87 -14.24 1.51 17.28
N GLU B 88 -14.19 2.55 16.43
CA GLU B 88 -13.01 2.98 15.66
C GLU B 88 -11.81 3.41 16.51
N ASP B 89 -12.05 3.69 17.81
CA ASP B 89 -11.02 4.11 18.76
C ASP B 89 -10.33 2.92 19.39
N THR B 90 -10.73 1.67 19.03
CA THR B 90 -10.10 0.44 19.52
C THR B 90 -8.67 0.41 19.02
N ALA B 91 -7.70 0.49 19.96
CA ALA B 91 -6.28 0.54 19.65
C ALA B 91 -5.43 0.45 20.89
N VAL B 92 -4.13 0.25 20.69
CA VAL B 92 -3.16 0.26 21.77
C VAL B 92 -2.64 1.66 21.76
N TYR B 93 -2.76 2.34 22.88
CA TYR B 93 -2.35 3.73 22.96
C TYR B 93 -0.97 3.88 23.56
N TYR B 94 -0.02 4.35 22.72
CA TYR B 94 1.38 4.56 23.11
C TYR B 94 1.64 6.02 23.39
N CYS B 95 2.34 6.27 24.48
CA CYS B 95 2.76 7.59 24.87
C CYS B 95 4.25 7.71 24.43
N ALA B 96 4.59 8.82 23.72
CA ALA B 96 5.94 9.03 23.16
C ALA B 96 6.52 10.44 23.31
N LYS B 97 7.85 10.52 23.50
CA LYS B 97 8.57 11.77 23.65
C LYS B 97 9.14 12.28 22.34
N ASP B 98 8.89 13.56 22.03
CA ASP B 98 9.40 14.21 20.82
C ASP B 98 10.87 14.59 21.00
N LEU B 99 11.68 14.21 20.00
CA LEU B 99 13.12 14.45 19.89
C LEU B 99 13.47 15.96 19.95
N SER B 100 12.49 16.85 19.57
CA SER B 100 12.61 18.32 19.57
C SER B 100 13.25 18.81 20.87
N PRO B 101 14.32 19.64 20.77
CA PRO B 101 14.97 20.16 21.98
C PRO B 101 14.05 21.11 22.76
N PRO B 102 14.50 21.58 23.94
CA PRO B 102 13.64 22.44 24.73
C PRO B 102 13.22 23.71 24.03
N TYR B 103 11.91 24.00 24.15
CA TYR B 103 11.21 25.18 23.63
C TYR B 103 11.20 25.27 22.10
N SER B 104 11.71 24.22 21.44
CA SER B 104 11.72 24.07 19.99
C SER B 104 10.36 23.51 19.57
N TYR B 105 9.91 23.87 18.32
CA TYR B 105 8.66 23.36 17.75
C TYR B 105 8.79 21.87 17.52
N ALA B 106 7.66 21.17 17.63
CA ALA B 106 7.59 19.72 17.50
C ALA B 106 8.20 19.21 16.22
N TRP B 107 9.17 18.29 16.40
CA TRP B 107 9.92 17.67 15.33
C TRP B 107 9.20 16.48 14.71
N ASP B 108 8.12 16.02 15.36
CA ASP B 108 7.31 14.87 14.96
C ASP B 108 8.19 13.59 14.84
N ILE B 109 9.38 13.55 15.55
CA ILE B 109 10.29 12.38 15.65
C ILE B 109 10.09 11.80 17.06
N PHE B 110 9.60 10.55 17.14
CA PHE B 110 9.26 9.88 18.40
C PHE B 110 10.43 9.04 18.92
N GLN B 111 11.29 9.72 19.69
CA GLN B 111 12.52 9.24 20.35
C GLN B 111 12.30 8.02 21.24
N TYR B 112 11.39 8.18 22.24
CA TYR B 112 11.05 7.16 23.24
C TYR B 112 9.58 6.83 23.29
N TRP B 113 9.26 5.53 23.35
CA TRP B 113 7.89 5.04 23.43
C TRP B 113 7.68 4.21 24.70
N GLY B 114 6.44 4.21 25.18
CA GLY B 114 6.02 3.38 26.31
C GLY B 114 5.55 2.03 25.79
N GLN B 115 5.16 1.10 26.69
CA GLN B 115 4.73 -0.23 26.25
C GLN B 115 3.30 -0.27 25.63
N GLY B 116 2.53 0.78 25.89
CA GLY B 116 1.18 0.96 25.36
C GLY B 116 0.11 0.33 26.21
N SER B 117 -1.10 0.94 26.23
CA SER B 117 -2.24 0.43 26.98
C SER B 117 -3.39 0.11 26.03
N LEU B 118 -4.01 -1.07 26.16
CA LEU B 118 -5.08 -1.41 25.26
C LEU B 118 -6.38 -0.76 25.63
N VAL B 119 -7.09 -0.26 24.63
CA VAL B 119 -8.39 0.35 24.78
C VAL B 119 -9.30 -0.30 23.75
N THR B 120 -10.33 -1.00 24.23
CA THR B 120 -11.30 -1.73 23.44
C THR B 120 -12.68 -1.05 23.56
N VAL B 121 -13.30 -0.65 22.46
CA VAL B 121 -14.64 -0.06 22.50
C VAL B 121 -15.59 -1.00 21.80
N SER B 122 -16.57 -1.54 22.53
CA SER B 122 -17.57 -2.48 22.01
C SER B 122 -18.77 -2.47 22.92
N GLY B 123 -19.94 -2.63 22.30
CA GLY B 123 -21.26 -2.68 22.95
C GLY B 123 -21.62 -4.03 23.53
N ALA B 124 -20.74 -5.01 23.29
CA ALA B 124 -20.84 -6.37 23.75
C ALA B 124 -20.57 -6.42 25.25
N SER B 125 -21.51 -6.90 26.00
CA SER B 125 -21.25 -6.95 27.42
C SER B 125 -20.40 -8.19 27.75
N THR B 126 -19.92 -8.29 28.99
CA THR B 126 -19.08 -9.38 29.46
C THR B 126 -19.85 -10.71 29.45
N LYS B 127 -19.31 -11.73 28.77
CA LYS B 127 -19.88 -13.10 28.70
C LYS B 127 -18.79 -14.17 28.92
N GLY B 128 -19.10 -15.18 29.73
CA GLY B 128 -18.19 -16.28 30.03
C GLY B 128 -18.13 -17.30 28.92
N PRO B 129 -16.99 -18.03 28.80
CA PRO B 129 -16.86 -19.01 27.71
C PRO B 129 -17.53 -20.36 27.94
N SER B 130 -17.90 -21.02 26.86
CA SER B 130 -18.48 -22.36 26.83
C SER B 130 -17.33 -23.25 26.32
N VAL B 131 -16.89 -24.25 27.10
CA VAL B 131 -15.72 -25.06 26.73
C VAL B 131 -16.09 -26.46 26.29
N PHE B 132 -15.94 -26.75 25.01
CA PHE B 132 -16.22 -28.08 24.49
C PHE B 132 -14.96 -28.78 24.11
N PRO B 133 -14.93 -30.12 24.23
CA PRO B 133 -13.70 -30.84 23.89
C PRO B 133 -13.57 -31.19 22.43
N LEU B 134 -12.31 -31.27 22.02
CA LEU B 134 -11.90 -31.66 20.69
C LEU B 134 -11.23 -33.01 20.93
N ALA B 135 -12.09 -34.01 20.88
CA ALA B 135 -11.84 -35.40 21.15
C ALA B 135 -10.97 -36.07 20.13
N PRO B 136 -9.89 -36.71 20.58
CA PRO B 136 -8.99 -37.42 19.63
C PRO B 136 -9.67 -38.61 18.91
N SER B 137 -9.21 -39.03 17.73
CA SER B 137 -9.83 -40.22 17.12
C SER B 137 -8.87 -41.38 16.93
N GLY B 144 1.72 -42.08 14.89
CA GLY B 144 2.21 -42.43 16.22
C GLY B 144 1.92 -41.40 17.28
N THR B 145 1.34 -40.27 16.85
CA THR B 145 0.99 -39.15 17.71
C THR B 145 -0.47 -38.79 17.48
N ALA B 146 -1.12 -38.26 18.52
CA ALA B 146 -2.52 -37.88 18.54
C ALA B 146 -2.74 -36.45 18.92
N ALA B 147 -3.83 -35.87 18.43
CA ALA B 147 -4.14 -34.49 18.74
C ALA B 147 -5.39 -34.38 19.58
N LEU B 148 -5.28 -33.66 20.71
CA LEU B 148 -6.32 -33.37 21.72
C LEU B 148 -6.55 -31.92 21.75
N GLY B 149 -7.77 -31.50 22.11
CA GLY B 149 -8.03 -30.06 22.16
C GLY B 149 -9.20 -29.58 22.95
N CYS B 150 -9.35 -28.26 22.98
CA CYS B 150 -10.40 -27.54 23.67
C CYS B 150 -10.86 -26.38 22.84
N LEU B 151 -12.15 -26.30 22.60
CA LEU B 151 -12.72 -25.16 21.92
C LEU B 151 -13.25 -24.26 23.01
N VAL B 152 -12.91 -22.98 23.00
CA VAL B 152 -13.37 -22.01 24.00
C VAL B 152 -14.22 -21.00 23.24
N LYS B 153 -15.47 -21.34 23.05
CA LYS B 153 -16.42 -20.55 22.25
C LYS B 153 -17.24 -19.53 23.04
N ASP B 154 -17.67 -18.46 22.36
CA ASP B 154 -18.55 -17.38 22.81
C ASP B 154 -18.19 -16.75 24.16
N TYR B 155 -17.25 -15.79 24.14
CA TYR B 155 -16.81 -15.05 25.31
C TYR B 155 -16.52 -13.58 24.99
N PHE B 156 -16.46 -12.74 26.04
CA PHE B 156 -16.18 -11.31 25.94
C PHE B 156 -15.83 -10.69 27.30
N PRO B 157 -14.82 -9.81 27.40
CA PRO B 157 -13.87 -9.43 26.36
C PRO B 157 -12.70 -10.40 26.39
N GLU B 158 -11.67 -10.09 25.61
CA GLU B 158 -10.47 -10.88 25.68
C GLU B 158 -9.73 -10.47 26.97
N PRO B 159 -8.91 -11.34 27.58
CA PRO B 159 -8.41 -12.62 27.11
C PRO B 159 -8.87 -13.81 27.93
N VAL B 160 -8.51 -14.99 27.46
CA VAL B 160 -8.80 -16.22 28.15
C VAL B 160 -7.48 -16.99 28.25
N THR B 161 -7.22 -17.71 29.38
CA THR B 161 -5.96 -18.45 29.59
C THR B 161 -6.21 -19.94 29.65
N VAL B 162 -5.53 -20.68 28.77
CA VAL B 162 -5.67 -22.11 28.73
C VAL B 162 -4.35 -22.75 29.13
N SER B 163 -4.41 -23.70 30.07
CA SER B 163 -3.28 -24.50 30.56
C SER B 163 -3.70 -25.95 30.51
N TRP B 164 -2.77 -26.88 30.33
CA TRP B 164 -3.14 -28.28 30.25
C TRP B 164 -2.59 -29.07 31.40
N ASN B 165 -3.43 -29.91 32.04
CA ASN B 165 -3.12 -30.73 33.22
C ASN B 165 -2.61 -29.84 34.36
N SER B 166 -3.27 -28.68 34.52
CA SER B 166 -3.02 -27.62 35.50
C SER B 166 -1.56 -27.06 35.45
N GLY B 167 -0.98 -26.98 34.26
CA GLY B 167 0.37 -26.46 34.09
C GLY B 167 1.45 -27.53 33.99
N ALA B 168 1.07 -28.81 34.13
CA ALA B 168 2.00 -29.94 34.02
C ALA B 168 2.33 -30.21 32.55
N LEU B 169 1.28 -30.26 31.69
CA LEU B 169 1.43 -30.47 30.24
C LEU B 169 1.81 -29.14 29.56
N THR B 170 3.01 -29.14 28.97
CA THR B 170 3.55 -27.95 28.36
C THR B 170 3.97 -28.13 26.91
N SER B 171 4.73 -29.20 26.62
CA SER B 171 5.29 -29.46 25.30
C SER B 171 4.24 -29.76 24.25
N GLY B 172 4.36 -29.10 23.10
CA GLY B 172 3.44 -29.26 21.98
C GLY B 172 2.05 -28.72 22.22
N VAL B 173 1.93 -27.68 23.05
CA VAL B 173 0.66 -27.01 23.32
C VAL B 173 0.59 -25.80 22.38
N HIS B 174 -0.42 -25.79 21.50
CA HIS B 174 -0.62 -24.68 20.58
C HIS B 174 -1.92 -24.04 20.90
N THR B 175 -1.88 -22.81 21.39
CA THR B 175 -3.10 -22.09 21.71
C THR B 175 -3.26 -20.98 20.69
N PHE B 176 -4.21 -21.17 19.79
CA PHE B 176 -4.54 -20.28 18.68
C PHE B 176 -5.10 -18.95 19.12
N PRO B 177 -4.80 -17.86 18.38
CA PRO B 177 -5.36 -16.56 18.77
C PRO B 177 -6.87 -16.53 18.59
N ALA B 178 -7.52 -15.71 19.42
CA ALA B 178 -8.97 -15.55 19.40
C ALA B 178 -9.45 -14.94 18.10
N VAL B 179 -10.61 -15.39 17.63
CA VAL B 179 -11.26 -14.95 16.40
C VAL B 179 -12.54 -14.23 16.80
N LEU B 180 -12.77 -12.99 16.37
CA LEU B 180 -14.02 -12.34 16.72
C LEU B 180 -15.10 -12.74 15.72
N GLN B 181 -16.19 -13.35 16.20
CA GLN B 181 -17.34 -13.84 15.39
C GLN B 181 -18.30 -12.71 15.05
N SER B 182 -19.33 -13.01 14.21
CA SER B 182 -20.36 -12.03 13.78
C SER B 182 -21.07 -11.43 15.00
N SER B 183 -21.34 -12.29 15.99
CA SER B 183 -21.99 -12.01 17.28
C SER B 183 -21.33 -10.84 18.02
N GLY B 184 -20.02 -10.67 17.84
CA GLY B 184 -19.23 -9.66 18.54
C GLY B 184 -18.53 -10.32 19.73
N LEU B 185 -18.64 -11.67 19.82
CA LEU B 185 -18.04 -12.55 20.82
C LEU B 185 -16.86 -13.31 20.25
N TYR B 186 -15.83 -13.52 21.06
CA TYR B 186 -14.61 -14.25 20.69
C TYR B 186 -14.73 -15.78 20.79
N SER B 187 -14.02 -16.48 19.92
CA SER B 187 -13.95 -17.94 19.89
C SER B 187 -12.46 -18.28 19.80
N LEU B 188 -11.97 -19.24 20.57
CA LEU B 188 -10.54 -19.59 20.61
C LEU B 188 -10.36 -21.08 20.62
N SER B 189 -9.25 -21.57 20.11
CA SER B 189 -9.04 -23.01 20.14
C SER B 189 -7.68 -23.31 20.76
N SER B 190 -7.56 -24.40 21.52
CA SER B 190 -6.29 -24.81 22.11
C SER B 190 -6.08 -26.27 21.88
N VAL B 191 -4.87 -26.65 21.48
CA VAL B 191 -4.56 -28.03 21.15
C VAL B 191 -3.25 -28.49 21.72
N VAL B 192 -3.07 -29.81 21.76
CA VAL B 192 -1.85 -30.41 22.23
C VAL B 192 -1.66 -31.78 21.59
N THR B 193 -0.42 -32.02 21.11
CA THR B 193 0.00 -33.27 20.51
C THR B 193 0.60 -34.11 21.62
N VAL B 194 0.08 -35.34 21.72
CA VAL B 194 0.41 -36.33 22.74
C VAL B 194 0.71 -37.69 22.06
N PRO B 195 1.59 -38.57 22.62
CA PRO B 195 1.76 -39.88 21.98
C PRO B 195 0.48 -40.70 22.07
N SER B 196 0.17 -41.41 20.97
CA SER B 196 -1.01 -42.25 20.81
C SER B 196 -1.18 -43.27 21.96
N SER B 197 -0.03 -43.86 22.38
CA SER B 197 0.12 -44.85 23.46
C SER B 197 -0.40 -44.38 24.83
N SER B 198 -0.24 -43.07 25.13
CA SER B 198 -0.66 -42.51 26.40
C SER B 198 -2.16 -42.30 26.54
N LEU B 199 -2.90 -42.17 25.43
CA LEU B 199 -4.34 -41.92 25.41
C LEU B 199 -5.19 -42.76 26.33
N GLY B 200 -4.87 -44.05 26.45
CA GLY B 200 -5.61 -44.98 27.30
C GLY B 200 -5.36 -44.77 28.78
N THR B 201 -4.11 -44.45 29.12
CA THR B 201 -3.61 -44.26 30.49
C THR B 201 -3.91 -42.85 31.04
N GLN B 202 -3.15 -41.86 30.51
CA GLN B 202 -3.14 -40.45 30.87
C GLN B 202 -4.51 -39.76 30.80
N THR B 203 -4.70 -38.84 31.74
CA THR B 203 -5.88 -38.00 31.92
C THR B 203 -5.55 -36.60 31.37
N TYR B 204 -6.30 -36.16 30.33
CA TYR B 204 -6.06 -34.84 29.73
C TYR B 204 -7.23 -33.87 30.02
N ILE B 205 -6.91 -32.76 30.73
CA ILE B 205 -7.86 -31.71 31.16
C ILE B 205 -7.32 -30.32 30.87
N CYS B 206 -8.05 -29.54 30.07
CA CYS B 206 -7.66 -28.16 29.83
C CYS B 206 -8.29 -27.29 30.88
N ASN B 207 -7.52 -26.35 31.40
CA ASN B 207 -7.95 -25.45 32.45
C ASN B 207 -8.07 -24.04 31.87
N VAL B 208 -9.31 -23.69 31.55
CA VAL B 208 -9.69 -22.41 30.94
C VAL B 208 -9.92 -21.36 32.03
N ASN B 209 -9.37 -20.14 31.86
CA ASN B 209 -9.59 -19.07 32.82
C ASN B 209 -9.86 -17.71 32.18
N HIS B 210 -11.10 -17.23 32.36
CA HIS B 210 -11.59 -15.93 31.87
C HIS B 210 -11.91 -15.09 33.09
N LYS B 211 -10.95 -14.29 33.52
CA LYS B 211 -11.08 -13.45 34.70
C LYS B 211 -12.24 -12.42 34.63
N PRO B 212 -12.54 -11.74 33.50
CA PRO B 212 -13.61 -10.72 33.54
C PRO B 212 -14.99 -11.23 33.84
N SER B 213 -15.30 -12.47 33.41
CA SER B 213 -16.58 -13.10 33.71
C SER B 213 -16.46 -14.00 34.97
N ASN B 214 -15.22 -14.06 35.51
CA ASN B 214 -14.84 -14.85 36.69
C ASN B 214 -15.09 -16.35 36.50
N THR B 215 -14.97 -16.80 35.27
CA THR B 215 -15.14 -18.19 34.94
C THR B 215 -13.81 -18.91 35.08
N LYS B 216 -13.89 -20.13 35.61
CA LYS B 216 -12.82 -21.10 35.80
C LYS B 216 -13.59 -22.37 35.46
N VAL B 217 -13.07 -23.18 34.52
CA VAL B 217 -13.85 -24.33 34.07
C VAL B 217 -13.14 -25.70 34.22
N ASP B 218 -12.08 -26.01 33.44
CA ASP B 218 -11.41 -27.31 33.49
C ASP B 218 -12.31 -28.44 32.97
N LYS B 219 -12.11 -28.81 31.72
CA LYS B 219 -12.85 -29.87 31.04
C LYS B 219 -11.91 -31.00 30.65
N ARG B 220 -12.36 -32.24 30.88
CA ARG B 220 -11.61 -33.44 30.53
C ARG B 220 -11.93 -33.79 29.09
N VAL B 221 -10.87 -34.04 28.33
CA VAL B 221 -10.96 -34.44 26.92
C VAL B 221 -10.83 -35.96 26.91
N GLU B 222 -11.93 -36.63 26.56
CA GLU B 222 -12.07 -38.08 26.53
C GLU B 222 -12.03 -38.61 25.10
N PRO B 223 -11.21 -39.64 24.79
CA PRO B 223 -11.14 -40.14 23.42
C PRO B 223 -12.46 -40.70 22.92
N LYS B 224 -12.66 -40.75 21.60
CA LYS B 224 -13.84 -41.32 20.96
C LYS B 224 -13.76 -42.86 20.94
N ASP C 1 -30.55 -40.38 0.82
CA ASP C 1 -30.07 -41.43 -0.10
C ASP C 1 -28.52 -41.56 -0.06
N ILE C 2 -27.89 -42.26 -1.06
CA ILE C 2 -26.45 -42.52 -1.08
C ILE C 2 -25.66 -41.29 -1.53
N VAL C 3 -24.59 -40.98 -0.78
CA VAL C 3 -23.69 -39.86 -1.03
C VAL C 3 -22.31 -40.37 -1.43
N MET C 4 -21.89 -40.02 -2.67
CA MET C 4 -20.61 -40.38 -3.25
C MET C 4 -19.63 -39.30 -2.90
N THR C 5 -18.50 -39.66 -2.27
CA THR C 5 -17.55 -38.66 -1.86
C THR C 5 -16.16 -39.08 -2.32
N GLN C 6 -15.58 -38.30 -3.22
CA GLN C 6 -14.28 -38.49 -3.83
C GLN C 6 -13.22 -37.60 -3.20
N SER C 7 -11.95 -38.06 -3.25
CA SER C 7 -10.73 -37.45 -2.69
C SER C 7 -9.54 -37.82 -3.62
N PRO C 8 -8.61 -36.88 -3.98
CA PRO C 8 -8.56 -35.45 -3.60
C PRO C 8 -9.38 -34.61 -4.57
N GLU C 9 -9.55 -33.30 -4.38
CA GLU C 9 -10.33 -32.59 -5.38
C GLU C 9 -9.62 -32.49 -6.72
N SER C 10 -8.27 -32.42 -6.70
CA SER C 10 -7.40 -32.36 -7.87
C SER C 10 -6.02 -32.87 -7.51
N LEU C 11 -5.44 -33.69 -8.38
CA LEU C 11 -4.10 -34.20 -8.16
C LEU C 11 -3.28 -34.01 -9.40
N ALA C 12 -1.97 -33.94 -9.25
CA ALA C 12 -1.11 -33.80 -10.39
C ALA C 12 -0.08 -34.88 -10.36
N VAL C 13 0.05 -35.63 -11.46
CA VAL C 13 1.03 -36.70 -11.56
C VAL C 13 1.88 -36.52 -12.83
N SER C 14 3.19 -36.68 -12.73
CA SER C 14 4.09 -36.51 -13.84
C SER C 14 4.01 -37.67 -14.81
N LEU C 15 4.15 -37.41 -16.10
CA LEU C 15 4.03 -38.41 -17.14
C LEU C 15 4.69 -39.73 -16.77
N GLY C 16 3.91 -40.80 -16.78
CA GLY C 16 4.39 -42.15 -16.48
C GLY C 16 4.10 -42.73 -15.10
N GLU C 17 3.92 -41.85 -14.10
CA GLU C 17 3.65 -42.24 -12.72
C GLU C 17 2.23 -42.77 -12.54
N ARG C 18 1.95 -43.35 -11.36
CA ARG C 18 0.64 -43.87 -11.02
C ARG C 18 -0.23 -42.77 -10.46
N ALA C 19 -1.47 -42.73 -10.92
CA ALA C 19 -2.44 -41.79 -10.42
C ALA C 19 -3.38 -42.61 -9.59
N THR C 20 -3.91 -42.04 -8.50
CA THR C 20 -4.82 -42.76 -7.62
C THR C 20 -5.94 -41.89 -7.11
N ILE C 21 -7.16 -42.20 -7.52
CA ILE C 21 -8.32 -41.47 -7.06
C ILE C 21 -9.11 -42.33 -6.13
N ASN C 22 -9.49 -41.74 -4.98
CA ASN C 22 -10.30 -42.44 -3.98
C ASN C 22 -11.76 -42.01 -4.05
N CYS C 23 -12.65 -42.99 -3.81
CA CYS C 23 -14.10 -42.81 -3.83
C CYS C 23 -14.64 -43.51 -2.62
N LYS C 24 -15.53 -42.84 -1.91
CA LYS C 24 -16.15 -43.39 -0.70
C LYS C 24 -17.65 -43.16 -0.70
N SER C 25 -18.40 -44.25 -0.45
CA SER C 25 -19.85 -44.24 -0.42
C SER C 25 -20.35 -44.19 1.01
N SER C 26 -21.47 -43.50 1.22
CA SER C 26 -22.09 -43.34 2.53
C SER C 26 -22.78 -44.61 3.07
N GLN C 27 -23.11 -45.57 2.16
CA GLN C 27 -23.76 -46.86 2.43
C GLN C 27 -23.12 -47.88 1.50
N SER C 28 -22.96 -49.14 1.94
CA SER C 28 -22.33 -50.15 1.08
C SER C 28 -23.07 -50.30 -0.21
N VAL C 29 -22.34 -50.60 -1.29
CA VAL C 29 -22.97 -50.84 -2.58
C VAL C 29 -22.74 -52.26 -3.03
N LEU C 30 -22.51 -53.15 -2.07
CA LEU C 30 -22.25 -54.53 -2.38
C LEU C 30 -23.45 -55.44 -2.15
N TYR C 31 -23.67 -56.43 -3.07
CA TYR C 31 -24.67 -57.54 -2.97
C TYR C 31 -23.97 -58.93 -3.02
N SER C 32 -24.17 -59.78 -1.99
CA SER C 32 -23.55 -61.09 -1.82
C SER C 32 -23.87 -62.15 -2.91
N SER C 33 -24.85 -63.08 -2.66
CA SER C 33 -25.37 -64.18 -3.52
C SER C 33 -24.44 -65.46 -3.70
N ARG C 34 -24.99 -66.56 -4.30
CA ARG C 34 -24.32 -67.84 -4.65
C ARG C 34 -23.17 -67.59 -5.64
N SER C 35 -23.40 -66.69 -6.62
CA SER C 35 -22.43 -66.20 -7.61
C SER C 35 -21.50 -65.16 -6.89
N ASP C 36 -20.64 -64.45 -7.66
CA ASP C 36 -19.77 -63.48 -6.99
C ASP C 36 -20.56 -62.24 -6.59
N ASN C 37 -20.04 -61.62 -5.53
CA ASN C 37 -20.47 -60.40 -4.89
C ASN C 37 -20.24 -59.24 -5.87
N LYS C 38 -21.31 -58.54 -6.19
CA LYS C 38 -21.20 -57.49 -7.15
C LYS C 38 -21.13 -56.16 -6.43
N ASP C 39 -20.21 -55.27 -6.86
CA ASP C 39 -20.12 -53.89 -6.36
C ASP C 39 -20.72 -52.91 -7.41
N TYR C 40 -21.85 -52.28 -7.06
CA TYR C 40 -22.68 -51.43 -7.92
C TYR C 40 -22.12 -50.02 -8.09
N LEU C 41 -20.87 -49.96 -8.61
CA LEU C 41 -20.10 -48.73 -8.81
C LEU C 41 -19.51 -48.60 -10.22
N ALA C 42 -19.55 -47.40 -10.78
CA ALA C 42 -19.03 -47.11 -12.10
C ALA C 42 -18.09 -45.92 -12.09
N TRP C 43 -17.13 -45.89 -13.03
CA TRP C 43 -16.16 -44.80 -13.18
C TRP C 43 -16.29 -44.14 -14.56
N TYR C 44 -16.19 -42.81 -14.63
CA TYR C 44 -16.31 -42.10 -15.90
C TYR C 44 -15.19 -41.08 -16.12
N GLN C 45 -14.73 -40.90 -17.40
CA GLN C 45 -13.68 -39.95 -17.84
C GLN C 45 -14.30 -38.85 -18.65
N GLN C 46 -14.10 -37.61 -18.22
CA GLN C 46 -14.64 -36.45 -18.91
C GLN C 46 -13.55 -35.47 -19.19
N LYS C 47 -13.11 -35.42 -20.47
CA LYS C 47 -12.12 -34.45 -20.93
C LYS C 47 -12.88 -33.11 -21.21
N PRO C 48 -12.20 -31.95 -21.40
CA PRO C 48 -12.93 -30.68 -21.58
C PRO C 48 -13.91 -30.60 -22.77
N GLY C 49 -15.13 -30.16 -22.46
CA GLY C 49 -16.22 -29.99 -23.41
C GLY C 49 -16.82 -31.29 -23.91
N GLN C 50 -15.95 -32.24 -24.24
CA GLN C 50 -16.22 -33.56 -24.77
C GLN C 50 -17.24 -34.36 -23.98
N SER C 51 -17.78 -35.38 -24.66
CA SER C 51 -18.77 -36.29 -24.10
C SER C 51 -18.11 -37.14 -23.02
N PRO C 52 -18.65 -37.15 -21.78
CA PRO C 52 -18.10 -38.05 -20.75
C PRO C 52 -18.21 -39.52 -21.23
N LYS C 53 -17.23 -40.37 -20.86
CA LYS C 53 -17.21 -41.75 -21.30
C LYS C 53 -17.24 -42.74 -20.14
N LEU C 54 -17.85 -43.92 -20.34
CA LEU C 54 -17.87 -44.95 -19.29
C LEU C 54 -16.58 -45.78 -19.33
N LEU C 55 -15.85 -45.84 -18.21
CA LEU C 55 -14.58 -46.56 -18.10
C LEU C 55 -14.71 -47.92 -17.47
N ILE C 56 -15.20 -47.95 -16.21
CA ILE C 56 -15.31 -49.12 -15.38
C ILE C 56 -16.74 -49.24 -14.85
N TYR C 57 -17.24 -50.48 -14.72
CA TYR C 57 -18.50 -50.85 -14.09
C TYR C 57 -18.28 -52.11 -13.27
N TRP C 58 -19.14 -52.37 -12.28
CA TRP C 58 -18.99 -53.46 -11.31
C TRP C 58 -17.69 -53.24 -10.53
N ALA C 59 -17.30 -51.97 -10.43
CA ALA C 59 -16.13 -51.41 -9.77
C ALA C 59 -14.79 -51.92 -10.28
N SER C 60 -14.76 -53.02 -11.05
CA SER C 60 -13.52 -53.62 -11.55
C SER C 60 -13.52 -53.99 -13.02
N THR C 61 -14.70 -54.14 -13.61
CA THR C 61 -14.78 -54.54 -15.01
C THR C 61 -14.60 -53.34 -15.97
N ARG C 62 -13.59 -53.43 -16.86
CA ARG C 62 -13.25 -52.43 -17.87
C ARG C 62 -14.27 -52.46 -18.98
N GLU C 63 -14.78 -51.29 -19.41
CA GLU C 63 -15.70 -51.20 -20.55
C GLU C 63 -14.86 -51.46 -21.80
N SER C 64 -15.45 -52.18 -22.79
CA SER C 64 -14.82 -52.56 -24.06
C SER C 64 -13.99 -51.44 -24.69
N GLY C 65 -12.71 -51.71 -24.88
CA GLY C 65 -11.79 -50.74 -25.48
C GLY C 65 -10.99 -49.88 -24.53
N VAL C 66 -11.35 -49.83 -23.23
CA VAL C 66 -10.62 -49.04 -22.22
C VAL C 66 -9.21 -49.68 -22.03
N PRO C 67 -8.10 -48.91 -22.17
CA PRO C 67 -6.76 -49.53 -22.06
C PRO C 67 -6.49 -50.10 -20.70
N GLU C 68 -5.61 -51.10 -20.67
CA GLU C 68 -5.32 -51.83 -19.45
C GLU C 68 -4.61 -50.98 -18.38
N ARG C 69 -4.14 -49.78 -18.73
CA ARG C 69 -3.51 -48.95 -17.71
C ARG C 69 -4.55 -48.47 -16.67
N PHE C 70 -5.83 -48.46 -17.05
CA PHE C 70 -6.90 -48.07 -16.14
C PHE C 70 -7.30 -49.29 -15.35
N THR C 71 -7.18 -49.18 -14.03
CA THR C 71 -7.50 -50.26 -13.09
C THR C 71 -8.53 -49.80 -12.06
N GLY C 72 -9.68 -50.47 -12.06
CA GLY C 72 -10.75 -50.20 -11.10
C GLY C 72 -10.60 -51.16 -9.95
N SER C 73 -10.74 -50.68 -8.70
CA SER C 73 -10.62 -51.56 -7.51
C SER C 73 -11.47 -51.10 -6.32
N GLY C 74 -11.53 -51.95 -5.29
CA GLY C 74 -12.25 -51.71 -4.05
C GLY C 74 -13.46 -52.59 -3.81
N SER C 75 -14.08 -52.43 -2.60
CA SER C 75 -15.27 -53.16 -2.17
C SER C 75 -16.07 -52.48 -1.05
N GLY C 76 -17.38 -52.60 -1.17
CA GLY C 76 -18.35 -52.10 -0.20
C GLY C 76 -18.49 -50.61 -0.09
N THR C 77 -17.55 -49.96 0.61
CA THR C 77 -17.62 -48.54 0.84
C THR C 77 -16.44 -47.80 0.24
N ASP C 78 -15.30 -48.45 0.08
CA ASP C 78 -14.11 -47.76 -0.41
C ASP C 78 -13.63 -48.25 -1.75
N PHE C 79 -13.52 -47.31 -2.72
CA PHE C 79 -13.13 -47.56 -4.11
C PHE C 79 -11.98 -46.71 -4.57
N THR C 80 -11.25 -47.22 -5.55
CA THR C 80 -10.05 -46.62 -6.09
C THR C 80 -9.92 -46.84 -7.58
N LEU C 81 -9.58 -45.77 -8.30
CA LEU C 81 -9.33 -45.80 -9.73
C LEU C 81 -7.87 -45.48 -9.90
N SER C 82 -7.10 -46.41 -10.49
CA SER C 82 -5.67 -46.23 -10.67
C SER C 82 -5.30 -46.16 -12.14
N ILE C 83 -4.48 -45.17 -12.52
CA ILE C 83 -3.99 -45.07 -13.89
C ILE C 83 -2.54 -45.43 -13.81
N SER C 84 -2.25 -46.69 -14.15
CA SER C 84 -0.96 -47.36 -14.08
C SER C 84 0.20 -46.50 -14.60
N SER C 85 0.05 -45.88 -15.79
CA SER C 85 1.09 -45.02 -16.32
C SER C 85 0.46 -43.85 -17.04
N LEU C 86 0.44 -42.66 -16.39
CA LEU C 86 -0.21 -41.47 -16.92
C LEU C 86 0.38 -41.00 -18.24
N GLN C 87 -0.51 -40.75 -19.19
CA GLN C 87 -0.25 -40.26 -20.54
C GLN C 87 -0.87 -38.91 -20.67
N ALA C 88 -0.28 -38.04 -21.52
CA ALA C 88 -0.79 -36.68 -21.73
C ALA C 88 -2.31 -36.66 -21.97
N GLU C 89 -2.79 -37.67 -22.71
CA GLU C 89 -4.18 -37.92 -23.12
C GLU C 89 -5.12 -38.10 -21.89
N ASP C 90 -4.60 -38.71 -20.80
CA ASP C 90 -5.33 -39.02 -19.58
C ASP C 90 -5.69 -37.82 -18.71
N VAL C 91 -5.26 -36.60 -19.11
CA VAL C 91 -5.63 -35.41 -18.35
C VAL C 91 -7.13 -35.24 -18.55
N ALA C 92 -7.88 -35.20 -17.41
CA ALA C 92 -9.34 -35.08 -17.36
C ALA C 92 -9.87 -35.07 -15.92
N VAL C 93 -11.20 -35.06 -15.81
CA VAL C 93 -11.96 -35.16 -14.56
C VAL C 93 -12.44 -36.58 -14.53
N TYR C 94 -12.48 -37.19 -13.35
CA TYR C 94 -12.97 -38.55 -13.23
C TYR C 94 -14.06 -38.64 -12.18
N TYR C 95 -15.25 -39.19 -12.53
CA TYR C 95 -16.37 -39.29 -11.60
C TYR C 95 -16.73 -40.71 -11.28
N CYS C 96 -16.92 -41.01 -9.98
CA CYS C 96 -17.38 -42.33 -9.57
C CYS C 96 -18.90 -42.22 -9.39
N GLN C 97 -19.63 -43.31 -9.63
CA GLN C 97 -21.08 -43.33 -9.57
C GLN C 97 -21.64 -44.61 -8.98
N GLN C 98 -22.63 -44.47 -8.07
CA GLN C 98 -23.34 -45.55 -7.37
C GLN C 98 -24.61 -45.89 -8.16
N TYR C 99 -24.95 -47.20 -8.33
CA TYR C 99 -26.19 -47.62 -9.00
C TYR C 99 -26.92 -48.73 -8.24
N TYR C 100 -26.56 -48.89 -6.96
CA TYR C 100 -27.12 -49.86 -6.02
C TYR C 100 -28.51 -49.41 -5.54
N SER C 101 -28.72 -48.11 -5.29
CA SER C 101 -30.00 -47.57 -4.86
C SER C 101 -30.50 -46.52 -5.87
N SER C 102 -31.82 -46.31 -5.90
CA SER C 102 -32.37 -45.25 -6.72
C SER C 102 -32.56 -44.07 -5.73
N PRO C 103 -32.19 -42.84 -6.11
CA PRO C 103 -31.63 -42.42 -7.40
C PRO C 103 -30.11 -42.61 -7.53
N PRO C 104 -29.61 -42.87 -8.79
CA PRO C 104 -28.16 -43.07 -8.97
C PRO C 104 -27.44 -41.78 -8.66
N THR C 105 -26.34 -41.83 -7.88
CA THR C 105 -25.60 -40.64 -7.46
C THR C 105 -24.12 -40.68 -7.88
N PHE C 106 -23.56 -39.48 -8.15
CA PHE C 106 -22.16 -39.29 -8.59
C PHE C 106 -21.28 -38.55 -7.59
N GLY C 107 -19.97 -38.70 -7.76
CA GLY C 107 -18.96 -38.03 -6.97
C GLY C 107 -18.73 -36.62 -7.47
N GLY C 108 -17.87 -35.91 -6.77
CA GLY C 108 -17.52 -34.53 -7.05
C GLY C 108 -16.50 -34.45 -8.14
N GLY C 109 -15.77 -35.52 -8.29
CA GLY C 109 -14.76 -35.62 -9.32
C GLY C 109 -13.43 -35.11 -8.86
N THR C 110 -12.38 -35.77 -9.33
CA THR C 110 -11.01 -35.38 -9.08
C THR C 110 -10.53 -34.88 -10.42
N LYS C 111 -9.73 -33.83 -10.41
CA LYS C 111 -9.13 -33.25 -11.61
C LYS C 111 -7.73 -33.80 -11.73
N VAL C 112 -7.42 -34.41 -12.87
CA VAL C 112 -6.09 -34.94 -13.06
C VAL C 112 -5.33 -34.00 -13.95
N GLU C 113 -4.23 -33.47 -13.44
CA GLU C 113 -3.32 -32.52 -14.09
C GLU C 113 -1.90 -33.07 -14.10
N LEU C 114 -0.97 -32.36 -14.78
CA LEU C 114 0.41 -32.81 -14.80
C LEU C 114 1.26 -32.08 -13.76
N LYS C 115 2.25 -32.79 -13.21
CA LYS C 115 3.14 -32.27 -12.18
C LYS C 115 4.43 -31.89 -12.86
N ARG C 116 4.75 -30.60 -12.85
CA ARG C 116 5.95 -30.06 -13.48
C ARG C 116 6.74 -29.23 -12.50
N THR C 117 7.97 -28.82 -12.89
CA THR C 117 8.87 -28.03 -12.05
C THR C 117 8.26 -26.68 -11.66
N VAL C 118 8.74 -26.10 -10.58
CA VAL C 118 8.20 -24.83 -10.12
C VAL C 118 8.51 -23.80 -11.19
N ALA C 119 7.57 -22.90 -11.43
CA ALA C 119 7.72 -21.80 -12.39
C ALA C 119 7.18 -20.51 -11.74
N ALA C 120 8.02 -19.49 -11.61
CA ALA C 120 7.63 -18.25 -10.97
C ALA C 120 6.71 -17.39 -11.84
N PRO C 121 5.73 -16.69 -11.24
CA PRO C 121 4.85 -15.87 -12.08
C PRO C 121 5.51 -14.56 -12.41
N SER C 122 5.18 -13.99 -13.57
CA SER C 122 5.63 -12.68 -13.98
C SER C 122 4.48 -11.81 -13.55
N VAL C 123 4.74 -10.73 -12.80
CA VAL C 123 3.67 -9.90 -12.26
C VAL C 123 3.50 -8.57 -12.99
N PHE C 124 2.23 -8.18 -13.27
CA PHE C 124 1.89 -6.94 -13.95
C PHE C 124 0.65 -6.31 -13.41
N ILE C 125 0.67 -4.99 -13.22
CA ILE C 125 -0.49 -4.23 -12.77
C ILE C 125 -1.01 -3.33 -13.90
N PHE C 126 -2.32 -3.00 -13.91
CA PHE C 126 -2.97 -2.14 -14.91
C PHE C 126 -3.94 -1.20 -14.24
N PRO C 127 -3.79 0.12 -14.40
CA PRO C 127 -4.75 1.06 -13.78
C PRO C 127 -6.04 1.10 -14.58
N PRO C 128 -7.14 1.60 -13.97
CA PRO C 128 -8.40 1.67 -14.73
C PRO C 128 -8.19 2.69 -15.83
N SER C 129 -8.69 2.37 -17.03
CA SER C 129 -8.60 3.22 -18.20
C SER C 129 -9.44 4.51 -18.01
N ASP C 130 -9.02 5.62 -18.65
CA ASP C 130 -9.72 6.91 -18.59
C ASP C 130 -11.13 6.73 -19.15
N GLU C 131 -11.23 5.89 -20.21
CA GLU C 131 -12.43 5.47 -20.93
C GLU C 131 -13.41 4.94 -19.90
N GLN C 132 -12.95 4.05 -19.01
CA GLN C 132 -13.74 3.45 -17.95
C GLN C 132 -14.01 4.44 -16.83
N LEU C 133 -13.03 5.31 -16.52
CA LEU C 133 -13.21 6.25 -15.44
C LEU C 133 -14.32 7.24 -15.71
N LYS C 134 -14.47 7.67 -16.99
CA LYS C 134 -15.57 8.56 -17.35
C LYS C 134 -16.91 7.81 -17.26
N SER C 135 -16.88 6.46 -17.40
CA SER C 135 -18.02 5.54 -17.32
C SER C 135 -18.61 5.39 -15.90
N GLY C 136 -17.94 5.92 -14.88
CA GLY C 136 -18.42 5.88 -13.51
C GLY C 136 -17.94 4.74 -12.64
N THR C 137 -17.10 3.86 -13.18
CA THR C 137 -16.53 2.72 -12.45
C THR C 137 -15.00 2.68 -12.59
N ALA C 138 -14.32 1.86 -11.78
CA ALA C 138 -12.87 1.71 -11.82
C ALA C 138 -12.47 0.25 -11.64
N SER C 139 -11.62 -0.27 -12.53
CA SER C 139 -11.16 -1.65 -12.46
C SER C 139 -9.65 -1.77 -12.58
N VAL C 140 -8.99 -2.16 -11.46
CA VAL C 140 -7.54 -2.40 -11.36
C VAL C 140 -7.32 -3.89 -11.57
N VAL C 141 -6.44 -4.23 -12.50
CA VAL C 141 -6.23 -5.62 -12.85
C VAL C 141 -4.83 -6.03 -12.55
N CYS C 142 -4.65 -7.26 -12.05
CA CYS C 142 -3.33 -7.83 -11.79
C CYS C 142 -3.16 -9.17 -12.49
N LEU C 143 -2.12 -9.29 -13.31
CA LEU C 143 -1.82 -10.50 -14.06
C LEU C 143 -0.63 -11.22 -13.48
N LEU C 144 -0.77 -12.53 -13.31
CA LEU C 144 0.26 -13.46 -12.89
C LEU C 144 0.41 -14.33 -14.10
N ASN C 145 1.54 -14.24 -14.79
CA ASN C 145 1.67 -14.94 -16.04
C ASN C 145 2.66 -16.09 -16.04
N ASN C 146 2.21 -17.24 -16.60
CA ASN C 146 2.94 -18.50 -16.76
C ASN C 146 3.69 -18.92 -15.47
N PHE C 147 3.03 -19.72 -14.63
CA PHE C 147 3.58 -20.20 -13.36
C PHE C 147 3.10 -21.59 -13.00
N TYR C 148 3.79 -22.22 -12.04
CA TYR C 148 3.46 -23.54 -11.51
C TYR C 148 4.02 -23.65 -10.12
N PRO C 149 3.26 -24.13 -9.13
CA PRO C 149 1.87 -24.64 -9.19
C PRO C 149 0.80 -23.57 -9.18
N ARG C 150 -0.50 -23.97 -9.34
CA ARG C 150 -1.67 -23.07 -9.37
C ARG C 150 -1.76 -22.19 -8.11
N GLU C 151 -1.23 -22.67 -7.01
CA GLU C 151 -1.30 -22.03 -5.71
C GLU C 151 -0.43 -20.76 -5.63
N ALA C 152 -1.07 -19.61 -5.37
CA ALA C 152 -0.42 -18.32 -5.19
C ALA C 152 -1.36 -17.37 -4.48
N LYS C 153 -0.82 -16.38 -3.74
CA LYS C 153 -1.67 -15.45 -2.99
C LYS C 153 -1.59 -14.05 -3.49
N VAL C 154 -2.73 -13.56 -4.00
CA VAL C 154 -2.89 -12.21 -4.52
C VAL C 154 -3.55 -11.36 -3.46
N GLN C 155 -2.87 -10.31 -3.00
CA GLN C 155 -3.40 -9.43 -1.96
C GLN C 155 -3.43 -8.04 -2.50
N TRP C 156 -4.60 -7.38 -2.45
CA TRP C 156 -4.70 -6.02 -2.97
C TRP C 156 -4.50 -5.05 -1.85
N LYS C 157 -3.85 -3.94 -2.15
CA LYS C 157 -3.57 -2.89 -1.17
C LYS C 157 -3.93 -1.49 -1.67
N VAL C 158 -4.92 -0.85 -1.00
CA VAL C 158 -5.40 0.49 -1.34
C VAL C 158 -4.94 1.43 -0.28
N ASP C 159 -3.99 2.30 -0.64
CA ASP C 159 -3.40 3.32 0.21
C ASP C 159 -2.97 2.75 1.54
N ASN C 160 -2.15 1.70 1.50
CA ASN C 160 -1.68 0.99 2.70
C ASN C 160 -2.85 0.70 3.65
N ALA C 161 -3.68 -0.23 3.16
CA ALA C 161 -4.87 -0.81 3.75
C ALA C 161 -5.19 -1.99 2.84
N LEU C 162 -5.21 -3.21 3.38
CA LEU C 162 -5.51 -4.40 2.57
C LEU C 162 -6.97 -4.43 2.05
N GLN C 163 -7.23 -5.19 0.95
CA GLN C 163 -8.57 -5.29 0.35
C GLN C 163 -9.13 -6.69 0.36
N SER C 164 -10.42 -6.80 0.69
CA SER C 164 -11.14 -8.08 0.74
C SER C 164 -12.58 -7.96 0.25
N GLY C 165 -13.03 -8.98 -0.46
CA GLY C 165 -14.40 -9.06 -1.00
C GLY C 165 -14.63 -8.35 -2.32
N ASN C 166 -13.93 -7.23 -2.54
CA ASN C 166 -14.02 -6.39 -3.72
C ASN C 166 -13.24 -6.88 -4.94
N SER C 167 -12.56 -8.02 -4.83
CA SER C 167 -11.77 -8.58 -5.91
C SER C 167 -12.29 -9.92 -6.41
N GLN C 168 -11.99 -10.27 -7.68
CA GLN C 168 -12.40 -11.54 -8.28
C GLN C 168 -11.28 -12.15 -9.08
N GLU C 169 -11.06 -13.45 -8.90
CA GLU C 169 -10.00 -14.15 -9.58
C GLU C 169 -10.49 -15.05 -10.68
N SER C 170 -9.67 -15.27 -11.71
CA SER C 170 -9.92 -16.10 -12.90
C SER C 170 -8.63 -16.82 -13.26
N VAL C 171 -8.67 -18.15 -13.48
CA VAL C 171 -7.44 -18.89 -13.77
C VAL C 171 -7.59 -19.70 -15.01
N THR C 172 -6.58 -19.65 -15.90
CA THR C 172 -6.54 -20.44 -17.15
C THR C 172 -6.35 -21.89 -16.79
N GLU C 173 -6.70 -22.79 -17.71
CA GLU C 173 -6.49 -24.20 -17.48
C GLU C 173 -5.04 -24.51 -17.79
N GLN C 174 -4.51 -25.60 -17.20
CA GLN C 174 -3.13 -26.02 -17.40
C GLN C 174 -2.79 -25.98 -18.89
N ASP C 175 -1.75 -25.22 -19.23
CA ASP C 175 -1.28 -25.03 -20.59
C ASP C 175 -0.96 -26.35 -21.29
N SER C 176 -1.23 -26.42 -22.57
CA SER C 176 -1.01 -27.62 -23.39
C SER C 176 0.47 -27.92 -23.60
N LYS C 177 1.28 -26.89 -23.71
CA LYS C 177 2.69 -27.07 -23.99
C LYS C 177 3.55 -27.11 -22.74
N ASP C 178 3.64 -26.00 -22.01
CA ASP C 178 4.52 -25.90 -20.84
C ASP C 178 3.85 -26.33 -19.54
N SER C 179 2.54 -26.59 -19.56
CA SER C 179 1.74 -27.01 -18.41
CA SER C 179 1.72 -27.01 -18.42
C SER C 179 1.77 -26.02 -17.24
N THR C 180 1.73 -24.71 -17.54
CA THR C 180 1.72 -23.63 -16.54
C THR C 180 0.35 -22.98 -16.50
N TYR C 181 0.09 -22.21 -15.47
CA TYR C 181 -1.17 -21.48 -15.35
C TYR C 181 -0.91 -20.00 -15.48
N SER C 182 -1.98 -19.22 -15.62
CA SER C 182 -1.96 -17.76 -15.66
C SER C 182 -3.16 -17.30 -14.85
N LEU C 183 -3.03 -16.18 -14.12
CA LEU C 183 -4.10 -15.73 -13.25
C LEU C 183 -4.47 -14.26 -13.42
N SER C 184 -5.78 -13.95 -13.43
CA SER C 184 -6.31 -12.58 -13.53
C SER C 184 -6.98 -12.20 -12.23
N SER C 185 -6.58 -11.10 -11.61
CA SER C 185 -7.23 -10.63 -10.41
C SER C 185 -7.75 -9.24 -10.64
N THR C 186 -9.06 -9.06 -10.55
CA THR C 186 -9.67 -7.78 -10.85
C THR C 186 -10.25 -7.07 -9.61
N LEU C 187 -9.64 -5.96 -9.20
CA LEU C 187 -10.11 -5.12 -8.07
C LEU C 187 -11.08 -4.12 -8.67
N THR C 188 -12.35 -4.21 -8.26
CA THR C 188 -13.46 -3.41 -8.77
C THR C 188 -13.90 -2.37 -7.73
N LEU C 189 -13.81 -1.07 -8.09
CA LEU C 189 -14.10 0.07 -7.20
C LEU C 189 -14.97 1.12 -7.85
N SER C 190 -15.66 1.90 -7.01
CA SER C 190 -16.50 3.00 -7.47
C SER C 190 -15.58 4.09 -7.93
N LYS C 191 -15.94 4.80 -9.02
CA LYS C 191 -15.11 5.93 -9.50
C LYS C 191 -14.83 6.87 -8.32
N ALA C 192 -15.87 7.09 -7.45
CA ALA C 192 -15.85 7.92 -6.26
C ALA C 192 -14.72 7.52 -5.32
N ASP C 193 -14.74 6.25 -4.83
CA ASP C 193 -13.72 5.71 -3.94
C ASP C 193 -12.36 5.71 -4.55
N TYR C 194 -12.26 5.32 -5.85
CA TYR C 194 -10.99 5.31 -6.58
C TYR C 194 -10.28 6.66 -6.47
N GLU C 195 -11.01 7.77 -6.66
CA GLU C 195 -10.44 9.11 -6.64
C GLU C 195 -10.00 9.58 -5.25
N LYS C 196 -10.48 8.93 -4.17
CA LYS C 196 -10.11 9.30 -2.82
C LYS C 196 -8.79 8.74 -2.34
N HIS C 197 -8.20 7.79 -3.08
CA HIS C 197 -6.97 7.14 -2.67
C HIS C 197 -5.90 7.27 -3.71
N LYS C 198 -4.60 7.26 -3.32
CA LYS C 198 -3.52 7.45 -4.29
C LYS C 198 -2.68 6.22 -4.62
N VAL C 199 -2.30 5.45 -3.65
CA VAL C 199 -1.46 4.30 -3.87
C VAL C 199 -2.29 3.04 -4.06
N TYR C 200 -2.04 2.32 -5.16
CA TYR C 200 -2.71 1.07 -5.51
C TYR C 200 -1.66 -0.01 -5.76
N ALA C 201 -1.68 -1.09 -4.95
CA ALA C 201 -0.69 -2.15 -5.06
C ALA C 201 -1.28 -3.54 -5.08
N CYS C 202 -0.55 -4.43 -5.72
CA CYS C 202 -0.88 -5.83 -5.89
C CYS C 202 0.33 -6.63 -5.41
N GLU C 203 0.16 -7.53 -4.41
CA GLU C 203 1.25 -8.35 -3.84
C GLU C 203 1.02 -9.87 -4.03
N VAL C 204 1.96 -10.48 -4.73
CA VAL C 204 1.97 -11.88 -5.12
C VAL C 204 2.93 -12.65 -4.26
N THR C 205 2.47 -13.75 -3.65
CA THR C 205 3.32 -14.61 -2.85
C THR C 205 3.29 -15.98 -3.50
N HIS C 206 4.44 -16.50 -3.94
CA HIS C 206 4.49 -17.79 -4.64
C HIS C 206 5.68 -18.62 -4.26
N GLN C 207 5.64 -19.91 -4.62
CA GLN C 207 6.65 -20.92 -4.37
C GLN C 207 7.92 -20.57 -5.11
N GLY C 208 7.78 -20.07 -6.32
CA GLY C 208 8.89 -19.70 -7.21
C GLY C 208 9.54 -18.36 -6.92
N LEU C 209 8.91 -17.49 -6.12
CA LEU C 209 9.46 -16.20 -5.79
C LEU C 209 10.20 -16.28 -4.50
N SER C 210 11.42 -15.74 -4.51
CA SER C 210 12.34 -15.69 -3.39
C SER C 210 11.73 -14.94 -2.21
N SER C 211 10.91 -13.94 -2.51
CA SER C 211 10.24 -13.09 -1.54
C SER C 211 9.00 -12.50 -2.18
N PRO C 212 8.09 -11.85 -1.41
CA PRO C 212 6.91 -11.26 -2.07
C PRO C 212 7.22 -10.24 -3.15
N VAL C 213 6.47 -10.34 -4.27
CA VAL C 213 6.60 -9.42 -5.39
C VAL C 213 5.45 -8.42 -5.32
N THR C 214 5.77 -7.12 -5.40
CA THR C 214 4.76 -6.08 -5.34
C THR C 214 4.78 -5.21 -6.62
N LYS C 215 3.62 -5.02 -7.24
CA LYS C 215 3.46 -4.17 -8.41
C LYS C 215 2.47 -3.09 -7.97
N SER C 216 2.91 -1.83 -8.04
CA SER C 216 2.13 -0.68 -7.56
C SER C 216 2.24 0.58 -8.41
N PHE C 217 1.24 1.49 -8.28
CA PHE C 217 1.16 2.79 -8.96
C PHE C 217 0.51 3.84 -8.08
N ASN C 218 0.67 5.13 -8.45
CA ASN C 218 0.02 6.26 -7.78
C ASN C 218 -1.14 6.73 -8.67
N ARG C 219 -2.20 7.33 -8.10
CA ARG C 219 -3.36 7.69 -8.92
C ARG C 219 -3.03 8.73 -10.01
N GLY C 220 -2.07 9.62 -9.71
CA GLY C 220 -1.49 10.64 -10.61
C GLY C 220 -0.18 10.21 -11.27
N GLU C 221 -0.26 9.09 -12.02
CA GLU C 221 0.75 8.36 -12.80
C GLU C 221 1.52 9.25 -13.74
N VAL D 1 -21.92 -45.24 -33.29
CA VAL D 1 -22.82 -44.78 -32.22
C VAL D 1 -22.71 -43.24 -32.09
N GLN D 2 -23.85 -42.53 -31.97
CA GLN D 2 -23.91 -41.06 -31.84
C GLN D 2 -25.13 -40.53 -31.10
N LEU D 3 -24.90 -39.57 -30.21
CA LEU D 3 -25.92 -38.85 -29.45
C LEU D 3 -25.62 -37.35 -29.56
N VAL D 4 -26.52 -36.60 -30.20
CA VAL D 4 -26.30 -35.16 -30.38
C VAL D 4 -27.46 -34.33 -29.86
N GLU D 5 -27.19 -33.65 -28.72
CA GLU D 5 -28.16 -32.79 -28.04
C GLU D 5 -28.24 -31.50 -28.82
N SER D 6 -29.45 -30.94 -28.88
CA SER D 6 -29.74 -29.68 -29.56
C SER D 6 -30.78 -28.86 -28.77
N GLY D 7 -30.82 -27.56 -29.04
CA GLY D 7 -31.67 -26.63 -28.33
C GLY D 7 -30.84 -26.10 -27.19
N GLY D 8 -31.49 -25.45 -26.24
CA GLY D 8 -30.82 -24.90 -25.07
C GLY D 8 -29.92 -23.71 -25.31
N GLY D 9 -30.25 -22.63 -24.62
CA GLY D 9 -29.54 -21.36 -24.67
C GLY D 9 -29.80 -20.62 -23.39
N VAL D 10 -30.34 -19.40 -23.49
CA VAL D 10 -30.67 -18.60 -22.33
C VAL D 10 -32.18 -18.38 -22.22
N VAL D 11 -32.67 -18.43 -21.00
CA VAL D 11 -34.09 -18.28 -20.67
C VAL D 11 -34.16 -17.39 -19.46
N HIS D 12 -35.20 -16.62 -19.38
CA HIS D 12 -35.41 -15.78 -18.25
C HIS D 12 -36.02 -16.74 -17.20
N PRO D 13 -35.90 -16.48 -15.88
CA PRO D 13 -36.52 -17.39 -14.89
C PRO D 13 -38.05 -17.40 -15.01
N GLY D 14 -38.59 -18.59 -15.28
CA GLY D 14 -40.03 -18.83 -15.38
C GLY D 14 -40.49 -19.31 -16.73
N ARG D 15 -39.74 -18.94 -17.80
CA ARG D 15 -40.07 -19.36 -19.15
C ARG D 15 -39.90 -20.89 -19.36
N SER D 16 -39.88 -21.32 -20.62
CA SER D 16 -39.77 -22.73 -20.93
C SER D 16 -38.82 -22.96 -22.07
N LEU D 17 -38.27 -24.17 -22.16
CA LEU D 17 -37.34 -24.57 -23.22
C LEU D 17 -37.52 -26.05 -23.50
N ARG D 18 -37.19 -26.44 -24.74
CA ARG D 18 -37.24 -27.83 -25.19
C ARG D 18 -35.91 -28.29 -25.82
N LEU D 19 -35.40 -29.36 -25.25
CA LEU D 19 -34.16 -30.02 -25.65
C LEU D 19 -34.48 -31.31 -26.37
N SER D 20 -33.67 -31.61 -27.39
CA SER D 20 -33.80 -32.81 -28.20
C SER D 20 -32.46 -33.52 -28.33
N CYS D 21 -32.49 -34.85 -28.42
CA CYS D 21 -31.28 -35.63 -28.57
C CYS D 21 -31.42 -36.58 -29.75
N ALA D 22 -30.60 -36.38 -30.78
CA ALA D 22 -30.63 -37.23 -31.96
C ALA D 22 -29.73 -38.44 -31.81
N ALA D 23 -30.32 -39.62 -31.94
CA ALA D 23 -29.61 -40.89 -31.75
C ALA D 23 -29.46 -41.72 -33.00
N SER D 24 -28.27 -42.34 -33.14
CA SER D 24 -27.85 -43.25 -34.23
C SER D 24 -26.77 -44.23 -33.74
N GLY D 25 -26.61 -45.35 -34.45
CA GLY D 25 -25.61 -46.37 -34.14
C GLY D 25 -26.05 -47.50 -33.23
N PHE D 26 -27.30 -47.45 -32.72
CA PHE D 26 -27.88 -48.49 -31.84
C PHE D 26 -29.40 -48.62 -32.06
N THR D 27 -30.02 -49.61 -31.39
CA THR D 27 -31.46 -49.84 -31.50
C THR D 27 -32.13 -48.90 -30.50
N PHE D 28 -32.48 -47.68 -30.95
CA PHE D 28 -33.05 -46.67 -30.08
C PHE D 28 -34.37 -47.09 -29.46
N GLY D 29 -35.26 -47.62 -30.28
CA GLY D 29 -36.59 -48.06 -29.88
C GLY D 29 -36.67 -49.09 -28.76
N THR D 30 -35.56 -49.83 -28.46
CA THR D 30 -35.52 -50.90 -27.45
C THR D 30 -34.78 -50.53 -26.13
N SER D 31 -33.92 -49.47 -26.16
CA SER D 31 -33.12 -49.07 -25.00
C SER D 31 -33.72 -47.95 -24.18
N ILE D 32 -33.43 -47.99 -22.88
CA ILE D 32 -33.85 -47.04 -21.85
C ILE D 32 -32.95 -45.79 -21.96
N MET D 33 -33.54 -44.58 -21.94
CA MET D 33 -32.76 -43.33 -22.07
C MET D 33 -32.81 -42.47 -20.82
N HIS D 34 -31.79 -41.61 -20.63
CA HIS D 34 -31.68 -40.74 -19.46
C HIS D 34 -31.21 -39.33 -19.78
N TRP D 35 -31.51 -38.38 -18.87
CA TRP D 35 -31.07 -36.99 -18.91
C TRP D 35 -30.33 -36.73 -17.60
N VAL D 36 -29.03 -36.45 -17.71
CA VAL D 36 -28.13 -36.16 -16.58
C VAL D 36 -27.57 -34.74 -16.76
N ARG D 37 -27.70 -33.89 -15.72
CA ARG D 37 -27.23 -32.51 -15.81
C ARG D 37 -25.99 -32.24 -14.99
N GLN D 38 -25.17 -31.27 -15.45
CA GLN D 38 -23.94 -30.82 -14.78
C GLN D 38 -23.97 -29.31 -14.57
N ALA D 39 -24.26 -28.91 -13.33
CA ALA D 39 -24.35 -27.53 -12.93
C ALA D 39 -22.96 -26.91 -12.82
N PRO D 40 -22.82 -25.59 -13.09
CA PRO D 40 -21.53 -24.93 -12.88
C PRO D 40 -21.22 -25.15 -11.40
N GLY D 41 -20.19 -25.90 -11.21
CA GLY D 41 -19.73 -26.33 -9.91
C GLY D 41 -18.93 -27.55 -10.24
N LYS D 42 -19.50 -28.71 -10.01
CA LYS D 42 -18.81 -29.95 -10.34
C LYS D 42 -19.79 -31.09 -10.45
N GLY D 43 -20.73 -31.14 -9.51
CA GLY D 43 -21.75 -32.17 -9.37
C GLY D 43 -22.38 -32.64 -10.66
N MET D 44 -22.42 -33.96 -10.84
CA MET D 44 -23.10 -34.65 -11.94
C MET D 44 -24.39 -35.19 -11.30
N GLN D 45 -25.56 -34.74 -11.79
CA GLN D 45 -26.83 -35.11 -11.18
C GLN D 45 -27.79 -35.73 -12.17
N TRP D 46 -28.47 -36.83 -11.75
CA TRP D 46 -29.50 -37.48 -12.57
C TRP D 46 -30.80 -36.64 -12.53
N VAL D 47 -31.46 -36.51 -13.71
CA VAL D 47 -32.69 -35.74 -13.90
C VAL D 47 -33.87 -36.64 -14.25
N ALA D 48 -33.79 -37.37 -15.38
CA ALA D 48 -34.92 -38.22 -15.76
C ALA D 48 -34.55 -39.53 -16.42
N GLN D 49 -35.58 -40.41 -16.56
CA GLN D 49 -35.55 -41.75 -17.15
C GLN D 49 -36.81 -41.99 -17.97
N ILE D 50 -36.62 -42.68 -19.07
CA ILE D 50 -37.73 -43.05 -19.94
C ILE D 50 -37.52 -44.45 -20.48
N SER D 51 -38.61 -45.24 -20.54
CA SER D 51 -38.59 -46.61 -21.06
C SER D 51 -38.68 -46.57 -22.60
N HIS D 52 -38.37 -47.71 -23.25
CA HIS D 52 -38.40 -47.87 -24.72
C HIS D 52 -39.76 -47.47 -25.36
N ASP D 53 -40.87 -47.59 -24.57
CA ASP D 53 -42.25 -47.33 -25.00
C ASP D 53 -42.95 -46.15 -24.29
N GLU D 54 -42.23 -45.43 -23.41
CA GLU D 54 -42.69 -44.24 -22.66
C GLU D 54 -43.60 -44.55 -21.45
N SER D 55 -43.99 -45.81 -21.24
CA SER D 55 -44.86 -46.21 -20.13
C SER D 55 -44.34 -45.87 -18.72
N ARG D 56 -43.02 -45.98 -18.55
CA ARG D 56 -42.34 -45.73 -17.28
C ARG D 56 -41.33 -44.56 -17.39
N LYS D 57 -41.70 -43.38 -16.81
CA LYS D 57 -40.86 -42.17 -16.78
C LYS D 57 -40.58 -41.79 -15.33
N PHE D 58 -39.31 -41.52 -14.95
CA PHE D 58 -38.94 -41.21 -13.57
C PHE D 58 -38.17 -39.93 -13.45
N TYR D 59 -38.57 -39.05 -12.53
CA TYR D 59 -37.88 -37.77 -12.43
C TYR D 59 -37.17 -37.63 -11.09
N SER D 60 -36.08 -36.83 -11.06
CA SER D 60 -35.38 -36.51 -9.81
C SER D 60 -36.30 -35.54 -9.10
N ASP D 61 -36.22 -35.52 -7.77
CA ASP D 61 -37.14 -34.71 -6.96
C ASP D 61 -37.06 -33.22 -7.19
N SER D 62 -35.89 -32.74 -7.63
CA SER D 62 -35.64 -31.32 -7.94
C SER D 62 -36.52 -30.78 -9.14
N VAL D 63 -36.69 -31.62 -10.20
CA VAL D 63 -37.38 -31.31 -11.46
C VAL D 63 -38.82 -31.82 -11.51
N LYS D 64 -39.14 -32.88 -10.72
CA LYS D 64 -40.44 -33.54 -10.63
C LYS D 64 -41.63 -32.58 -10.83
N GLY D 65 -42.37 -32.80 -11.91
CA GLY D 65 -43.55 -32.02 -12.29
C GLY D 65 -43.34 -30.78 -13.15
N ARG D 66 -42.10 -30.29 -13.24
CA ARG D 66 -41.77 -29.08 -14.03
C ARG D 66 -41.28 -29.54 -15.40
N PHE D 67 -40.54 -30.64 -15.39
CA PHE D 67 -39.98 -31.18 -16.61
C PHE D 67 -40.84 -32.34 -17.05
N THR D 68 -40.73 -32.68 -18.35
CA THR D 68 -41.46 -33.78 -18.96
C THR D 68 -40.60 -34.48 -20.00
N VAL D 69 -40.24 -35.74 -19.73
CA VAL D 69 -39.48 -36.52 -20.69
C VAL D 69 -40.46 -37.17 -21.69
N SER D 70 -40.11 -37.16 -23.00
CA SER D 70 -40.87 -37.77 -24.11
C SER D 70 -39.87 -38.31 -25.15
N ARG D 71 -40.33 -39.15 -26.10
CA ARG D 71 -39.48 -39.72 -27.14
C ARG D 71 -40.26 -40.06 -28.40
N ASP D 72 -39.59 -40.04 -29.56
CA ASP D 72 -40.16 -40.42 -30.86
C ASP D 72 -39.23 -41.44 -31.50
N ASN D 73 -39.57 -42.74 -31.34
CA ASN D 73 -38.76 -43.88 -31.78
C ASN D 73 -38.60 -43.98 -33.30
N SER D 74 -39.56 -43.42 -34.06
CA SER D 74 -39.57 -43.36 -35.54
C SER D 74 -38.45 -42.49 -36.09
N LYS D 75 -38.10 -41.45 -35.33
CA LYS D 75 -37.07 -40.46 -35.65
C LYS D 75 -35.78 -40.69 -34.81
N ASN D 76 -35.81 -41.67 -33.87
CA ASN D 76 -34.75 -42.03 -32.92
C ASN D 76 -34.26 -40.76 -32.16
N THR D 77 -35.23 -40.02 -31.56
CA THR D 77 -35.04 -38.77 -30.84
C THR D 77 -35.64 -38.77 -29.46
N LEU D 78 -34.90 -38.25 -28.51
CA LEU D 78 -35.30 -38.17 -27.12
C LEU D 78 -35.54 -36.68 -26.76
N PHE D 79 -36.54 -36.39 -25.92
CA PHE D 79 -36.91 -35.01 -25.59
C PHE D 79 -37.13 -34.70 -24.14
N LEU D 80 -36.76 -33.48 -23.75
CA LEU D 80 -36.99 -33.01 -22.39
C LEU D 80 -37.64 -31.65 -22.48
N GLU D 81 -38.89 -31.56 -22.01
CA GLU D 81 -39.68 -30.32 -21.99
C GLU D 81 -39.58 -29.70 -20.62
N MET D 82 -38.86 -28.58 -20.56
CA MET D 82 -38.48 -27.85 -19.37
C MET D 82 -39.27 -26.59 -19.21
N SER D 83 -40.20 -26.60 -18.26
CA SER D 83 -41.04 -25.45 -18.00
C SER D 83 -40.79 -24.91 -16.63
N SER D 84 -41.25 -23.67 -16.38
CA SER D 84 -41.15 -22.94 -15.10
C SER D 84 -39.72 -22.97 -14.60
N LEU D 85 -38.77 -22.72 -15.50
CA LEU D 85 -37.36 -22.77 -15.20
C LEU D 85 -36.92 -21.80 -14.08
N ARG D 86 -35.91 -22.22 -13.33
CA ARG D 86 -35.37 -21.50 -12.18
C ARG D 86 -33.85 -21.42 -12.33
N ILE D 87 -33.19 -20.45 -11.67
CA ILE D 87 -31.75 -20.25 -11.73
C ILE D 87 -30.97 -21.55 -11.41
N GLU D 88 -31.50 -22.34 -10.48
CA GLU D 88 -30.95 -23.62 -10.04
C GLU D 88 -30.86 -24.69 -11.15
N ASP D 89 -31.60 -24.48 -12.25
CA ASP D 89 -31.61 -25.41 -13.38
C ASP D 89 -30.48 -25.13 -14.38
N THR D 90 -29.67 -24.08 -14.12
CA THR D 90 -28.54 -23.72 -14.97
C THR D 90 -27.58 -24.91 -14.93
N ALA D 91 -27.34 -25.54 -16.11
CA ALA D 91 -26.48 -26.72 -16.23
C ALA D 91 -26.28 -27.11 -17.67
N VAL D 92 -25.35 -28.04 -17.91
CA VAL D 92 -25.14 -28.62 -19.23
C VAL D 92 -25.93 -29.91 -19.18
N TYR D 93 -26.86 -30.06 -20.11
CA TYR D 93 -27.73 -31.22 -20.11
C TYR D 93 -27.25 -32.28 -21.09
N TYR D 94 -26.84 -33.41 -20.53
CA TYR D 94 -26.35 -34.57 -21.28
C TYR D 94 -27.42 -35.66 -21.41
N CYS D 95 -27.56 -36.17 -22.61
CA CYS D 95 -28.47 -37.25 -22.93
C CYS D 95 -27.62 -38.52 -22.95
N ALA D 96 -28.07 -39.58 -22.22
CA ALA D 96 -27.31 -40.84 -22.08
C ALA D 96 -28.13 -42.13 -22.20
N LYS D 97 -27.50 -43.17 -22.78
CA LYS D 97 -28.11 -44.48 -23.01
C LYS D 97 -27.78 -45.44 -21.88
N ASP D 98 -28.82 -46.08 -21.32
CA ASP D 98 -28.68 -47.07 -20.25
C ASP D 98 -28.20 -48.39 -20.82
N LEU D 99 -27.16 -48.95 -20.18
CA LEU D 99 -26.50 -50.23 -20.49
C LEU D 99 -27.48 -51.43 -20.44
N SER D 100 -28.61 -51.28 -19.67
CA SER D 100 -29.66 -52.27 -19.51
C SER D 100 -30.09 -52.85 -20.86
N PRO D 101 -30.11 -54.21 -20.99
CA PRO D 101 -30.51 -54.83 -22.25
C PRO D 101 -31.98 -54.58 -22.58
N PRO D 102 -32.44 -55.00 -23.78
CA PRO D 102 -33.84 -54.77 -24.14
C PRO D 102 -34.84 -55.37 -23.14
N TYR D 103 -35.82 -54.50 -22.81
CA TYR D 103 -36.96 -54.75 -21.94
C TYR D 103 -36.57 -55.06 -20.49
N SER D 104 -35.27 -54.94 -20.17
CA SER D 104 -34.74 -55.08 -18.82
C SER D 104 -34.92 -53.74 -18.10
N TYR D 105 -35.09 -53.76 -16.76
CA TYR D 105 -35.22 -52.53 -15.95
C TYR D 105 -33.90 -51.79 -15.99
N ALA D 106 -33.96 -50.44 -16.01
CA ALA D 106 -32.82 -49.50 -16.09
C ALA D 106 -31.77 -49.80 -15.08
N TRP D 107 -30.58 -50.11 -15.58
CA TRP D 107 -29.43 -50.49 -14.83
C TRP D 107 -28.73 -49.30 -14.15
N ASP D 108 -29.19 -48.08 -14.48
CA ASP D 108 -28.64 -46.81 -14.00
C ASP D 108 -27.10 -46.71 -14.33
N ILE D 109 -26.60 -47.47 -15.37
CA ILE D 109 -25.23 -47.44 -15.91
C ILE D 109 -25.31 -46.70 -17.25
N PHE D 110 -24.65 -45.53 -17.36
CA PHE D 110 -24.68 -44.67 -18.53
C PHE D 110 -23.55 -44.95 -19.50
N GLN D 111 -23.81 -45.90 -20.40
CA GLN D 111 -22.96 -46.45 -21.45
C GLN D 111 -22.44 -45.39 -22.39
N TYR D 112 -23.35 -44.64 -23.03
CA TYR D 112 -23.03 -43.62 -24.01
C TYR D 112 -23.61 -42.26 -23.65
N TRP D 113 -22.81 -41.19 -23.79
CA TRP D 113 -23.26 -39.84 -23.49
C TRP D 113 -23.10 -38.97 -24.71
N GLY D 114 -23.93 -37.93 -24.80
CA GLY D 114 -23.84 -36.94 -25.86
C GLY D 114 -22.89 -35.83 -25.44
N GLN D 115 -22.66 -34.81 -26.31
CA GLN D 115 -21.73 -33.73 -25.99
C GLN D 115 -22.30 -32.70 -24.96
N GLY D 116 -23.62 -32.70 -24.79
CA GLY D 116 -24.33 -31.86 -23.84
C GLY D 116 -24.72 -30.52 -24.40
N SER D 117 -25.86 -29.97 -23.96
CA SER D 117 -26.31 -28.65 -24.39
C SER D 117 -26.43 -27.71 -23.20
N LEU D 118 -25.91 -26.49 -23.31
CA LEU D 118 -25.98 -25.59 -22.18
C LEU D 118 -27.30 -24.94 -22.05
N VAL D 119 -27.77 -24.84 -20.82
CA VAL D 119 -29.02 -24.20 -20.47
C VAL D 119 -28.73 -23.24 -19.31
N THR D 120 -28.93 -21.96 -19.57
CA THR D 120 -28.68 -20.87 -18.64
C THR D 120 -30.00 -20.18 -18.26
N VAL D 121 -30.26 -20.07 -16.94
CA VAL D 121 -31.44 -19.35 -16.45
C VAL D 121 -31.01 -18.07 -15.69
N SER D 122 -31.50 -16.83 -16.07
CA SER D 122 -30.96 -15.60 -15.46
C SER D 122 -31.88 -14.46 -14.97
N GLY D 123 -32.60 -13.83 -15.91
CA GLY D 123 -33.44 -12.65 -15.65
C GLY D 123 -32.72 -11.42 -16.14
N ALA D 124 -31.38 -11.52 -16.21
CA ALA D 124 -30.44 -10.53 -16.68
C ALA D 124 -30.67 -10.30 -18.17
N SER D 125 -30.86 -9.02 -18.56
CA SER D 125 -31.15 -8.56 -19.92
C SER D 125 -29.93 -8.67 -20.81
N THR D 126 -30.04 -9.09 -22.09
CA THR D 126 -28.91 -9.13 -23.04
C THR D 126 -28.25 -7.75 -23.11
N LYS D 127 -26.95 -7.69 -22.79
CA LYS D 127 -26.16 -6.47 -22.75
C LYS D 127 -24.82 -6.64 -23.44
N GLY D 128 -24.45 -5.66 -24.25
CA GLY D 128 -23.19 -5.65 -24.96
C GLY D 128 -22.02 -5.29 -24.06
N PRO D 129 -20.81 -5.77 -24.39
CA PRO D 129 -19.65 -5.45 -23.56
C PRO D 129 -19.04 -4.08 -23.78
N SER D 130 -18.44 -3.54 -22.73
CA SER D 130 -17.74 -2.28 -22.72
C SER D 130 -16.26 -2.70 -22.74
N VAL D 131 -15.48 -2.29 -23.76
CA VAL D 131 -14.10 -2.74 -23.88
C VAL D 131 -13.10 -1.66 -23.53
N PHE D 132 -12.42 -1.80 -22.40
CA PHE D 132 -11.41 -0.84 -21.99
C PHE D 132 -10.04 -1.44 -22.12
N PRO D 133 -9.02 -0.63 -22.42
CA PRO D 133 -7.69 -1.17 -22.56
C PRO D 133 -6.91 -1.28 -21.26
N LEU D 134 -6.02 -2.28 -21.26
CA LEU D 134 -5.11 -2.55 -20.18
C LEU D 134 -3.76 -2.21 -20.80
N ALA D 135 -3.45 -0.92 -20.61
CA ALA D 135 -2.30 -0.22 -21.15
C ALA D 135 -0.98 -0.65 -20.55
N PRO D 136 -0.03 -1.00 -21.41
CA PRO D 136 1.29 -1.41 -20.92
C PRO D 136 2.06 -0.32 -20.14
N SER D 137 2.91 -0.75 -19.17
CA SER D 137 3.74 0.08 -18.30
C SER D 137 5.23 -0.03 -18.68
N GLY D 144 12.30 -6.68 -20.18
CA GLY D 144 12.51 -6.90 -21.60
C GLY D 144 11.26 -7.29 -22.38
N THR D 145 10.20 -7.65 -21.63
CA THR D 145 8.90 -8.02 -22.19
C THR D 145 7.81 -7.17 -21.51
N ALA D 146 6.74 -6.89 -22.27
CA ALA D 146 5.61 -6.08 -21.83
C ALA D 146 4.28 -6.81 -21.93
N ALA D 147 3.33 -6.46 -21.05
CA ALA D 147 2.00 -7.06 -21.06
C ALA D 147 0.95 -6.03 -21.47
N LEU D 148 0.15 -6.38 -22.49
CA LEU D 148 -0.94 -5.58 -23.07
C LEU D 148 -2.22 -6.31 -22.85
N GLY D 149 -3.33 -5.59 -22.78
CA GLY D 149 -4.59 -6.28 -22.58
C GLY D 149 -5.85 -5.54 -22.90
N CYS D 150 -6.97 -6.25 -22.71
CA CYS D 150 -8.32 -5.80 -22.95
C CYS D 150 -9.22 -6.29 -21.87
N LEU D 151 -9.92 -5.38 -21.24
CA LEU D 151 -10.92 -5.76 -20.25
C LEU D 151 -12.23 -5.74 -21.00
N VAL D 152 -13.03 -6.81 -20.92
CA VAL D 152 -14.33 -6.91 -21.58
C VAL D 152 -15.36 -6.99 -20.46
N LYS D 153 -15.72 -5.83 -19.93
CA LYS D 153 -16.61 -5.70 -18.79
C LYS D 153 -18.09 -5.55 -19.13
N ASP D 154 -18.96 -6.01 -18.19
CA ASP D 154 -20.42 -5.93 -18.19
C ASP D 154 -21.09 -6.36 -19.49
N TYR D 155 -21.31 -7.67 -19.62
CA TYR D 155 -21.99 -8.28 -20.76
C TYR D 155 -22.89 -9.44 -20.34
N PHE D 156 -23.81 -9.81 -21.23
CA PHE D 156 -24.75 -10.90 -21.03
C PHE D 156 -25.47 -11.30 -22.32
N PRO D 157 -25.64 -12.59 -22.60
CA PRO D 157 -25.09 -13.75 -21.88
C PRO D 157 -23.72 -14.09 -22.45
N GLU D 158 -23.20 -15.24 -22.06
CA GLU D 158 -21.96 -15.73 -22.58
C GLU D 158 -22.26 -16.20 -24.04
N PRO D 159 -21.33 -16.22 -25.01
CA PRO D 159 -19.89 -15.98 -24.90
C PRO D 159 -19.44 -14.72 -25.61
N VAL D 160 -18.16 -14.38 -25.43
CA VAL D 160 -17.54 -13.28 -26.14
C VAL D 160 -16.25 -13.81 -26.78
N THR D 161 -15.88 -13.36 -27.99
CA THR D 161 -14.67 -13.83 -28.72
C THR D 161 -13.66 -12.72 -28.89
N VAL D 162 -12.45 -12.94 -28.38
CA VAL D 162 -11.38 -11.96 -28.49
C VAL D 162 -10.27 -12.52 -29.35
N SER D 163 -9.85 -11.73 -30.34
CA SER D 163 -8.73 -12.04 -31.23
C SER D 163 -7.82 -10.82 -31.24
N TRP D 164 -6.52 -11.01 -31.47
CA TRP D 164 -5.61 -9.87 -31.46
C TRP D 164 -5.01 -9.64 -32.81
N ASN D 165 -5.01 -8.35 -33.27
CA ASN D 165 -4.54 -7.91 -34.58
C ASN D 165 -5.25 -8.69 -35.69
N SER D 166 -6.57 -8.89 -35.50
CA SER D 166 -7.55 -9.60 -36.36
C SER D 166 -7.15 -11.06 -36.69
N GLY D 167 -6.56 -11.73 -35.72
CA GLY D 167 -6.12 -13.11 -35.85
C GLY D 167 -4.67 -13.31 -36.21
N ALA D 168 -3.94 -12.19 -36.44
CA ALA D 168 -2.51 -12.22 -36.75
C ALA D 168 -1.68 -12.56 -35.50
N LEU D 169 -1.99 -11.87 -34.37
CA LEU D 169 -1.33 -12.07 -33.08
C LEU D 169 -1.94 -13.28 -32.39
N THR D 170 -1.12 -14.31 -32.20
CA THR D 170 -1.57 -15.55 -31.61
C THR D 170 -0.78 -16.01 -30.40
N SER D 171 0.56 -15.98 -30.51
CA SER D 171 1.45 -16.46 -29.47
C SER D 171 1.45 -15.56 -28.21
N GLY D 172 1.34 -16.21 -27.05
CA GLY D 172 1.32 -15.53 -25.76
C GLY D 172 0.03 -14.78 -25.48
N VAL D 173 -1.08 -15.23 -26.09
CA VAL D 173 -2.39 -14.64 -25.87
C VAL D 173 -3.08 -15.46 -24.81
N HIS D 174 -3.43 -14.85 -23.69
CA HIS D 174 -4.15 -15.53 -22.63
C HIS D 174 -5.49 -14.89 -22.46
N THR D 175 -6.57 -15.60 -22.78
CA THR D 175 -7.91 -15.07 -22.61
C THR D 175 -8.55 -15.80 -21.47
N PHE D 176 -8.69 -15.10 -20.35
CA PHE D 176 -9.23 -15.60 -19.09
C PHE D 176 -10.70 -15.92 -19.17
N PRO D 177 -11.15 -16.96 -18.46
CA PRO D 177 -12.59 -17.28 -18.47
C PRO D 177 -13.41 -16.20 -17.81
N ALA D 178 -14.66 -16.06 -18.27
CA ALA D 178 -15.59 -15.07 -17.77
C ALA D 178 -15.92 -15.32 -16.30
N VAL D 179 -16.06 -14.23 -15.55
CA VAL D 179 -16.36 -14.19 -14.12
C VAL D 179 -17.75 -13.54 -14.00
N LEU D 180 -18.72 -14.23 -13.37
CA LEU D 180 -20.03 -13.62 -13.22
C LEU D 180 -20.02 -12.75 -11.98
N GLN D 181 -20.25 -11.44 -12.16
CA GLN D 181 -20.27 -10.42 -11.10
C GLN D 181 -21.58 -10.47 -10.32
N SER D 182 -21.67 -9.66 -9.24
CA SER D 182 -22.86 -9.54 -8.38
C SER D 182 -24.07 -9.10 -9.22
N SER D 183 -23.83 -8.17 -10.16
CA SER D 183 -24.78 -7.62 -11.12
C SER D 183 -25.54 -8.68 -11.90
N GLY D 184 -24.90 -9.82 -12.13
CA GLY D 184 -25.46 -10.91 -12.91
C GLY D 184 -24.92 -10.83 -14.32
N LEU D 185 -23.96 -9.89 -14.53
CA LEU D 185 -23.25 -9.62 -15.79
C LEU D 185 -21.84 -10.18 -15.73
N TYR D 186 -21.37 -10.71 -16.87
CA TYR D 186 -20.03 -11.27 -17.01
C TYR D 186 -18.94 -10.22 -17.26
N SER D 187 -17.75 -10.48 -16.75
CA SER D 187 -16.56 -9.64 -16.95
C SER D 187 -15.46 -10.60 -17.38
N LEU D 188 -14.68 -10.24 -18.38
CA LEU D 188 -13.63 -11.12 -18.90
C LEU D 188 -12.37 -10.30 -19.17
N SER D 189 -11.21 -10.92 -19.10
CA SER D 189 -10.00 -10.20 -19.39
C SER D 189 -9.21 -10.95 -20.45
N SER D 190 -8.51 -10.25 -21.33
CA SER D 190 -7.67 -10.89 -22.34
C SER D 190 -6.34 -10.17 -22.39
N VAL D 191 -5.25 -10.93 -22.44
CA VAL D 191 -3.91 -10.36 -22.40
C VAL D 191 -2.98 -10.97 -23.41
N VAL D 192 -1.89 -10.22 -23.72
CA VAL D 192 -0.79 -10.64 -24.59
C VAL D 192 0.54 -10.12 -24.07
N THR D 193 1.57 -10.99 -24.17
CA THR D 193 2.96 -10.62 -23.86
C THR D 193 3.66 -10.40 -25.17
N VAL D 194 4.33 -9.24 -25.26
CA VAL D 194 5.00 -8.70 -26.46
C VAL D 194 6.39 -8.17 -26.07
N PRO D 195 7.43 -8.18 -26.97
CA PRO D 195 8.71 -7.56 -26.60
C PRO D 195 8.53 -6.05 -26.44
N SER D 196 9.20 -5.51 -25.42
CA SER D 196 9.19 -4.09 -25.05
C SER D 196 9.54 -3.16 -26.24
N SER D 197 10.52 -3.59 -27.04
CA SER D 197 11.04 -2.91 -28.24
C SER D 197 9.99 -2.65 -29.33
N SER D 198 9.02 -3.56 -29.48
CA SER D 198 7.97 -3.45 -30.50
C SER D 198 6.91 -2.42 -30.17
N LEU D 199 6.70 -2.10 -28.88
CA LEU D 199 5.69 -1.16 -28.41
C LEU D 199 5.59 0.17 -29.16
N GLY D 200 6.73 0.73 -29.55
CA GLY D 200 6.78 2.00 -30.28
C GLY D 200 6.30 1.91 -31.71
N THR D 201 6.65 0.80 -32.36
CA THR D 201 6.36 0.50 -33.76
C THR D 201 4.98 -0.12 -33.98
N GLN D 202 4.84 -1.39 -33.59
CA GLN D 202 3.67 -2.25 -33.73
C GLN D 202 2.38 -1.65 -33.14
N THR D 203 1.27 -1.96 -33.83
CA THR D 203 -0.09 -1.53 -33.50
C THR D 203 -0.81 -2.72 -32.88
N TYR D 204 -1.28 -2.57 -31.62
CA TYR D 204 -1.98 -3.66 -30.94
C TYR D 204 -3.47 -3.31 -30.74
N ILE D 205 -4.38 -4.13 -31.38
CA ILE D 205 -5.84 -3.98 -31.36
C ILE D 205 -6.54 -5.30 -31.08
N CYS D 206 -7.33 -5.35 -29.99
CA CYS D 206 -8.11 -6.54 -29.69
C CYS D 206 -9.45 -6.40 -30.39
N ASN D 207 -9.90 -7.50 -30.98
CA ASN D 207 -11.15 -7.57 -31.73
C ASN D 207 -12.14 -8.43 -30.95
N VAL D 208 -13.01 -7.74 -30.21
CA VAL D 208 -14.03 -8.32 -29.34
C VAL D 208 -15.30 -8.57 -30.14
N ASN D 209 -15.92 -9.74 -29.96
CA ASN D 209 -17.17 -10.07 -30.64
C ASN D 209 -18.18 -10.79 -29.75
N HIS D 210 -19.30 -10.11 -29.48
CA HIS D 210 -20.43 -10.60 -28.69
C HIS D 210 -21.65 -10.65 -29.63
N LYS D 211 -21.87 -11.83 -30.23
CA LYS D 211 -22.98 -12.09 -31.15
C LYS D 211 -24.37 -11.86 -30.48
N PRO D 212 -24.60 -12.25 -29.15
CA PRO D 212 -25.91 -12.00 -28.50
C PRO D 212 -26.44 -10.52 -28.47
N SER D 213 -25.57 -9.54 -28.39
CA SER D 213 -25.98 -8.13 -28.41
C SER D 213 -25.61 -7.50 -29.77
N ASN D 214 -25.06 -8.35 -30.67
CA ASN D 214 -24.62 -8.03 -32.04
C ASN D 214 -23.51 -6.94 -32.05
N THR D 215 -22.69 -6.94 -31.00
CA THR D 215 -21.58 -5.99 -30.86
C THR D 215 -20.33 -6.60 -31.49
N LYS D 216 -19.49 -5.74 -32.05
CA LYS D 216 -18.18 -6.10 -32.58
C LYS D 216 -17.33 -4.88 -32.41
N VAL D 217 -16.55 -4.82 -31.32
CA VAL D 217 -15.70 -3.67 -31.04
C VAL D 217 -14.26 -4.02 -31.40
N ASP D 218 -13.49 -3.03 -31.86
CA ASP D 218 -12.08 -3.17 -32.15
C ASP D 218 -11.45 -2.04 -31.33
N LYS D 219 -10.65 -2.36 -30.28
CA LYS D 219 -10.03 -1.31 -29.47
C LYS D 219 -8.53 -1.38 -29.55
N ARG D 220 -7.91 -0.23 -29.79
CA ARG D 220 -6.46 -0.15 -29.86
C ARG D 220 -5.93 0.10 -28.44
N VAL D 221 -4.92 -0.67 -28.07
CA VAL D 221 -4.28 -0.56 -26.78
C VAL D 221 -3.04 0.27 -27.01
N GLU D 222 -3.05 1.47 -26.43
CA GLU D 222 -2.01 2.47 -26.56
C GLU D 222 -1.14 2.53 -25.29
N PRO D 223 0.22 2.49 -25.39
CA PRO D 223 1.06 2.54 -24.19
C PRO D 223 0.83 3.83 -23.42
N LYS D 224 0.78 3.75 -22.09
CA LYS D 224 0.56 4.93 -21.25
C LYS D 224 1.82 5.79 -21.29
N SER D 225 1.72 6.97 -21.98
CA SER D 225 2.83 7.94 -22.12
C SER D 225 2.68 9.18 -21.15
N CYS D 226 3.58 9.19 -20.12
CA CYS D 226 3.68 10.19 -19.06
C CYS D 226 4.88 11.13 -19.30
N ASP E 1 62.27 10.49 10.61
CA ASP E 1 62.24 10.75 9.19
C ASP E 1 62.93 9.59 8.39
N ILE E 2 63.03 9.72 7.04
CA ILE E 2 63.55 8.70 6.14
C ILE E 2 65.06 8.66 6.13
N VAL E 3 65.61 7.43 6.24
CA VAL E 3 67.03 7.15 6.26
C VAL E 3 67.45 6.37 5.01
N MET E 4 68.38 6.98 4.26
CA MET E 4 68.99 6.48 3.02
C MET E 4 70.22 5.68 3.31
N THR E 5 70.35 4.51 2.67
CA THR E 5 71.53 3.70 2.91
C THR E 5 72.06 3.07 1.62
N GLN E 6 73.33 3.38 1.37
CA GLN E 6 74.05 2.99 0.18
C GLN E 6 75.12 2.00 0.38
N SER E 7 75.05 1.00 -0.47
CA SER E 7 75.92 -0.15 -0.49
C SER E 7 76.48 -0.37 -1.90
N PRO E 8 77.80 -0.62 -2.10
CA PRO E 8 78.88 -0.69 -1.09
C PRO E 8 79.47 0.68 -0.80
N GLU E 9 80.46 0.79 0.11
CA GLU E 9 81.05 2.10 0.37
C GLU E 9 81.94 2.56 -0.76
N SER E 10 82.48 1.61 -1.51
CA SER E 10 83.33 1.84 -2.66
C SER E 10 83.44 0.59 -3.46
N LEU E 11 83.29 0.72 -4.75
CA LEU E 11 83.44 -0.42 -5.60
C LEU E 11 84.40 -0.13 -6.71
N ALA E 12 85.00 -1.22 -7.21
CA ALA E 12 85.96 -1.18 -8.29
C ALA E 12 85.51 -2.06 -9.45
N VAL E 13 85.41 -1.43 -10.65
CA VAL E 13 85.06 -2.11 -11.89
C VAL E 13 86.02 -1.68 -12.96
N SER E 14 86.41 -2.60 -13.83
CA SER E 14 87.35 -2.29 -14.90
C SER E 14 86.70 -1.42 -15.99
N LEU E 15 87.53 -0.83 -16.87
CA LEU E 15 86.99 -0.01 -17.94
C LEU E 15 86.12 -0.88 -18.85
N GLY E 16 84.86 -0.46 -19.03
CA GLY E 16 83.92 -1.15 -19.89
C GLY E 16 82.88 -2.04 -19.23
N GLU E 17 83.19 -2.56 -18.02
CA GLU E 17 82.29 -3.44 -17.26
C GLU E 17 81.10 -2.67 -16.65
N ARG E 18 80.13 -3.41 -16.11
CA ARG E 18 78.96 -2.83 -15.49
C ARG E 18 79.24 -2.51 -14.04
N ALA E 19 78.81 -1.34 -13.62
CA ALA E 19 78.91 -0.92 -12.25
C ALA E 19 77.51 -0.98 -11.68
N THR E 20 77.36 -1.31 -10.40
CA THR E 20 76.05 -1.41 -9.77
C THR E 20 76.06 -0.90 -8.37
N ILE E 21 75.34 0.19 -8.13
CA ILE E 21 75.23 0.77 -6.79
C ILE E 21 73.84 0.52 -6.25
N ASN E 22 73.77 0.02 -5.00
CA ASN E 22 72.51 -0.24 -4.33
C ASN E 22 72.14 0.88 -3.32
N CYS E 23 70.84 1.17 -3.24
CA CYS E 23 70.29 2.18 -2.36
C CYS E 23 69.09 1.60 -1.69
N LYS E 24 68.96 1.80 -0.39
CA LYS E 24 67.84 1.29 0.38
C LYS E 24 67.28 2.34 1.32
N SER E 25 65.95 2.48 1.31
CA SER E 25 65.22 3.44 2.11
C SER E 25 64.59 2.75 3.29
N SER E 26 64.50 3.48 4.43
CA SER E 26 63.90 3.00 5.68
C SER E 26 62.35 2.91 5.64
N GLN E 27 61.71 3.64 4.70
CA GLN E 27 60.25 3.70 4.48
C GLN E 27 60.04 3.79 2.97
N SER E 28 58.97 3.17 2.43
CA SER E 28 58.72 3.24 0.99
C SER E 28 58.61 4.68 0.51
N VAL E 29 59.06 4.92 -0.73
CA VAL E 29 58.98 6.27 -1.31
C VAL E 29 58.07 6.24 -2.51
N LEU E 30 57.09 5.29 -2.46
CA LEU E 30 56.12 5.07 -3.51
C LEU E 30 54.75 5.74 -3.26
N TYR E 31 54.30 6.44 -4.33
CA TYR E 31 53.02 7.11 -4.57
C TYR E 31 52.28 6.11 -5.48
N SER E 32 51.31 5.42 -4.90
CA SER E 32 50.63 4.37 -5.62
C SER E 32 49.46 4.86 -6.51
N SER E 33 48.42 3.97 -6.55
CA SER E 33 47.12 4.02 -7.22
C SER E 33 47.15 4.88 -8.48
N ARG E 34 46.24 5.88 -8.63
CA ARG E 34 46.18 6.76 -9.79
C ARG E 34 45.98 5.91 -11.12
N SER E 35 47.11 5.57 -11.78
CA SER E 35 47.37 4.79 -13.01
C SER E 35 48.93 4.65 -13.04
N ASP E 36 49.58 5.80 -12.71
CA ASP E 36 51.01 5.98 -12.61
C ASP E 36 51.49 5.79 -11.18
N ASN E 37 52.50 4.91 -11.05
CA ASN E 37 53.19 4.61 -9.81
C ASN E 37 54.59 5.24 -9.88
N LYS E 38 54.75 6.33 -9.13
CA LYS E 38 55.95 7.18 -9.08
C LYS E 38 56.79 6.97 -7.81
N ASP E 39 58.13 6.77 -8.01
CA ASP E 39 59.13 6.59 -6.94
C ASP E 39 59.93 7.90 -6.74
N TYR E 40 59.77 8.50 -5.54
CA TYR E 40 60.34 9.81 -5.16
C TYR E 40 61.81 9.73 -4.76
N LEU E 41 62.66 9.29 -5.74
CA LEU E 41 64.10 9.06 -5.61
C LEU E 41 64.94 9.66 -6.72
N ALA E 42 66.07 10.29 -6.33
CA ALA E 42 67.00 10.94 -7.26
C ALA E 42 68.43 10.44 -7.07
N TRP E 43 69.24 10.47 -8.15
CA TRP E 43 70.63 10.04 -8.14
C TRP E 43 71.54 11.21 -8.54
N TYR E 44 72.71 11.35 -7.88
CA TYR E 44 73.63 12.44 -8.18
C TYR E 44 75.09 11.95 -8.34
N GLN E 45 75.87 12.60 -9.24
CA GLN E 45 77.31 12.33 -9.52
C GLN E 45 78.17 13.50 -9.07
N GLN E 46 79.12 13.22 -8.18
CA GLN E 46 80.00 14.24 -7.65
C GLN E 46 81.44 13.82 -7.83
N LYS E 47 82.12 14.45 -8.81
CA LYS E 47 83.54 14.26 -9.05
C LYS E 47 84.30 15.21 -8.05
N PRO E 48 85.63 15.04 -7.84
CA PRO E 48 86.33 15.89 -6.84
C PRO E 48 86.28 17.41 -7.03
N GLY E 49 85.94 18.09 -5.94
CA GLY E 49 85.83 19.55 -5.86
C GLY E 49 84.66 20.13 -6.62
N GLN E 50 84.41 19.61 -7.84
CA GLN E 50 83.36 19.96 -8.78
C GLN E 50 81.95 19.98 -8.18
N SER E 51 81.07 20.70 -8.88
CA SER E 51 79.68 20.81 -8.51
C SER E 51 78.99 19.46 -8.71
N PRO E 52 78.32 18.92 -7.66
CA PRO E 52 77.54 17.68 -7.84
C PRO E 52 76.45 17.88 -8.92
N LYS E 53 76.16 16.85 -9.71
CA LYS E 53 75.20 16.99 -10.81
C LYS E 53 74.01 16.03 -10.65
N LEU E 54 72.81 16.44 -11.12
CA LEU E 54 71.62 15.56 -11.05
C LEU E 54 71.58 14.61 -12.24
N LEU E 55 71.52 13.31 -11.98
CA LEU E 55 71.52 12.27 -13.02
C LEU E 55 70.14 11.74 -13.35
N ILE E 56 69.49 11.16 -12.34
CA ILE E 56 68.21 10.49 -12.44
C ILE E 56 67.25 11.06 -11.39
N TYR E 57 65.95 11.12 -11.75
CA TYR E 57 64.81 11.48 -10.87
C TYR E 57 63.65 10.57 -11.22
N TRP E 58 62.69 10.39 -10.29
CA TRP E 58 61.58 9.43 -10.41
C TRP E 58 62.17 8.04 -10.50
N ALA E 59 63.38 7.89 -9.93
CA ALA E 59 64.22 6.69 -9.82
C ALA E 59 64.63 6.08 -11.15
N SER E 60 63.96 6.46 -12.28
CA SER E 60 64.24 5.90 -13.62
C SER E 60 64.39 6.92 -14.74
N THR E 61 63.91 8.14 -14.53
CA THR E 61 63.98 9.16 -15.56
C THR E 61 65.32 9.89 -15.57
N ARG E 62 66.01 9.85 -16.72
CA ARG E 62 67.30 10.50 -16.97
C ARG E 62 67.12 12.02 -17.10
N GLU E 63 67.97 12.81 -16.41
CA GLU E 63 67.94 14.26 -16.53
C GLU E 63 68.57 14.58 -17.89
N SER E 64 68.06 15.63 -18.56
CA SER E 64 68.50 16.10 -19.87
C SER E 64 70.03 16.10 -20.05
N GLY E 65 70.49 15.32 -21.02
CA GLY E 65 71.90 15.22 -21.35
C GLY E 65 72.68 14.09 -20.72
N VAL E 66 72.09 13.37 -19.75
CA VAL E 66 72.75 12.24 -19.09
C VAL E 66 72.88 11.09 -20.11
N PRO E 67 74.10 10.54 -20.38
CA PRO E 67 74.23 9.49 -21.41
C PRO E 67 73.46 8.26 -21.05
N GLU E 68 73.06 7.52 -22.08
CA GLU E 68 72.22 6.34 -21.90
C GLU E 68 72.92 5.19 -21.19
N ARG E 69 74.26 5.27 -20.98
CA ARG E 69 74.92 4.22 -20.22
C ARG E 69 74.49 4.22 -18.72
N PHE E 70 73.99 5.37 -18.23
CA PHE E 70 73.46 5.49 -16.88
C PHE E 70 72.01 5.02 -16.87
N THR E 71 71.73 3.98 -16.08
CA THR E 71 70.41 3.39 -15.95
C THR E 71 69.95 3.43 -14.49
N GLY E 72 68.85 4.12 -14.23
CA GLY E 72 68.23 4.16 -12.91
C GLY E 72 67.14 3.09 -12.83
N SER E 73 67.06 2.35 -11.69
CA SER E 73 66.04 1.29 -11.52
C SER E 73 65.61 1.06 -10.05
N GLY E 74 64.58 0.23 -9.86
CA GLY E 74 64.04 -0.13 -8.55
C GLY E 74 62.64 0.38 -8.25
N SER E 75 62.09 -0.03 -7.06
CA SER E 75 60.77 0.36 -6.57
C SER E 75 60.58 0.19 -5.05
N GLY E 76 59.87 1.16 -4.47
CA GLY E 76 59.50 1.21 -3.06
C GLY E 76 60.61 1.42 -2.06
N THR E 77 61.37 0.36 -1.77
CA THR E 77 62.43 0.46 -0.76
C THR E 77 63.81 0.18 -1.36
N ASP E 78 63.90 -0.58 -2.45
CA ASP E 78 65.20 -0.94 -3.02
C ASP E 78 65.45 -0.37 -4.40
N PHE E 79 66.58 0.38 -4.53
CA PHE E 79 67.00 1.07 -5.77
C PHE E 79 68.39 0.75 -6.20
N THR E 80 68.63 0.87 -7.51
CA THR E 80 69.88 0.54 -8.17
C THR E 80 70.23 1.51 -9.27
N LEU E 81 71.47 1.95 -9.31
CA LEU E 81 72.03 2.80 -10.35
C LEU E 81 73.08 1.95 -11.07
N SER E 82 72.88 1.72 -12.38
CA SER E 82 73.79 0.90 -13.17
C SER E 82 74.51 1.72 -14.23
N ILE E 83 75.84 1.58 -14.33
CA ILE E 83 76.60 2.26 -15.38
C ILE E 83 77.01 1.18 -16.32
N SER E 84 76.24 1.07 -17.42
CA SER E 84 76.32 0.05 -18.47
C SER E 84 77.75 -0.23 -18.93
N SER E 85 78.56 0.81 -19.21
CA SER E 85 79.93 0.59 -19.61
C SER E 85 80.80 1.68 -19.01
N LEU E 86 81.55 1.36 -17.93
CA LEU E 86 82.36 2.33 -17.21
C LEU E 86 83.46 2.95 -18.06
N GLN E 87 83.53 4.29 -18.00
CA GLN E 87 84.51 5.17 -18.67
C GLN E 87 85.34 5.85 -17.64
N ALA E 88 86.59 6.19 -17.98
CA ALA E 88 87.51 6.86 -17.05
C ALA E 88 86.87 8.06 -16.32
N GLU E 89 86.03 8.77 -17.08
CA GLU E 89 85.26 9.96 -16.71
C GLU E 89 84.25 9.69 -15.58
N ASP E 90 83.69 8.47 -15.55
CA ASP E 90 82.70 8.02 -14.58
C ASP E 90 83.23 7.79 -13.17
N VAL E 91 84.54 7.95 -12.95
CA VAL E 91 85.10 7.83 -11.61
C VAL E 91 84.56 9.01 -10.79
N ALA E 92 83.86 8.70 -9.67
CA ALA E 92 83.24 9.67 -8.75
C ALA E 92 82.53 8.99 -7.59
N VAL E 93 81.84 9.82 -6.80
CA VAL E 93 80.99 9.45 -5.68
C VAL E 93 79.59 9.57 -6.21
N TYR E 94 78.69 8.67 -5.82
CA TYR E 94 77.31 8.74 -6.28
C TYR E 94 76.37 8.73 -5.11
N TYR E 95 75.46 9.73 -5.00
CA TYR E 95 74.50 9.80 -3.88
C TYR E 95 73.06 9.60 -4.31
N CYS E 96 72.31 8.75 -3.57
CA CYS E 96 70.89 8.59 -3.82
C CYS E 96 70.18 9.51 -2.84
N GLN E 97 69.00 10.03 -3.22
CA GLN E 97 68.24 10.99 -2.42
C GLN E 97 66.72 10.78 -2.50
N GLN E 98 66.07 10.84 -1.33
CA GLN E 98 64.64 10.68 -1.12
C GLN E 98 63.98 12.08 -1.14
N TYR E 99 62.81 12.25 -1.79
CA TYR E 99 62.05 13.52 -1.79
C TYR E 99 60.55 13.32 -1.58
N TYR E 100 60.19 12.12 -1.05
CA TYR E 100 58.84 11.70 -0.71
C TYR E 100 58.34 12.39 0.58
N SER E 101 59.23 12.56 1.58
CA SER E 101 58.90 13.23 2.83
C SER E 101 59.82 14.43 3.03
N SER E 102 59.34 15.40 3.79
CA SER E 102 60.19 16.52 4.15
C SER E 102 60.71 16.20 5.58
N PRO E 103 62.03 16.30 5.84
CA PRO E 103 63.08 16.86 4.97
C PRO E 103 63.71 15.87 3.96
N PRO E 104 64.13 16.37 2.75
CA PRO E 104 64.78 15.48 1.77
C PRO E 104 66.10 14.96 2.34
N THR E 105 66.33 13.63 2.23
CA THR E 105 67.53 12.98 2.80
C THR E 105 68.37 12.25 1.73
N PHE E 106 69.71 12.22 1.95
CA PHE E 106 70.69 11.60 1.04
C PHE E 106 71.39 10.37 1.62
N GLY E 107 71.98 9.58 0.73
CA GLY E 107 72.77 8.43 1.12
C GLY E 107 74.19 8.85 1.48
N GLY E 108 74.96 7.87 1.94
CA GLY E 108 76.35 8.02 2.36
C GLY E 108 77.27 8.13 1.17
N GLY E 109 76.81 7.59 0.05
CA GLY E 109 77.56 7.66 -1.18
C GLY E 109 78.47 6.49 -1.39
N THR E 110 78.63 6.14 -2.66
CA THR E 110 79.41 5.05 -3.20
C THR E 110 80.58 5.62 -4.02
N LYS E 111 81.79 5.16 -3.72
CA LYS E 111 82.97 5.60 -4.45
C LYS E 111 83.23 4.65 -5.59
N VAL E 112 83.29 5.17 -6.77
CA VAL E 112 83.56 4.32 -7.90
C VAL E 112 84.99 4.56 -8.34
N GLU E 113 85.81 3.51 -8.34
CA GLU E 113 87.21 3.55 -8.75
C GLU E 113 87.47 2.44 -9.76
N LEU E 114 88.60 2.51 -10.47
CA LEU E 114 88.95 1.53 -11.48
C LEU E 114 89.57 0.27 -10.87
N LYS E 115 89.22 -0.91 -11.38
CA LYS E 115 89.77 -2.16 -10.91
C LYS E 115 90.95 -2.47 -11.81
N ARG E 116 92.08 -2.81 -11.22
CA ARG E 116 93.31 -3.15 -11.93
C ARG E 116 94.01 -4.35 -11.28
N THR E 117 95.06 -4.88 -11.92
CA THR E 117 95.82 -6.04 -11.43
C THR E 117 96.44 -5.77 -10.07
N VAL E 118 96.73 -6.82 -9.32
CA VAL E 118 97.35 -6.65 -8.01
C VAL E 118 98.72 -6.06 -8.19
N ALA E 119 99.07 -5.15 -7.29
CA ALA E 119 100.37 -4.47 -7.28
C ALA E 119 100.88 -4.44 -5.84
N ALA E 120 102.05 -5.03 -5.62
CA ALA E 120 102.60 -5.12 -4.26
C ALA E 120 103.16 -3.79 -3.77
N PRO E 121 103.04 -3.47 -2.47
CA PRO E 121 103.59 -2.20 -2.01
C PRO E 121 105.07 -2.31 -1.78
N SER E 122 105.79 -1.21 -1.98
CA SER E 122 107.20 -1.12 -1.70
C SER E 122 107.22 -0.53 -0.30
N VAL E 123 107.94 -1.13 0.63
CA VAL E 123 107.88 -0.67 2.02
C VAL E 123 109.14 0.08 2.44
N PHE E 124 108.95 1.21 3.18
CA PHE E 124 110.01 2.06 3.69
C PHE E 124 109.72 2.60 5.05
N ILE E 125 110.73 2.59 5.91
CA ILE E 125 110.63 3.13 7.25
C ILE E 125 111.51 4.39 7.37
N PHE E 126 111.12 5.35 8.24
CA PHE E 126 111.83 6.61 8.49
C PHE E 126 111.88 6.90 9.97
N PRO E 127 113.07 7.12 10.53
CA PRO E 127 113.15 7.43 11.97
C PRO E 127 112.78 8.88 12.21
N PRO E 128 112.43 9.28 13.47
CA PRO E 128 112.13 10.68 13.71
C PRO E 128 113.38 11.49 13.49
N SER E 129 113.26 12.67 12.87
CA SER E 129 114.41 13.54 12.61
C SER E 129 114.99 14.10 13.94
N ASP E 130 116.32 14.36 13.98
CA ASP E 130 117.01 14.91 15.14
C ASP E 130 116.43 16.29 15.48
N GLU E 131 116.08 17.04 14.40
CA GLU E 131 115.43 18.36 14.39
C GLU E 131 114.14 18.26 15.24
N GLN E 132 113.33 17.21 14.99
CA GLN E 132 112.09 16.94 15.71
C GLN E 132 112.38 16.41 17.10
N LEU E 133 113.44 15.60 17.26
CA LEU E 133 113.75 15.04 18.56
C LEU E 133 114.13 16.10 19.58
N LYS E 134 114.84 17.17 19.15
CA LYS E 134 115.17 18.28 20.05
C LYS E 134 113.88 19.06 20.41
N SER E 135 112.86 19.01 19.51
CA SER E 135 111.54 19.64 19.66
C SER E 135 110.65 18.98 20.76
N GLY E 136 111.07 17.83 21.30
CA GLY E 136 110.36 17.14 22.37
C GLY E 136 109.36 16.07 21.97
N THR E 137 109.23 15.80 20.66
CA THR E 137 108.32 14.78 20.12
C THR E 137 109.06 13.84 19.18
N ALA E 138 108.44 12.71 18.83
CA ALA E 138 109.04 11.73 17.92
C ALA E 138 107.97 11.15 16.99
N SER E 139 108.29 11.12 15.68
CA SER E 139 107.37 10.59 14.68
C SER E 139 108.06 9.60 13.75
N VAL E 140 107.68 8.31 13.85
CA VAL E 140 108.18 7.22 13.00
C VAL E 140 107.17 7.07 11.87
N VAL E 141 107.65 7.10 10.63
CA VAL E 141 106.77 7.07 9.48
C VAL E 141 107.01 5.82 8.66
N CYS E 142 105.94 5.23 8.15
CA CYS E 142 106.04 4.08 7.27
C CYS E 142 105.30 4.34 5.96
N LEU E 143 106.01 4.17 4.85
CA LEU E 143 105.46 4.38 3.52
C LEU E 143 105.25 3.06 2.80
N LEU E 144 104.07 2.91 2.21
CA LEU E 144 103.66 1.80 1.36
C LEU E 144 103.48 2.50 0.05
N ASN E 145 104.34 2.20 -0.91
CA ASN E 145 104.32 2.94 -2.15
C ASN E 145 103.86 2.15 -3.35
N ASN E 146 102.93 2.76 -4.10
CA ASN E 146 102.32 2.27 -5.34
C ASN E 146 101.88 0.80 -5.23
N PHE E 147 100.61 0.59 -4.83
CA PHE E 147 100.03 -0.74 -4.68
C PHE E 147 98.57 -0.79 -5.03
N TYR E 148 98.04 -2.00 -5.21
CA TYR E 148 96.64 -2.27 -5.51
C TYR E 148 96.30 -3.67 -5.05
N PRO E 149 95.19 -3.87 -4.35
CA PRO E 149 94.14 -2.91 -3.95
C PRO E 149 94.48 -2.07 -2.73
N ARG E 150 93.60 -1.09 -2.38
CA ARG E 150 93.76 -0.21 -1.22
C ARG E 150 93.93 -0.97 0.10
N GLU E 151 93.38 -2.16 0.16
CA GLU E 151 93.37 -3.02 1.34
C GLU E 151 94.76 -3.58 1.69
N ALA E 152 95.26 -3.21 2.90
CA ALA E 152 96.55 -3.64 3.46
C ALA E 152 96.59 -3.39 4.99
N LYS E 153 97.38 -4.19 5.73
CA LYS E 153 97.49 -4.03 7.18
C LYS E 153 98.85 -3.59 7.65
N VAL E 154 98.89 -2.43 8.28
CA VAL E 154 100.09 -1.85 8.84
C VAL E 154 100.07 -2.10 10.34
N GLN E 155 101.06 -2.83 10.85
CA GLN E 155 101.18 -3.10 12.28
C GLN E 155 102.52 -2.52 12.78
N TRP E 156 102.48 -1.70 13.84
CA TRP E 156 103.72 -1.14 14.36
C TRP E 156 104.21 -1.99 15.53
N LYS E 157 105.55 -2.20 15.66
CA LYS E 157 106.18 -3.00 16.74
C LYS E 157 107.37 -2.33 17.38
N VAL E 158 107.24 -1.97 18.66
CA VAL E 158 108.37 -1.37 19.39
C VAL E 158 108.85 -2.42 20.36
N ASP E 159 110.11 -2.86 20.18
CA ASP E 159 110.73 -3.87 21.05
C ASP E 159 109.79 -5.11 21.16
N ASN E 160 109.32 -5.61 19.97
CA ASN E 160 108.42 -6.77 19.77
C ASN E 160 107.05 -6.67 20.54
N ALA E 161 106.71 -5.46 21.06
CA ALA E 161 105.43 -5.19 21.69
C ALA E 161 104.57 -4.44 20.65
N LEU E 162 103.42 -5.03 20.23
CA LEU E 162 102.55 -4.43 19.20
C LEU E 162 101.93 -3.06 19.61
N GLN E 163 101.81 -2.12 18.65
CA GLN E 163 101.30 -0.77 18.91
C GLN E 163 99.88 -0.55 18.44
N SER E 164 99.09 0.10 19.31
CA SER E 164 97.68 0.41 19.07
C SER E 164 97.27 1.79 19.56
N GLY E 165 96.45 2.46 18.74
CA GLY E 165 95.89 3.77 19.01
C GLY E 165 96.80 4.95 18.72
N ASN E 166 98.12 4.77 18.90
CA ASN E 166 99.18 5.77 18.72
C ASN E 166 99.59 6.04 17.28
N SER E 167 98.98 5.35 16.31
CA SER E 167 99.29 5.50 14.88
C SER E 167 98.12 6.06 14.09
N GLN E 168 98.42 6.79 12.98
CA GLN E 168 97.42 7.37 12.10
C GLN E 168 97.78 7.17 10.65
N GLU E 169 96.78 6.81 9.86
CA GLU E 169 96.99 6.55 8.45
C GLU E 169 96.45 7.65 7.54
N SER E 170 97.04 7.75 6.35
CA SER E 170 96.69 8.70 5.29
C SER E 170 96.84 7.97 3.94
N VAL E 171 95.84 8.04 3.06
CA VAL E 171 95.96 7.33 1.77
C VAL E 171 95.71 8.25 0.64
N THR E 172 96.56 8.18 -0.41
CA THR E 172 96.39 8.96 -1.62
C THR E 172 95.19 8.43 -2.38
N GLU E 173 94.63 9.25 -3.27
CA GLU E 173 93.52 8.82 -4.12
C GLU E 173 94.13 8.04 -5.28
N GLN E 174 93.32 7.19 -5.88
CA GLN E 174 93.75 6.36 -6.98
C GLN E 174 94.53 7.19 -7.99
N ASP E 175 95.78 6.78 -8.27
CA ASP E 175 96.70 7.42 -9.19
C ASP E 175 96.09 7.60 -10.57
N SER E 176 96.40 8.72 -11.21
CA SER E 176 95.89 9.09 -12.52
C SER E 176 96.42 8.20 -13.65
N LYS E 177 97.67 7.73 -13.51
CA LYS E 177 98.35 6.96 -14.56
C LYS E 177 98.21 5.47 -14.37
N ASP E 178 98.80 4.91 -13.31
CA ASP E 178 98.78 3.47 -13.05
C ASP E 178 97.64 2.97 -12.18
N SER E 179 96.81 3.88 -11.65
CA SER E 179 95.66 3.62 -10.78
C SER E 179 96.02 2.81 -9.51
N THR E 180 97.14 3.15 -8.88
CA THR E 180 97.59 2.53 -7.64
C THR E 180 97.45 3.52 -6.49
N TYR E 181 97.55 3.03 -5.25
CA TYR E 181 97.48 3.89 -4.08
C TYR E 181 98.84 3.93 -3.40
N SER E 182 99.00 4.85 -2.45
CA SER E 182 100.18 4.99 -1.65
C SER E 182 99.69 5.28 -0.24
N LEU E 183 100.37 4.78 0.78
CA LEU E 183 99.90 4.94 2.14
C LEU E 183 100.95 5.44 3.11
N SER E 184 100.58 6.37 3.99
CA SER E 184 101.44 6.92 5.04
C SER E 184 100.94 6.49 6.40
N SER E 185 101.79 5.85 7.20
CA SER E 185 101.42 5.47 8.55
C SER E 185 102.37 6.14 9.52
N THR E 186 101.82 6.99 10.39
CA THR E 186 102.66 7.76 11.29
C THR E 186 102.49 7.34 12.75
N LEU E 187 103.55 6.72 13.33
CA LEU E 187 103.62 6.32 14.74
C LEU E 187 104.17 7.53 15.51
N THR E 188 103.33 8.10 16.38
CA THR E 188 103.60 9.32 17.15
C THR E 188 103.88 8.98 18.62
N LEU E 189 105.10 9.33 19.10
CA LEU E 189 105.60 9.02 20.44
C LEU E 189 106.24 10.20 21.13
N SER E 190 106.25 10.14 22.49
CA SER E 190 106.91 11.17 23.30
C SER E 190 108.42 10.98 23.12
N LYS E 191 109.20 12.09 23.06
CA LYS E 191 110.66 12.00 22.93
C LYS E 191 111.19 11.03 24.03
N ALA E 192 110.63 11.17 25.27
CA ALA E 192 110.93 10.39 26.47
C ALA E 192 110.81 8.89 26.19
N ASP E 193 109.58 8.45 25.82
CA ASP E 193 109.29 7.05 25.50
C ASP E 193 110.11 6.52 24.35
N TYR E 194 110.30 7.31 23.28
CA TYR E 194 111.10 6.92 22.11
C TYR E 194 112.55 6.54 22.47
N GLU E 195 113.13 7.25 23.45
CA GLU E 195 114.49 7.00 23.86
C GLU E 195 114.61 5.76 24.76
N LYS E 196 113.49 5.27 25.34
CA LYS E 196 113.48 4.08 26.19
C LYS E 196 113.46 2.75 25.45
N HIS E 197 113.24 2.78 24.13
CA HIS E 197 113.13 1.56 23.35
C HIS E 197 114.14 1.54 22.22
N LYS E 198 114.58 0.35 21.75
CA LYS E 198 115.60 0.29 20.70
C LYS E 198 115.11 -0.18 19.31
N VAL E 199 114.34 -1.27 19.22
CA VAL E 199 113.92 -1.72 17.90
C VAL E 199 112.51 -1.17 17.55
N TYR E 200 112.45 -0.55 16.37
CA TYR E 200 111.24 0.02 15.82
C TYR E 200 110.99 -0.66 14.49
N ALA E 201 109.82 -1.33 14.36
CA ALA E 201 109.47 -2.05 13.15
C ALA E 201 108.06 -1.77 12.66
N CYS E 202 107.91 -1.90 11.36
CA CYS E 202 106.68 -1.69 10.64
C CYS E 202 106.44 -2.94 9.82
N GLU E 203 105.26 -3.62 9.98
CA GLU E 203 104.89 -4.87 9.26
C GLU E 203 103.63 -4.71 8.39
N VAL E 204 103.84 -4.90 7.08
CA VAL E 204 102.84 -4.75 6.02
C VAL E 204 102.36 -6.11 5.56
N THR E 205 101.04 -6.29 5.52
CA THR E 205 100.44 -7.54 5.05
C THR E 205 99.56 -7.17 3.87
N HIS E 206 99.88 -7.70 2.67
CA HIS E 206 99.14 -7.35 1.46
C HIS E 206 98.89 -8.53 0.56
N GLN E 207 97.99 -8.35 -0.40
CA GLN E 207 97.57 -9.32 -1.42
C GLN E 207 98.74 -9.67 -2.33
N GLY E 208 99.54 -8.67 -2.65
CA GLY E 208 100.68 -8.81 -3.54
C GLY E 208 101.93 -9.38 -2.93
N LEU E 209 102.00 -9.41 -1.61
CA LEU E 209 103.17 -9.95 -0.92
C LEU E 209 102.94 -11.40 -0.58
N SER E 210 103.93 -12.22 -0.91
CA SER E 210 103.94 -13.66 -0.64
C SER E 210 103.84 -13.96 0.88
N SER E 211 104.41 -13.08 1.68
CA SER E 211 104.46 -13.19 3.12
C SER E 211 104.59 -11.79 3.68
N PRO E 212 104.22 -11.52 4.95
CA PRO E 212 104.38 -10.16 5.46
C PRO E 212 105.80 -9.62 5.30
N VAL E 213 105.88 -8.32 5.04
CA VAL E 213 107.11 -7.59 4.85
C VAL E 213 107.36 -6.74 6.09
N THR E 214 108.59 -6.74 6.59
CA THR E 214 108.95 -5.97 7.78
C THR E 214 110.11 -5.02 7.49
N LYS E 215 109.95 -3.75 7.86
CA LYS E 215 110.98 -2.73 7.74
C LYS E 215 111.24 -2.26 9.16
N SER E 216 112.48 -2.41 9.63
CA SER E 216 112.88 -2.10 11.00
C SER E 216 114.24 -1.38 11.13
N PHE E 217 114.42 -0.67 12.26
CA PHE E 217 115.63 0.07 12.59
C PHE E 217 115.89 0.06 14.07
N ASN E 218 117.04 0.65 14.47
CA ASN E 218 117.47 0.81 15.85
C ASN E 218 117.81 2.28 16.12
N ARG E 219 117.38 2.78 17.30
CA ARG E 219 117.57 4.13 17.82
C ARG E 219 119.04 4.59 17.56
N GLY E 220 119.97 3.68 17.83
CA GLY E 220 121.42 3.86 17.71
C GLY E 220 122.07 3.60 16.36
N GLU E 221 122.38 4.71 15.66
CA GLU E 221 123.05 4.70 14.36
C GLU E 221 124.09 5.81 14.22
N VAL F 1 74.05 28.34 -17.57
CA VAL F 1 73.63 28.25 -16.18
C VAL F 1 74.85 28.28 -15.25
N GLN F 2 74.81 29.08 -14.17
CA GLN F 2 75.92 29.24 -13.23
C GLN F 2 75.50 29.63 -11.82
N LEU F 3 76.11 28.97 -10.84
CA LEU F 3 75.92 29.22 -9.42
C LEU F 3 77.30 29.31 -8.79
N VAL F 4 77.66 30.49 -8.27
CA VAL F 4 78.98 30.67 -7.66
C VAL F 4 78.89 31.20 -6.22
N GLU F 5 79.20 30.29 -5.30
CA GLU F 5 79.19 30.58 -3.87
C GLU F 5 80.42 31.40 -3.56
N SER F 6 80.28 32.32 -2.62
CA SER F 6 81.36 33.19 -2.14
C SER F 6 81.23 33.39 -0.61
N GLY F 7 82.33 33.81 0.01
CA GLY F 7 82.44 33.95 1.45
C GLY F 7 82.92 32.63 1.99
N GLY F 8 82.81 32.45 3.31
CA GLY F 8 83.22 31.22 3.98
C GLY F 8 84.71 30.95 4.02
N GLY F 9 85.23 30.80 5.24
CA GLY F 9 86.64 30.52 5.50
C GLY F 9 86.76 29.82 6.83
N VAL F 10 87.61 30.35 7.72
CA VAL F 10 87.75 29.84 9.09
C VAL F 10 87.20 30.86 10.07
N VAL F 11 86.48 30.36 11.08
CA VAL F 11 85.82 31.13 12.12
C VAL F 11 85.98 30.43 13.43
N HIS F 12 85.86 31.21 14.46
CA HIS F 12 85.90 30.64 15.78
C HIS F 12 84.47 30.10 16.11
N PRO F 13 84.37 29.18 17.08
CA PRO F 13 83.04 28.71 17.50
C PRO F 13 82.31 29.82 18.29
N GLY F 14 81.05 30.05 17.91
CA GLY F 14 80.17 31.06 18.49
C GLY F 14 79.99 32.31 17.62
N ARG F 15 80.94 32.54 16.66
CA ARG F 15 80.94 33.70 15.78
C ARG F 15 80.02 33.52 14.59
N SER F 16 79.92 34.58 13.79
CA SER F 16 79.02 34.56 12.66
C SER F 16 79.76 34.69 11.32
N LEU F 17 79.10 34.19 10.25
CA LEU F 17 79.61 34.25 8.88
C LEU F 17 78.42 34.41 7.93
N ARG F 18 78.66 35.03 6.75
CA ARG F 18 77.67 35.20 5.70
C ARG F 18 78.18 34.74 4.32
N LEU F 19 77.39 33.82 3.75
CA LEU F 19 77.60 33.19 2.46
C LEU F 19 76.62 33.77 1.45
N SER F 20 77.10 33.95 0.22
CA SER F 20 76.34 34.47 -0.90
C SER F 20 76.50 33.57 -2.13
N CYS F 21 75.46 33.46 -2.94
CA CYS F 21 75.50 32.64 -4.15
C CYS F 21 75.04 33.45 -5.33
N ALA F 22 75.94 33.69 -6.30
CA ALA F 22 75.62 34.45 -7.50
C ALA F 22 75.06 33.55 -8.59
N ALA F 23 73.84 33.85 -9.00
CA ALA F 23 73.14 33.05 -10.00
C ALA F 23 72.95 33.75 -11.33
N SER F 24 73.10 32.93 -12.40
CA SER F 24 72.93 33.31 -13.82
C SER F 24 72.53 32.08 -14.68
N GLY F 25 71.95 32.32 -15.86
CA GLY F 25 71.55 31.29 -16.80
C GLY F 25 70.12 30.76 -16.68
N PHE F 26 69.36 31.27 -15.69
CA PHE F 26 67.96 30.89 -15.43
C PHE F 26 67.15 32.09 -14.83
N THR F 27 65.84 31.89 -14.66
CA THR F 27 64.99 32.93 -14.09
C THR F 27 65.07 32.78 -12.59
N PHE F 28 66.03 33.49 -11.96
CA PHE F 28 66.26 33.38 -10.51
C PHE F 28 65.04 33.78 -9.67
N GLY F 29 64.44 34.92 -10.00
CA GLY F 29 63.29 35.48 -9.30
C GLY F 29 62.06 34.58 -9.17
N THR F 30 61.94 33.54 -10.03
CA THR F 30 60.77 32.66 -10.07
C THR F 30 61.00 31.24 -9.47
N SER F 31 62.27 30.82 -9.33
CA SER F 31 62.61 29.49 -8.81
C SER F 31 62.94 29.44 -7.32
N ILE F 32 62.63 28.29 -6.73
CA ILE F 32 62.84 27.94 -5.33
C ILE F 32 64.33 27.58 -5.16
N MET F 33 65.00 28.13 -4.13
CA MET F 33 66.43 27.87 -3.87
C MET F 33 66.68 27.09 -2.59
N HIS F 34 67.83 26.39 -2.53
CA HIS F 34 68.22 25.57 -1.37
C HIS F 34 69.70 25.70 -1.00
N TRP F 35 70.00 25.39 0.27
CA TRP F 35 71.34 25.32 0.81
C TRP F 35 71.54 23.89 1.36
N VAL F 36 72.47 23.15 0.77
CA VAL F 36 72.80 21.77 1.14
C VAL F 36 74.28 21.73 1.55
N ARG F 37 74.57 21.17 2.74
CA ARG F 37 75.95 21.10 3.22
C ARG F 37 76.53 19.68 3.19
N GLN F 38 77.86 19.60 3.00
CA GLN F 38 78.62 18.35 3.00
C GLN F 38 79.76 18.41 4.00
N ALA F 39 79.52 17.76 5.14
CA ALA F 39 80.48 17.71 6.23
C ALA F 39 81.65 16.78 5.85
N PRO F 40 82.88 17.08 6.35
CA PRO F 40 83.98 16.15 6.14
C PRO F 40 83.48 14.83 6.74
N GLY F 41 83.35 13.89 5.84
CA GLY F 41 82.82 12.57 6.11
C GLY F 41 82.40 12.10 4.75
N LYS F 42 81.11 12.15 4.52
CA LYS F 42 80.56 11.73 3.24
C LYS F 42 79.18 12.31 3.06
N GLY F 43 78.37 12.22 4.12
CA GLY F 43 76.98 12.65 4.18
C GLY F 43 76.68 14.00 3.55
N MET F 44 75.64 14.00 2.71
CA MET F 44 75.10 15.18 2.06
C MET F 44 73.82 15.50 2.86
N GLN F 45 73.74 16.69 3.46
CA GLN F 45 72.61 17.07 4.33
C GLN F 45 71.93 18.35 3.89
N TRP F 46 70.58 18.36 3.87
CA TRP F 46 69.79 19.56 3.57
C TRP F 46 69.79 20.53 4.78
N VAL F 47 69.93 21.85 4.49
CA VAL F 47 69.98 22.91 5.49
C VAL F 47 68.77 23.86 5.39
N ALA F 48 68.57 24.53 4.23
CA ALA F 48 67.45 25.45 4.11
C ALA F 48 66.78 25.50 2.75
N GLN F 49 65.56 26.07 2.69
CA GLN F 49 64.75 26.28 1.49
C GLN F 49 64.12 27.66 1.57
N ILE F 50 64.04 28.32 0.41
CA ILE F 50 63.46 29.66 0.29
C ILE F 50 62.61 29.73 -1.00
N SER F 51 61.46 30.41 -0.93
CA SER F 51 60.55 30.61 -2.05
C SER F 51 61.03 31.80 -2.90
N HIS F 52 60.51 31.93 -4.14
CA HIS F 52 60.84 32.99 -5.08
C HIS F 52 60.68 34.42 -4.50
N ASP F 53 59.77 34.58 -3.51
CA ASP F 53 59.42 35.86 -2.87
C ASP F 53 59.78 35.97 -1.38
N GLU F 54 60.42 34.92 -0.80
CA GLU F 54 60.88 34.84 0.59
C GLU F 54 59.77 34.54 1.63
N SER F 55 58.49 34.48 1.21
CA SER F 55 57.34 34.20 2.09
C SER F 55 57.41 32.86 2.85
N ARG F 56 57.99 31.84 2.20
CA ARG F 56 58.11 30.49 2.76
C ARG F 56 59.62 30.06 2.88
N LYS F 57 60.17 30.11 4.13
CA LYS F 57 61.55 29.71 4.44
C LYS F 57 61.50 28.57 5.43
N PHE F 58 62.23 27.49 5.13
CA PHE F 58 62.24 26.29 5.95
C PHE F 58 63.65 25.88 6.27
N TYR F 59 63.90 25.52 7.54
CA TYR F 59 65.25 25.14 7.96
C TYR F 59 65.28 23.71 8.49
N SER F 60 66.45 23.03 8.38
CA SER F 60 66.65 21.71 8.96
C SER F 60 66.70 21.95 10.46
N ASP F 61 66.29 20.96 11.25
CA ASP F 61 66.20 21.12 12.69
C ASP F 61 67.52 21.41 13.37
N SER F 62 68.66 20.95 12.77
CA SER F 62 70.03 21.19 13.25
C SER F 62 70.43 22.72 13.33
N VAL F 63 70.02 23.48 12.29
CA VAL F 63 70.34 24.89 12.08
C VAL F 63 69.22 25.85 12.54
N LYS F 64 67.95 25.38 12.56
CA LYS F 64 66.76 26.15 12.90
C LYS F 64 67.00 27.23 13.99
N GLY F 65 66.80 28.49 13.60
CA GLY F 65 66.94 29.64 14.49
C GLY F 65 68.33 30.24 14.63
N ARG F 66 69.39 29.51 14.16
CA ARG F 66 70.79 29.99 14.22
C ARG F 66 71.11 30.61 12.87
N PHE F 67 70.60 29.97 11.82
CA PHE F 67 70.83 30.42 10.47
C PHE F 67 69.59 31.19 9.98
N THR F 68 69.79 32.00 8.92
CA THR F 68 68.76 32.82 8.32
C THR F 68 68.95 32.90 6.81
N VAL F 69 67.99 32.32 6.04
CA VAL F 69 68.01 32.42 4.58
C VAL F 69 67.38 33.72 4.12
N SER F 70 67.99 34.36 3.14
CA SER F 70 67.50 35.59 2.53
C SER F 70 67.88 35.57 1.04
N ARG F 71 67.28 36.45 0.24
CA ARG F 71 67.59 36.54 -1.19
C ARG F 71 67.32 37.95 -1.73
N ASP F 72 68.05 38.33 -2.77
CA ASP F 72 67.90 39.59 -3.47
C ASP F 72 67.75 39.28 -4.96
N ASN F 73 66.50 39.22 -5.44
CA ASN F 73 66.12 38.84 -6.82
C ASN F 73 66.62 39.81 -7.88
N SER F 74 66.81 41.09 -7.50
CA SER F 74 67.31 42.19 -8.33
C SER F 74 68.77 41.95 -8.78
N LYS F 75 69.54 41.29 -7.89
CA LYS F 75 70.95 40.96 -8.07
C LYS F 75 71.15 39.45 -8.39
N ASN F 76 70.03 38.67 -8.37
CA ASN F 76 69.98 37.21 -8.60
C ASN F 76 71.00 36.50 -7.66
N THR F 77 70.90 36.81 -6.33
CA THR F 77 71.79 36.32 -5.27
C THR F 77 71.04 35.72 -4.11
N LEU F 78 71.55 34.55 -3.64
CA LEU F 78 71.03 33.75 -2.52
C LEU F 78 71.96 33.95 -1.31
N PHE F 79 71.38 34.14 -0.11
CA PHE F 79 72.17 34.35 1.10
C PHE F 79 71.85 33.48 2.26
N LEU F 80 72.90 33.13 2.96
CA LEU F 80 72.80 32.35 4.17
C LEU F 80 73.56 33.12 5.24
N GLU F 81 72.86 33.44 6.34
CA GLU F 81 73.43 34.13 7.49
C GLU F 81 73.52 33.16 8.65
N MET F 82 74.75 32.71 8.92
CA MET F 82 75.07 31.76 9.97
C MET F 82 75.54 32.54 11.18
N SER F 83 74.93 32.28 12.31
CA SER F 83 75.34 32.87 13.57
C SER F 83 75.43 31.75 14.57
N SER F 84 76.10 32.03 15.72
CA SER F 84 76.31 31.10 16.84
C SER F 84 76.85 29.77 16.34
N LEU F 85 77.81 29.84 15.41
CA LEU F 85 78.40 28.68 14.76
C LEU F 85 79.05 27.71 15.73
N ARG F 86 78.99 26.41 15.38
CA ARG F 86 79.49 25.31 16.17
C ARG F 86 80.38 24.45 15.29
N ILE F 87 81.30 23.67 15.88
CA ILE F 87 82.21 22.79 15.15
C ILE F 87 81.47 21.84 14.19
N GLU F 88 80.27 21.37 14.58
CA GLU F 88 79.38 20.51 13.78
C GLU F 88 78.92 21.13 12.45
N ASP F 89 79.04 22.47 12.32
CA ASP F 89 78.66 23.22 11.12
C ASP F 89 79.79 23.25 10.08
N THR F 90 80.96 22.63 10.39
CA THR F 90 82.09 22.51 9.46
C THR F 90 81.61 21.68 8.28
N ALA F 91 81.58 22.28 7.09
CA ALA F 91 81.10 21.64 5.88
C ALA F 91 81.34 22.51 4.66
N VAL F 92 81.15 21.94 3.47
CA VAL F 92 81.20 22.68 2.23
C VAL F 92 79.75 22.99 1.95
N TYR F 93 79.46 24.28 1.81
CA TYR F 93 78.11 24.72 1.61
C TYR F 93 77.79 24.96 0.15
N TYR F 94 76.91 24.11 -0.38
CA TYR F 94 76.47 24.18 -1.77
C TYR F 94 75.10 24.86 -1.88
N CYS F 95 75.00 25.76 -2.85
CA CYS F 95 73.77 26.46 -3.17
C CYS F 95 73.19 25.70 -4.39
N ALA F 96 71.86 25.33 -4.31
CA ALA F 96 71.20 24.54 -5.35
C ALA F 96 69.78 24.99 -5.73
N LYS F 97 69.44 24.86 -7.03
CA LYS F 97 68.15 25.25 -7.58
C LYS F 97 67.18 24.09 -7.63
N ASP F 98 65.95 24.31 -7.11
CA ASP F 98 64.89 23.32 -7.13
C ASP F 98 64.25 23.23 -8.52
N LEU F 99 64.13 21.98 -9.03
CA LEU F 99 63.54 21.59 -10.32
C LEU F 99 62.08 22.07 -10.48
N SER F 100 61.38 22.29 -9.32
CA SER F 100 59.98 22.76 -9.24
C SER F 100 59.78 23.94 -10.16
N PRO F 101 58.75 23.87 -11.05
CA PRO F 101 58.48 24.99 -11.98
C PRO F 101 58.04 26.26 -11.23
N PRO F 102 57.90 27.40 -11.95
CA PRO F 102 57.48 28.63 -11.27
C PRO F 102 56.16 28.51 -10.49
N TYR F 103 56.24 29.04 -9.25
CA TYR F 103 55.16 29.15 -8.26
C TYR F 103 54.64 27.79 -7.80
N SER F 104 55.27 26.69 -8.26
CA SER F 104 54.99 25.32 -7.84
C SER F 104 55.72 25.09 -6.49
N TYR F 105 55.14 24.24 -5.61
CA TYR F 105 55.73 23.91 -4.32
C TYR F 105 56.98 23.11 -4.58
N ALA F 106 58.00 23.31 -3.70
CA ALA F 106 59.31 22.66 -3.75
C ALA F 106 59.20 21.19 -4.03
N TRP F 107 59.94 20.78 -5.04
CA TRP F 107 59.98 19.41 -5.46
C TRP F 107 61.08 18.63 -4.74
N ASP F 108 61.96 19.33 -3.98
CA ASP F 108 63.09 18.77 -3.24
C ASP F 108 64.05 17.99 -4.21
N ILE F 109 64.03 18.32 -5.54
CA ILE F 109 64.93 17.78 -6.60
C ILE F 109 65.90 18.91 -6.92
N PHE F 110 67.20 18.70 -6.65
CA PHE F 110 68.27 19.69 -6.83
C PHE F 110 68.92 19.59 -8.22
N GLN F 111 68.32 20.28 -9.17
CA GLN F 111 68.64 20.39 -10.59
C GLN F 111 70.08 20.85 -10.84
N TYR F 112 70.42 22.02 -10.28
CA TYR F 112 71.72 22.67 -10.45
C TYR F 112 72.41 22.98 -9.13
N TRP F 113 73.70 22.68 -9.04
CA TRP F 113 74.49 22.95 -7.83
C TRP F 113 75.67 23.84 -8.17
N GLY F 114 76.10 24.62 -7.18
CA GLY F 114 77.28 25.47 -7.29
C GLY F 114 78.50 24.67 -6.91
N GLN F 115 79.71 25.28 -7.01
CA GLN F 115 80.94 24.55 -6.68
C GLN F 115 81.15 24.35 -5.14
N GLY F 116 80.44 25.13 -4.33
CA GLY F 116 80.47 25.06 -2.87
C GLY F 116 81.55 25.91 -2.23
N SER F 117 81.28 26.43 -1.03
CA SER F 117 82.25 27.23 -0.28
C SER F 117 82.55 26.55 1.05
N LEU F 118 83.85 26.42 1.40
CA LEU F 118 84.19 25.76 2.65
C LEU F 118 84.02 26.66 3.83
N VAL F 119 83.45 26.10 4.89
CA VAL F 119 83.26 26.77 6.16
C VAL F 119 83.80 25.85 7.24
N THR F 120 84.84 26.34 7.93
CA THR F 120 85.53 25.62 8.99
C THR F 120 85.31 26.36 10.30
N VAL F 121 84.72 25.72 11.29
CA VAL F 121 84.51 26.43 12.54
C VAL F 121 85.28 25.72 13.66
N SER F 122 86.45 26.32 14.02
CA SER F 122 87.36 25.81 15.05
C SER F 122 87.96 26.92 15.93
N GLY F 123 88.14 26.55 17.22
CA GLY F 123 88.72 27.35 18.29
C GLY F 123 90.22 27.23 18.36
N ALA F 124 90.81 26.65 17.28
CA ALA F 124 92.25 26.47 17.07
C ALA F 124 92.78 27.73 16.37
N SER F 125 93.78 28.38 16.99
CA SER F 125 94.38 29.59 16.44
C SER F 125 95.48 29.25 15.41
N THR F 126 95.57 30.13 14.37
CA THR F 126 96.49 30.01 13.23
C THR F 126 97.92 29.71 13.71
N LYS F 127 98.47 28.54 13.26
CA LYS F 127 99.82 28.06 13.59
C LYS F 127 100.60 27.61 12.34
N GLY F 128 101.87 28.04 12.23
CA GLY F 128 102.76 27.68 11.14
C GLY F 128 103.28 26.26 11.27
N PRO F 129 103.63 25.60 10.13
CA PRO F 129 104.13 24.22 10.20
C PRO F 129 105.61 24.09 10.54
N SER F 130 105.95 22.94 11.16
CA SER F 130 107.31 22.54 11.52
C SER F 130 107.66 21.48 10.47
N VAL F 131 108.70 21.71 9.66
CA VAL F 131 109.04 20.80 8.57
C VAL F 131 110.30 19.97 8.86
N PHE F 132 110.11 18.67 9.10
CA PHE F 132 111.23 17.77 9.36
C PHE F 132 111.44 16.85 8.18
N PRO F 133 112.71 16.44 7.93
CA PRO F 133 112.94 15.54 6.81
C PRO F 133 112.77 14.06 7.14
N LEU F 134 112.39 13.32 6.09
CA LEU F 134 112.23 11.89 6.11
C LEU F 134 113.37 11.44 5.19
N ALA F 135 114.51 11.24 5.85
CA ALA F 135 115.81 10.90 5.30
C ALA F 135 115.90 9.52 4.72
N PRO F 136 116.35 9.44 3.45
CA PRO F 136 116.48 8.14 2.76
C PRO F 136 117.41 7.09 3.43
N SER F 137 117.07 5.78 3.21
CA SER F 137 117.72 4.54 3.70
C SER F 137 118.78 3.98 2.74
N GLY F 144 116.79 -0.60 -5.96
CA GLY F 144 117.30 0.28 -6.98
C GLY F 144 116.69 1.66 -6.94
N THR F 145 115.68 1.84 -6.07
CA THR F 145 114.99 3.10 -5.88
C THR F 145 114.95 3.45 -4.40
N ALA F 146 114.98 4.76 -4.10
CA ALA F 146 114.99 5.31 -2.75
C ALA F 146 113.81 6.23 -2.50
N ALA F 147 113.36 6.27 -1.24
CA ALA F 147 112.26 7.12 -0.87
C ALA F 147 112.72 8.25 0.03
N LEU F 148 112.41 9.52 -0.37
CA LEU F 148 112.73 10.80 0.28
C LEU F 148 111.45 11.43 0.71
N GLY F 149 111.49 12.20 1.78
CA GLY F 149 110.26 12.85 2.20
C GLY F 149 110.39 14.05 3.10
N CYS F 150 109.21 14.62 3.42
CA CYS F 150 109.01 15.79 4.27
C CYS F 150 107.80 15.60 5.13
N LEU F 151 107.99 15.74 6.42
CA LEU F 151 106.87 15.70 7.33
C LEU F 151 106.53 17.15 7.59
N VAL F 152 105.26 17.53 7.47
CA VAL F 152 104.80 18.91 7.70
C VAL F 152 103.83 18.82 8.90
N LYS F 153 104.41 18.83 10.10
CA LYS F 153 103.68 18.65 11.33
C LYS F 153 103.21 19.95 11.99
N ASP F 154 102.10 19.84 12.75
CA ASP F 154 101.47 20.87 13.59
C ASP F 154 101.27 22.24 12.90
N TYR F 155 100.15 22.35 12.17
CA TYR F 155 99.74 23.56 11.49
C TYR F 155 98.20 23.77 11.55
N PHE F 156 97.76 25.02 11.31
CA PHE F 156 96.35 25.43 11.31
C PHE F 156 96.14 26.81 10.64
N PRO F 157 95.12 26.97 9.79
CA PRO F 157 94.20 25.95 9.28
C PRO F 157 94.79 25.33 8.01
N GLU F 158 94.00 24.51 7.33
CA GLU F 158 94.44 24.00 6.05
C GLU F 158 94.32 25.16 5.03
N PRO F 159 95.09 25.18 3.93
CA PRO F 159 95.98 24.14 3.42
C PRO F 159 97.47 24.53 3.43
N VAL F 160 98.31 23.55 3.07
CA VAL F 160 99.75 23.74 2.94
C VAL F 160 100.14 23.18 1.55
N THR F 161 101.10 23.82 0.86
CA THR F 161 101.53 23.40 -0.49
C THR F 161 102.95 22.93 -0.50
N VAL F 162 103.18 21.69 -0.96
CA VAL F 162 104.51 21.12 -1.04
C VAL F 162 104.89 20.90 -2.49
N SER F 163 106.06 21.40 -2.87
CA SER F 163 106.64 21.23 -4.21
C SER F 163 108.07 20.74 -4.02
N TRP F 164 108.62 19.96 -4.97
CA TRP F 164 109.98 19.46 -4.80
C TRP F 164 110.90 20.03 -5.83
N ASN F 165 112.08 20.49 -5.38
CA ASN F 165 113.11 21.15 -6.19
C ASN F 165 112.51 22.36 -6.93
N SER F 166 111.66 23.12 -6.21
CA SER F 166 110.93 24.33 -6.63
C SER F 166 110.06 24.12 -7.90
N GLY F 167 109.47 22.93 -8.01
CA GLY F 167 108.61 22.57 -9.14
C GLY F 167 109.30 21.82 -10.25
N ALA F 168 110.62 21.59 -10.14
CA ALA F 168 111.41 20.82 -11.11
C ALA F 168 111.13 19.30 -10.97
N LEU F 169 111.13 18.79 -9.70
CA LEU F 169 110.83 17.40 -9.37
C LEU F 169 109.32 17.20 -9.34
N THR F 170 108.85 16.36 -10.28
CA THR F 170 107.44 16.12 -10.43
C THR F 170 107.02 14.65 -10.35
N SER F 171 107.72 13.78 -11.10
CA SER F 171 107.40 12.36 -11.19
C SER F 171 107.63 11.61 -9.89
N GLY F 172 106.62 10.82 -9.52
CA GLY F 172 106.65 10.01 -8.30
C GLY F 172 106.55 10.80 -7.01
N VAL F 173 105.90 11.97 -7.07
CA VAL F 173 105.69 12.79 -5.88
C VAL F 173 104.31 12.43 -5.33
N HIS F 174 104.27 11.93 -4.10
CA HIS F 174 103.01 11.60 -3.46
C HIS F 174 102.84 12.50 -2.26
N THR F 175 101.87 13.42 -2.31
CA THR F 175 101.60 14.29 -1.17
C THR F 175 100.30 13.86 -0.55
N PHE F 176 100.42 13.25 0.63
CA PHE F 176 99.32 12.69 1.41
C PHE F 176 98.39 13.74 1.96
N PRO F 177 97.08 13.44 2.02
CA PRO F 177 96.15 14.42 2.61
C PRO F 177 96.43 14.64 4.08
N ALA F 178 96.12 15.85 4.55
CA ALA F 178 96.31 16.24 5.93
C ALA F 178 95.43 15.38 6.87
N VAL F 179 96.00 15.04 8.02
CA VAL F 179 95.37 14.25 9.06
C VAL F 179 95.19 15.21 10.26
N LEU F 180 93.96 15.36 10.76
CA LEU F 180 93.79 16.23 11.92
C LEU F 180 94.09 15.41 13.18
N GLN F 181 95.08 15.86 13.95
CA GLN F 181 95.52 15.20 15.19
C GLN F 181 94.57 15.53 16.36
N SER F 182 94.78 14.88 17.53
CA SER F 182 94.03 15.11 18.77
C SER F 182 94.08 16.60 19.18
N SER F 183 95.26 17.23 18.99
CA SER F 183 95.58 18.64 19.24
C SER F 183 94.60 19.60 18.57
N GLY F 184 94.07 19.22 17.42
CA GLY F 184 93.20 20.05 16.60
C GLY F 184 94.00 20.72 15.50
N LEU F 185 95.30 20.30 15.40
CA LEU F 185 96.29 20.75 14.41
C LEU F 185 96.51 19.67 13.37
N TYR F 186 96.71 20.10 12.11
CA TYR F 186 96.96 19.20 10.97
C TYR F 186 98.42 18.73 10.85
N SER F 187 98.60 17.51 10.36
CA SER F 187 99.90 16.91 10.10
C SER F 187 99.80 16.34 8.70
N LEU F 188 100.81 16.54 7.89
CA LEU F 188 100.80 16.10 6.49
C LEU F 188 102.15 15.51 6.12
N SER F 189 102.17 14.60 5.17
CA SER F 189 103.42 14.01 4.76
C SER F 189 103.56 14.10 3.27
N SER F 190 104.76 14.30 2.78
CA SER F 190 105.01 14.35 1.34
C SER F 190 106.22 13.53 1.02
N VAL F 191 106.13 12.74 -0.04
CA VAL F 191 107.21 11.85 -0.42
C VAL F 191 107.50 11.85 -1.90
N VAL F 192 108.65 11.32 -2.26
CA VAL F 192 109.05 11.17 -3.64
C VAL F 192 110.03 10.04 -3.78
N THR F 193 109.80 9.19 -4.78
CA THR F 193 110.67 8.08 -5.12
C THR F 193 111.64 8.57 -6.18
N VAL F 194 112.94 8.34 -5.91
CA VAL F 194 114.06 8.79 -6.72
C VAL F 194 115.02 7.62 -6.96
N PRO F 195 115.76 7.54 -8.10
CA PRO F 195 116.73 6.44 -8.24
C PRO F 195 117.84 6.57 -7.20
N SER F 196 118.26 5.42 -6.62
CA SER F 196 119.31 5.29 -5.60
C SER F 196 120.63 5.99 -6.04
N SER F 197 120.97 5.82 -7.35
CA SER F 197 122.14 6.37 -8.05
C SER F 197 122.24 7.92 -8.00
N SER F 198 121.11 8.62 -8.04
CA SER F 198 121.10 10.07 -8.02
C SER F 198 121.37 10.69 -6.65
N LEU F 199 121.14 9.95 -5.54
CA LEU F 199 121.29 10.41 -4.15
C LEU F 199 122.59 11.17 -3.83
N GLY F 200 123.69 10.72 -4.43
CA GLY F 200 125.00 11.34 -4.22
C GLY F 200 125.17 12.65 -4.93
N THR F 201 124.63 12.74 -6.16
CA THR F 201 124.69 13.91 -7.06
C THR F 201 123.66 15.00 -6.70
N GLN F 202 122.39 14.69 -7.03
CA GLN F 202 121.21 15.52 -6.91
C GLN F 202 120.95 16.03 -5.47
N THR F 203 120.43 17.27 -5.43
CA THR F 203 120.04 18.02 -4.25
C THR F 203 118.52 17.96 -4.13
N TYR F 204 118.00 17.38 -3.03
CA TYR F 204 116.54 17.28 -2.84
C TYR F 204 116.04 18.20 -1.72
N ILE F 205 115.17 19.19 -2.09
CA ILE F 205 114.60 20.23 -1.22
C ILE F 205 113.10 20.35 -1.42
N CYS F 206 112.33 20.12 -0.36
CA CYS F 206 110.88 20.33 -0.43
C CYS F 206 110.60 21.79 -0.09
N ASN F 207 109.68 22.40 -0.85
CA ASN F 207 109.29 23.79 -0.69
C ASN F 207 107.84 23.84 -0.18
N VAL F 208 107.73 23.99 1.14
CA VAL F 208 106.50 24.02 1.92
C VAL F 208 105.96 25.45 1.93
N ASN F 209 104.65 25.63 1.72
CA ASN F 209 104.05 26.96 1.77
C ASN F 209 102.67 26.98 2.43
N HIS F 210 102.60 27.64 3.61
CA HIS F 210 101.39 27.83 4.40
C HIS F 210 101.08 29.31 4.42
N LYS F 211 100.23 29.74 3.46
CA LYS F 211 99.82 31.13 3.31
C LYS F 211 99.09 31.71 4.54
N PRO F 212 98.14 30.96 5.22
CA PRO F 212 97.45 31.54 6.39
C PRO F 212 98.34 32.09 7.55
N SER F 213 99.47 31.37 7.86
CA SER F 213 100.44 31.75 8.91
C SER F 213 101.59 32.55 8.26
N ASN F 214 101.52 32.71 6.91
CA ASN F 214 102.49 33.41 6.06
C ASN F 214 103.90 32.76 6.17
N THR F 215 103.93 31.41 6.23
CA THR F 215 105.14 30.63 6.46
C THR F 215 106.08 30.56 5.17
N LYS F 216 106.16 29.43 4.40
CA LYS F 216 107.06 29.16 3.23
C LYS F 216 108.55 28.84 3.69
N VAL F 217 108.78 27.54 4.03
CA VAL F 217 110.05 26.93 4.42
C VAL F 217 110.56 26.12 3.20
N ASP F 218 111.88 26.02 3.09
CA ASP F 218 112.52 25.20 2.08
C ASP F 218 113.44 24.31 2.90
N LYS F 219 113.21 22.97 2.95
CA LYS F 219 114.08 22.09 3.72
C LYS F 219 114.81 21.09 2.82
N ARG F 220 116.14 20.98 2.98
CA ARG F 220 116.95 20.03 2.23
C ARG F 220 116.91 18.70 2.98
N VAL F 221 116.61 17.63 2.22
CA VAL F 221 116.55 16.26 2.72
C VAL F 221 117.91 15.64 2.39
N GLU F 222 118.70 15.37 3.46
CA GLU F 222 120.05 14.81 3.38
C GLU F 222 120.05 13.32 3.73
N PRO F 223 120.65 12.44 2.85
CA PRO F 223 120.66 11.00 3.14
C PRO F 223 121.31 10.68 4.50
N LYS F 224 120.68 9.80 5.31
CA LYS F 224 121.14 9.36 6.63
C LYS F 224 120.58 7.94 6.93
N ASP G 1 -38.31 17.28 7.35
CA ASP G 1 -38.72 15.97 6.81
C ASP G 1 -38.53 15.87 5.26
N ILE G 2 -39.08 14.77 4.63
CA ILE G 2 -38.89 14.49 3.20
C ILE G 2 -39.80 15.31 2.31
N VAL G 3 -39.20 15.87 1.23
CA VAL G 3 -39.87 16.70 0.24
C VAL G 3 -39.87 16.03 -1.11
N MET G 4 -41.07 15.77 -1.66
CA MET G 4 -41.26 15.12 -2.95
C MET G 4 -41.54 16.14 -4.03
N THR G 5 -40.67 16.23 -5.04
CA THR G 5 -40.85 17.23 -6.07
C THR G 5 -41.06 16.59 -7.44
N GLN G 6 -42.18 16.96 -8.08
CA GLN G 6 -42.63 16.44 -9.37
C GLN G 6 -42.41 17.35 -10.54
N SER G 7 -41.97 16.73 -11.64
CA SER G 7 -41.62 17.38 -12.89
C SER G 7 -42.15 16.56 -14.08
N PRO G 8 -42.81 17.16 -15.11
CA PRO G 8 -43.12 18.59 -15.28
C PRO G 8 -44.43 18.96 -14.60
N GLU G 9 -44.85 20.25 -14.66
CA GLU G 9 -46.11 20.59 -14.01
C GLU G 9 -47.30 20.10 -14.76
N SER G 10 -47.11 19.88 -16.05
CA SER G 10 -48.11 19.35 -16.96
C SER G 10 -47.45 18.93 -18.24
N LEU G 11 -47.83 17.79 -18.74
CA LEU G 11 -47.27 17.29 -19.98
C LEU G 11 -48.37 16.90 -20.90
N ALA G 12 -48.14 17.01 -22.18
CA ALA G 12 -49.11 16.55 -23.14
C ALA G 12 -48.45 15.60 -24.09
N VAL G 13 -49.05 14.45 -24.30
CA VAL G 13 -48.56 13.46 -25.26
C VAL G 13 -49.72 13.03 -26.08
N SER G 14 -49.48 12.70 -27.33
CA SER G 14 -50.57 12.30 -28.23
C SER G 14 -51.07 10.90 -27.91
N LEU G 15 -52.24 10.54 -28.43
CA LEU G 15 -52.78 9.23 -28.18
C LEU G 15 -51.83 8.17 -28.74
N GLY G 16 -51.42 7.26 -27.87
CA GLY G 16 -50.54 6.15 -28.22
C GLY G 16 -49.08 6.28 -27.86
N GLU G 17 -48.58 7.52 -27.74
CA GLU G 17 -47.17 7.80 -27.39
C GLU G 17 -46.88 7.52 -25.91
N ARG G 18 -45.60 7.58 -25.53
CA ARG G 18 -45.16 7.34 -24.15
C ARG G 18 -45.20 8.62 -23.36
N ALA G 19 -45.69 8.51 -22.16
CA ALA G 19 -45.72 9.61 -21.24
C ALA G 19 -44.69 9.29 -20.18
N THR G 20 -44.04 10.31 -19.64
CA THR G 20 -43.02 10.12 -18.63
C THR G 20 -43.08 11.18 -17.57
N ILE G 21 -43.39 10.78 -16.34
CA ILE G 21 -43.43 11.70 -15.22
C ILE G 21 -42.25 11.44 -14.31
N ASN G 22 -41.53 12.50 -13.94
CA ASN G 22 -40.39 12.42 -13.03
C ASN G 22 -40.74 12.84 -11.59
N CYS G 23 -40.13 12.15 -10.63
CA CYS G 23 -40.33 12.40 -9.21
C CYS G 23 -38.97 12.36 -8.56
N LYS G 24 -38.69 13.35 -7.70
CA LYS G 24 -37.41 13.43 -7.01
C LYS G 24 -37.62 13.73 -5.54
N SER G 25 -36.94 12.94 -4.70
CA SER G 25 -37.00 13.04 -3.24
C SER G 25 -35.80 13.78 -2.71
N SER G 26 -36.01 14.52 -1.61
CA SER G 26 -34.98 15.31 -0.94
C SER G 26 -33.98 14.45 -0.14
N GLN G 27 -34.36 13.20 0.21
CA GLN G 27 -33.56 12.21 0.96
C GLN G 27 -33.88 10.85 0.37
N SER G 28 -32.90 9.92 0.32
CA SER G 28 -33.17 8.61 -0.26
C SER G 28 -34.30 7.93 0.44
N VAL G 29 -35.06 7.11 -0.29
CA VAL G 29 -36.16 6.35 0.30
C VAL G 29 -35.90 4.87 0.17
N LEU G 30 -34.63 4.52 0.04
CA LEU G 30 -34.23 3.15 -0.11
C LEU G 30 -33.72 2.56 1.20
N TYR G 31 -34.30 1.43 1.63
CA TYR G 31 -33.74 0.75 2.79
C TYR G 31 -33.10 -0.49 2.29
N SER G 32 -31.76 -0.50 2.37
CA SER G 32 -30.89 -1.60 1.98
C SER G 32 -31.38 -2.93 2.63
N SER G 33 -31.25 -4.05 1.91
CA SER G 33 -31.72 -5.35 2.39
C SER G 33 -30.76 -6.46 2.02
N ARG G 34 -31.02 -7.66 2.53
CA ARG G 34 -30.29 -8.87 2.20
C ARG G 34 -30.75 -9.25 0.80
N SER G 35 -32.09 -9.24 0.61
CA SER G 35 -32.77 -9.49 -0.65
C SER G 35 -32.72 -8.18 -1.50
N ASP G 36 -33.82 -7.82 -2.22
CA ASP G 36 -33.83 -6.55 -2.93
C ASP G 36 -34.09 -5.40 -1.99
N ASN G 37 -33.30 -4.35 -2.17
CA ASN G 37 -33.40 -3.12 -1.42
C ASN G 37 -34.73 -2.51 -1.86
N LYS G 38 -35.59 -2.26 -0.89
CA LYS G 38 -36.94 -1.77 -1.14
C LYS G 38 -36.96 -0.24 -1.26
N ASP G 39 -37.70 0.31 -2.27
CA ASP G 39 -37.90 1.75 -2.45
C ASP G 39 -39.33 2.13 -1.96
N TYR G 40 -39.39 2.91 -0.88
CA TYR G 40 -40.60 3.31 -0.15
C TYR G 40 -41.34 4.45 -0.82
N LEU G 41 -41.71 4.23 -2.08
CA LEU G 41 -42.36 5.20 -2.97
C LEU G 41 -43.63 4.60 -3.63
N ALA G 42 -44.74 5.41 -3.71
CA ALA G 42 -46.04 5.04 -4.30
C ALA G 42 -46.53 6.06 -5.31
N TRP G 43 -47.31 5.60 -6.32
CA TRP G 43 -47.86 6.45 -7.39
C TRP G 43 -49.38 6.41 -7.37
N TYR G 44 -50.04 7.56 -7.58
CA TYR G 44 -51.51 7.62 -7.55
C TYR G 44 -52.09 8.38 -8.74
N GLN G 45 -53.29 7.93 -9.25
CA GLN G 45 -54.03 8.54 -10.38
C GLN G 45 -55.31 9.18 -9.87
N GLN G 46 -55.47 10.47 -10.14
CA GLN G 46 -56.63 11.21 -9.70
C GLN G 46 -57.26 11.95 -10.87
N LYS G 47 -58.38 11.40 -11.38
CA LYS G 47 -59.15 12.04 -12.44
C LYS G 47 -60.06 13.14 -11.77
N PRO G 48 -60.72 14.06 -12.55
CA PRO G 48 -61.55 15.11 -11.93
C PRO G 48 -62.64 14.68 -10.95
N GLY G 49 -62.60 15.27 -9.75
CA GLY G 49 -63.55 15.04 -8.67
C GLY G 49 -63.44 13.68 -8.02
N GLN G 50 -63.26 12.64 -8.86
CA GLN G 50 -63.15 11.22 -8.53
C GLN G 50 -62.18 10.90 -7.44
N SER G 51 -62.38 9.71 -6.87
CA SER G 51 -61.54 9.20 -5.80
C SER G 51 -60.15 8.90 -6.34
N PRO G 52 -59.07 9.47 -5.75
CA PRO G 52 -57.72 9.11 -6.20
C PRO G 52 -57.49 7.59 -6.03
N LYS G 53 -56.74 6.96 -6.94
CA LYS G 53 -56.53 5.50 -6.91
C LYS G 53 -55.04 5.15 -6.76
N LEU G 54 -54.73 4.04 -6.07
CA LEU G 54 -53.33 3.62 -5.94
C LEU G 54 -52.90 2.79 -7.17
N LEU G 55 -51.81 3.21 -7.83
CA LEU G 55 -51.28 2.57 -9.03
C LEU G 55 -50.11 1.63 -8.77
N ILE G 56 -49.03 2.21 -8.22
CA ILE G 56 -47.77 1.54 -7.96
C ILE G 56 -47.35 1.77 -6.52
N TYR G 57 -46.69 0.77 -5.92
CA TYR G 57 -46.05 0.80 -4.60
C TYR G 57 -44.73 0.03 -4.69
N TRP G 58 -43.79 0.31 -3.75
CA TRP G 58 -42.43 -0.24 -3.79
C TRP G 58 -41.76 0.25 -5.06
N ALA G 59 -42.23 1.41 -5.54
CA ALA G 59 -41.83 2.16 -6.73
C ALA G 59 -41.94 1.41 -8.04
N SER G 60 -42.09 0.06 -8.01
CA SER G 60 -42.17 -0.77 -9.21
C SER G 60 -43.31 -1.78 -9.24
N THR G 61 -43.88 -2.11 -8.07
CA THR G 61 -44.94 -3.11 -8.01
C THR G 61 -46.32 -2.50 -8.34
N ARG G 62 -46.97 -3.06 -9.38
CA ARG G 62 -48.30 -2.65 -9.84
C ARG G 62 -49.36 -3.14 -8.87
N GLU G 63 -50.30 -2.25 -8.47
CA GLU G 63 -51.42 -2.64 -7.60
C GLU G 63 -52.36 -3.48 -8.47
N SER G 64 -52.96 -4.54 -7.88
CA SER G 64 -53.85 -5.51 -8.53
C SER G 64 -54.84 -4.87 -9.48
N GLY G 65 -54.76 -5.26 -10.75
CA GLY G 65 -55.65 -4.75 -11.78
C GLY G 65 -55.17 -3.55 -12.59
N VAL G 66 -54.06 -2.88 -12.18
CA VAL G 66 -53.48 -1.75 -12.92
C VAL G 66 -52.93 -2.29 -14.27
N PRO G 67 -53.35 -1.75 -15.45
CA PRO G 67 -52.88 -2.33 -16.73
C PRO G 67 -51.39 -2.23 -16.89
N GLU G 68 -50.82 -3.16 -17.67
CA GLU G 68 -49.38 -3.24 -17.86
C GLU G 68 -48.77 -2.05 -18.61
N ARG G 69 -49.62 -1.17 -19.19
CA ARG G 69 -49.08 0.01 -19.85
C ARG G 69 -48.45 0.97 -18.82
N PHE G 70 -48.87 0.88 -17.55
CA PHE G 70 -48.32 1.67 -16.46
C PHE G 70 -47.08 0.98 -15.94
N THR G 71 -45.93 1.67 -16.02
CA THR G 71 -44.64 1.14 -15.58
C THR G 71 -44.03 2.08 -14.53
N GLY G 72 -43.80 1.55 -13.33
CA GLY G 72 -43.16 2.28 -12.26
C GLY G 72 -41.68 1.96 -12.27
N SER G 73 -40.80 2.97 -12.10
CA SER G 73 -39.35 2.75 -12.09
C SER G 73 -38.58 3.77 -11.21
N GLY G 74 -37.28 3.50 -11.07
CA GLY G 74 -36.35 4.33 -10.32
C GLY G 74 -35.78 3.72 -9.06
N SER G 75 -34.82 4.44 -8.42
CA SER G 75 -34.16 4.05 -7.17
C SER G 75 -33.55 5.21 -6.38
N GLY G 76 -33.69 5.13 -5.06
CA GLY G 76 -33.14 6.07 -4.11
C GLY G 76 -33.73 7.46 -4.10
N THR G 77 -33.34 8.30 -5.06
CA THR G 77 -33.79 9.68 -5.09
C THR G 77 -34.58 10.00 -6.34
N ASP G 78 -34.35 9.27 -7.43
CA ASP G 78 -35.03 9.58 -8.67
C ASP G 78 -35.98 8.50 -9.14
N PHE G 79 -37.27 8.88 -9.37
CA PHE G 79 -38.35 8.00 -9.80
C PHE G 79 -39.07 8.47 -11.03
N THR G 80 -39.64 7.52 -11.77
CA THR G 80 -40.31 7.72 -13.03
C THR G 80 -41.52 6.83 -13.19
N LEU G 81 -42.63 7.41 -13.64
CA LEU G 81 -43.87 6.70 -13.95
C LEU G 81 -44.05 6.84 -15.46
N SER G 82 -44.09 5.71 -16.18
CA SER G 82 -44.21 5.72 -17.63
C SER G 82 -45.53 5.10 -18.08
N ILE G 83 -46.27 5.77 -18.99
CA ILE G 83 -47.50 5.21 -19.54
C ILE G 83 -47.17 4.85 -20.95
N SER G 84 -46.89 3.56 -21.15
CA SER G 84 -46.43 2.93 -22.40
C SER G 84 -47.20 3.38 -23.64
N SER G 85 -48.54 3.41 -23.58
CA SER G 85 -49.34 3.88 -24.71
C SER G 85 -50.54 4.65 -24.19
N LEU G 86 -50.49 6.00 -24.24
CA LEU G 86 -51.53 6.85 -23.69
C LEU G 86 -52.89 6.67 -24.36
N GLN G 87 -53.92 6.53 -23.51
CA GLN G 87 -55.33 6.35 -23.83
C GLN G 87 -56.09 7.55 -23.32
N ALA G 88 -57.18 7.94 -24.00
CA ALA G 88 -58.01 9.10 -23.59
C ALA G 88 -58.33 9.09 -22.10
N GLU G 89 -58.58 7.88 -21.57
CA GLU G 89 -58.92 7.54 -20.20
C GLU G 89 -57.83 7.95 -19.20
N ASP G 90 -56.55 7.87 -19.63
CA ASP G 90 -55.36 8.16 -18.83
C ASP G 90 -55.17 9.65 -18.52
N VAL G 91 -56.02 10.54 -19.06
CA VAL G 91 -55.93 11.96 -18.74
C VAL G 91 -56.29 12.11 -17.25
N ALA G 92 -55.36 12.70 -16.47
CA ALA G 92 -55.50 12.92 -15.03
C ALA G 92 -54.26 13.59 -14.45
N VAL G 93 -54.26 13.72 -13.12
CA VAL G 93 -53.17 14.22 -12.29
C VAL G 93 -52.53 13.00 -11.71
N TYR G 94 -51.21 12.98 -11.58
CA TYR G 94 -50.53 11.84 -10.99
C TYR G 94 -49.63 12.28 -9.86
N TYR G 95 -49.76 11.69 -8.67
CA TYR G 95 -48.95 12.09 -7.52
C TYR G 95 -48.04 11.00 -7.05
N CYS G 96 -46.77 11.35 -6.78
CA CYS G 96 -45.87 10.38 -6.21
C CYS G 96 -45.86 10.63 -4.70
N GLN G 97 -45.61 9.57 -3.90
CA GLN G 97 -45.65 9.66 -2.45
C GLN G 97 -44.58 8.82 -1.78
N GLN G 98 -43.92 9.39 -0.77
CA GLN G 98 -42.87 8.81 0.06
C GLN G 98 -43.49 8.19 1.32
N TYR G 99 -43.06 6.97 1.75
CA TYR G 99 -43.54 6.34 2.99
C TYR G 99 -42.42 5.73 3.81
N TYR G 100 -41.18 6.19 3.53
CA TYR G 100 -39.94 5.79 4.20
C TYR G 100 -39.82 6.45 5.58
N SER G 101 -40.22 7.74 5.69
CA SER G 101 -40.18 8.48 6.95
C SER G 101 -41.55 8.96 7.34
N SER G 102 -41.73 9.22 8.64
CA SER G 102 -42.97 9.81 9.10
C SER G 102 -42.68 11.31 9.25
N PRO G 103 -43.55 12.19 8.69
CA PRO G 103 -44.87 11.91 8.05
C PRO G 103 -44.82 11.56 6.55
N PRO G 104 -45.76 10.71 6.05
CA PRO G 104 -45.76 10.41 4.61
C PRO G 104 -46.04 11.67 3.81
N THR G 105 -45.25 11.94 2.76
CA THR G 105 -45.37 13.17 1.97
C THR G 105 -45.60 12.90 0.47
N PHE G 106 -46.32 13.82 -0.20
CA PHE G 106 -46.68 13.72 -1.62
C PHE G 106 -46.06 14.80 -2.49
N GLY G 107 -46.06 14.55 -3.79
CA GLY G 107 -45.59 15.49 -4.80
C GLY G 107 -46.66 16.50 -5.15
N GLY G 108 -46.29 17.45 -6.01
CA GLY G 108 -47.16 18.51 -6.48
C GLY G 108 -48.11 18.04 -7.54
N GLY G 109 -47.73 16.96 -8.20
CA GLY G 109 -48.57 16.36 -9.22
C GLY G 109 -48.32 16.93 -10.59
N THR G 110 -48.42 16.06 -11.58
CA THR G 110 -48.19 16.42 -12.97
C THR G 110 -49.46 16.14 -13.74
N LYS G 111 -49.94 17.16 -14.44
CA LYS G 111 -51.16 17.08 -15.20
C LYS G 111 -50.90 16.42 -16.55
N VAL G 112 -51.62 15.36 -16.84
CA VAL G 112 -51.44 14.72 -18.12
C VAL G 112 -52.57 15.10 -19.02
N GLU G 113 -52.20 15.65 -20.19
CA GLU G 113 -53.14 16.10 -21.20
C GLU G 113 -52.79 15.61 -22.62
N LEU G 114 -53.75 15.73 -23.54
CA LEU G 114 -53.52 15.28 -24.90
C LEU G 114 -52.81 16.36 -25.72
N LYS G 115 -51.83 15.97 -26.56
CA LYS G 115 -51.04 16.83 -27.46
C LYS G 115 -51.66 16.81 -28.86
N ARG G 116 -52.23 17.95 -29.27
CA ARG G 116 -52.90 18.10 -30.57
C ARG G 116 -52.26 19.21 -31.38
N THR G 117 -52.66 19.34 -32.65
CA THR G 117 -52.13 20.35 -33.58
C THR G 117 -52.35 21.77 -33.08
N VAL G 118 -51.55 22.72 -33.53
CA VAL G 118 -51.70 24.09 -33.10
C VAL G 118 -53.02 24.60 -33.59
N ALA G 119 -53.70 25.39 -32.77
CA ALA G 119 -55.00 25.99 -33.07
C ALA G 119 -54.97 27.46 -32.63
N ALA G 120 -55.20 28.38 -33.56
CA ALA G 120 -55.13 29.79 -33.24
C ALA G 120 -56.35 30.27 -32.45
N PRO G 121 -56.19 31.22 -31.52
CA PRO G 121 -57.35 31.68 -30.77
C PRO G 121 -58.13 32.70 -31.55
N SER G 122 -59.41 32.75 -31.33
CA SER G 122 -60.28 33.76 -31.90
C SER G 122 -60.35 34.82 -30.82
N VAL G 123 -60.08 36.10 -31.16
CA VAL G 123 -60.03 37.14 -30.12
C VAL G 123 -61.24 38.05 -30.13
N PHE G 124 -61.77 38.36 -28.92
CA PHE G 124 -62.93 39.23 -28.72
C PHE G 124 -62.79 40.10 -27.50
N ILE G 125 -63.18 41.38 -27.64
CA ILE G 125 -63.17 42.33 -26.52
C ILE G 125 -64.60 42.70 -26.14
N PHE G 126 -64.84 43.04 -24.84
CA PHE G 126 -66.14 43.44 -24.30
C PHE G 126 -66.02 44.65 -23.37
N PRO G 127 -66.75 45.76 -23.62
CA PRO G 127 -66.61 46.93 -22.74
C PRO G 127 -67.43 46.72 -21.49
N PRO G 128 -67.17 47.46 -20.39
CA PRO G 128 -67.99 47.25 -19.19
C PRO G 128 -69.41 47.68 -19.50
N SER G 129 -70.37 46.91 -18.99
CA SER G 129 -71.79 47.16 -19.19
C SER G 129 -72.23 48.46 -18.51
N ASP G 130 -73.29 49.09 -19.06
CA ASP G 130 -73.81 50.36 -18.56
C ASP G 130 -74.38 50.15 -17.19
N GLU G 131 -74.92 48.95 -16.98
CA GLU G 131 -75.50 48.42 -15.76
C GLU G 131 -74.43 48.46 -14.68
N GLN G 132 -73.21 47.94 -15.00
CA GLN G 132 -72.07 47.89 -14.09
C GLN G 132 -71.47 49.27 -13.89
N LEU G 133 -71.46 50.11 -14.92
CA LEU G 133 -70.87 51.44 -14.79
C LEU G 133 -71.60 52.33 -13.81
N LYS G 134 -72.96 52.22 -13.76
CA LYS G 134 -73.74 52.97 -12.78
C LYS G 134 -73.46 52.42 -11.35
N SER G 135 -73.06 51.12 -11.26
CA SER G 135 -72.71 50.41 -10.03
C SER G 135 -71.39 50.88 -9.36
N GLY G 136 -70.63 51.73 -10.04
CA GLY G 136 -69.38 52.29 -9.52
C GLY G 136 -68.10 51.57 -9.86
N THR G 137 -68.18 50.47 -10.63
CA THR G 137 -67.01 49.69 -11.06
C THR G 137 -67.00 49.48 -12.58
N ALA G 138 -65.86 49.02 -13.14
CA ALA G 138 -65.73 48.76 -14.57
C ALA G 138 -64.93 47.50 -14.85
N SER G 139 -65.45 46.64 -15.71
CA SER G 139 -64.77 45.39 -16.05
C SER G 139 -64.72 45.15 -17.54
N VAL G 140 -63.50 45.21 -18.11
CA VAL G 140 -63.20 44.97 -19.53
C VAL G 140 -62.77 43.51 -19.64
N VAL G 141 -63.39 42.77 -20.53
CA VAL G 141 -63.12 41.36 -20.65
C VAL G 141 -62.56 41.03 -22.03
N CYS G 142 -61.59 40.12 -22.07
CA CYS G 142 -61.02 39.64 -23.32
C CYS G 142 -61.10 38.13 -23.41
N LEU G 143 -61.71 37.64 -24.48
CA LEU G 143 -61.87 36.22 -24.71
C LEU G 143 -60.97 35.71 -25.81
N LEU G 144 -60.29 34.59 -25.55
CA LEU G 144 -59.45 33.84 -26.47
C LEU G 144 -60.20 32.55 -26.59
N ASN G 145 -60.78 32.30 -27.75
CA ASN G 145 -61.63 31.14 -27.88
C ASN G 145 -61.08 30.03 -28.75
N ASN G 146 -61.14 28.79 -28.22
CA ASN G 146 -60.73 27.53 -28.83
C ASN G 146 -59.33 27.61 -29.48
N PHE G 147 -58.29 27.27 -28.70
CA PHE G 147 -56.90 27.32 -29.16
C PHE G 147 -56.06 26.23 -28.54
N TYR G 148 -54.88 26.01 -29.11
CA TYR G 148 -53.90 25.05 -28.62
C TYR G 148 -52.53 25.48 -29.08
N PRO G 149 -51.50 25.48 -28.23
CA PRO G 149 -51.48 25.08 -26.80
C PRO G 149 -51.98 26.15 -25.85
N ARG G 150 -52.08 25.80 -24.54
CA ARG G 150 -52.54 26.68 -23.45
C ARG G 150 -51.74 27.98 -23.38
N GLU G 151 -50.50 27.94 -23.81
CA GLU G 151 -49.56 29.04 -23.77
C GLU G 151 -49.90 30.18 -24.75
N ALA G 152 -50.15 31.37 -24.20
CA ALA G 152 -50.46 32.59 -24.93
C ALA G 152 -50.27 33.83 -24.02
N LYS G 153 -50.00 35.00 -24.61
CA LYS G 153 -49.79 36.22 -23.81
C LYS G 153 -50.84 37.29 -24.05
N VAL G 154 -51.56 37.64 -22.99
CA VAL G 154 -52.58 38.67 -22.99
C VAL G 154 -51.99 39.90 -22.35
N GLN G 155 -51.91 40.99 -23.11
CA GLN G 155 -51.40 42.27 -22.62
C GLN G 155 -52.51 43.30 -22.73
N TRP G 156 -52.83 43.99 -21.62
CA TRP G 156 -53.87 45.03 -21.66
C TRP G 156 -53.22 46.40 -21.87
N LYS G 157 -53.86 47.30 -22.66
CA LYS G 157 -53.36 48.66 -22.94
C LYS G 157 -54.43 49.73 -22.82
N VAL G 158 -54.23 50.68 -21.90
CA VAL G 158 -55.13 51.81 -21.63
C VAL G 158 -54.48 53.12 -22.07
N ASP G 159 -54.86 53.60 -23.28
CA ASP G 159 -54.28 54.82 -23.88
C ASP G 159 -52.75 54.59 -24.11
N ASN G 160 -52.38 53.45 -24.76
CA ASN G 160 -51.02 52.99 -25.08
C ASN G 160 -50.15 52.54 -23.86
N ALA G 161 -50.58 52.91 -22.63
CA ALA G 161 -49.91 52.58 -21.36
C ALA G 161 -50.23 51.12 -20.96
N LEU G 162 -49.21 50.22 -20.90
CA LEU G 162 -49.40 48.80 -20.57
C LEU G 162 -49.93 48.56 -19.14
N GLN G 163 -50.85 47.57 -18.98
CA GLN G 163 -51.48 47.25 -17.69
C GLN G 163 -50.95 45.99 -17.03
N SER G 164 -50.70 46.11 -15.71
CA SER G 164 -50.20 45.03 -14.88
C SER G 164 -50.78 45.06 -13.47
N GLY G 165 -51.05 43.85 -12.95
CA GLY G 165 -51.60 43.63 -11.62
C GLY G 165 -53.11 43.73 -11.53
N ASN G 166 -53.70 44.63 -12.32
CA ASN G 166 -55.14 44.91 -12.38
C ASN G 166 -55.98 43.91 -13.19
N SER G 167 -55.34 42.88 -13.77
CA SER G 167 -56.03 41.88 -14.57
C SER G 167 -55.97 40.47 -13.93
N GLN G 168 -56.95 39.62 -14.25
CA GLN G 168 -56.99 38.24 -13.77
C GLN G 168 -57.40 37.29 -14.87
N GLU G 169 -56.71 36.16 -14.95
CA GLU G 169 -56.99 35.19 -15.98
C GLU G 169 -57.69 33.96 -15.44
N SER G 170 -58.48 33.30 -16.32
CA SER G 170 -59.26 32.09 -16.06
C SER G 170 -59.18 31.20 -17.32
N VAL G 171 -58.87 29.91 -17.17
CA VAL G 171 -58.75 29.06 -18.34
C VAL G 171 -59.57 27.83 -18.19
N THR G 172 -60.31 27.46 -19.24
CA THR G 172 -61.13 26.24 -19.28
C THR G 172 -60.19 25.04 -19.31
N GLU G 173 -60.68 23.87 -18.90
CA GLU G 173 -59.87 22.65 -18.98
C GLU G 173 -59.92 22.15 -20.40
N GLN G 174 -58.93 21.34 -20.79
CA GLN G 174 -58.86 20.81 -22.14
C GLN G 174 -60.21 20.28 -22.55
N ASP G 175 -60.74 20.79 -23.66
CA ASP G 175 -62.05 20.45 -24.21
C ASP G 175 -62.22 18.96 -24.45
N SER G 176 -63.42 18.45 -24.20
CA SER G 176 -63.77 17.05 -24.34
C SER G 176 -63.78 16.58 -25.79
N LYS G 177 -64.14 17.46 -26.71
CA LYS G 177 -64.28 17.13 -28.12
C LYS G 177 -63.05 17.44 -28.93
N ASP G 178 -62.68 18.72 -29.09
CA ASP G 178 -61.54 19.11 -29.92
C ASP G 178 -60.21 19.25 -29.18
N SER G 179 -60.23 19.08 -27.83
CA SER G 179 -59.09 19.20 -26.90
C SER G 179 -58.34 20.57 -27.01
N THR G 180 -59.11 21.66 -27.11
CA THR G 180 -58.61 23.04 -27.15
C THR G 180 -58.93 23.74 -25.84
N TYR G 181 -58.31 24.88 -25.60
CA TYR G 181 -58.61 25.66 -24.41
C TYR G 181 -59.28 26.94 -24.81
N SER G 182 -59.80 27.66 -23.82
CA SER G 182 -60.43 28.97 -24.00
C SER G 182 -59.98 29.80 -22.82
N LEU G 183 -59.75 31.09 -23.00
CA LEU G 183 -59.21 31.93 -21.93
C LEU G 183 -59.99 33.21 -21.70
N SER G 184 -60.21 33.56 -20.44
CA SER G 184 -60.88 34.80 -20.04
C SER G 184 -59.91 35.70 -19.34
N SER G 185 -59.75 36.94 -19.82
CA SER G 185 -58.90 37.90 -19.14
C SER G 185 -59.73 39.10 -18.74
N THR G 186 -59.80 39.36 -17.44
CA THR G 186 -60.65 40.41 -16.94
C THR G 186 -59.86 41.59 -16.36
N LEU G 187 -59.91 42.75 -17.04
CA LEU G 187 -59.29 44.00 -16.60
C LEU G 187 -60.32 44.72 -15.74
N THR G 188 -60.03 44.87 -14.46
CA THR G 188 -60.90 45.46 -13.45
C THR G 188 -60.42 46.88 -13.08
N LEU G 189 -61.26 47.90 -13.32
CA LEU G 189 -60.94 49.30 -13.06
C LEU G 189 -62.04 50.03 -12.27
N SER G 190 -61.64 51.14 -11.61
CA SER G 190 -62.58 52.01 -10.90
C SER G 190 -63.39 52.74 -11.99
N LYS G 191 -64.70 52.97 -11.73
CA LYS G 191 -65.56 53.71 -12.69
C LYS G 191 -64.86 55.02 -13.04
N ALA G 192 -64.28 55.68 -12.00
CA ALA G 192 -63.54 56.95 -12.04
C ALA G 192 -62.44 56.90 -13.08
N ASP G 193 -61.47 55.96 -12.92
CA ASP G 193 -60.36 55.76 -13.84
C ASP G 193 -60.79 55.40 -15.24
N TYR G 194 -61.79 54.50 -15.37
CA TYR G 194 -62.32 54.09 -16.66
C TYR G 194 -62.82 55.27 -17.51
N GLU G 195 -63.45 56.26 -16.87
CA GLU G 195 -63.97 57.42 -17.58
C GLU G 195 -62.89 58.42 -18.00
N LYS G 196 -61.68 58.34 -17.40
CA LYS G 196 -60.59 59.25 -17.74
C LYS G 196 -59.81 58.87 -18.98
N HIS G 197 -60.03 57.67 -19.52
CA HIS G 197 -59.26 57.19 -20.65
C HIS G 197 -60.16 56.81 -21.81
N LYS G 198 -59.65 56.86 -23.06
CA LYS G 198 -60.48 56.56 -24.22
C LYS G 198 -60.18 55.26 -24.98
N VAL G 199 -58.90 54.91 -25.26
CA VAL G 199 -58.66 53.67 -25.99
C VAL G 199 -58.31 52.52 -25.03
N TYR G 200 -59.03 51.43 -25.21
CA TYR G 200 -58.90 50.21 -24.44
C TYR G 200 -58.60 49.09 -25.41
N ALA G 201 -57.43 48.45 -25.25
CA ALA G 201 -56.98 47.38 -26.15
C ALA G 201 -56.48 46.15 -25.42
N CYS G 202 -56.62 45.03 -26.10
CA CYS G 202 -56.24 43.72 -25.64
C CYS G 202 -55.36 43.12 -26.76
N GLU G 203 -54.10 42.71 -26.45
CA GLU G 203 -53.15 42.13 -27.42
C GLU G 203 -52.74 40.70 -27.06
N VAL G 204 -53.06 39.78 -27.99
CA VAL G 204 -52.85 38.34 -27.89
C VAL G 204 -51.67 37.90 -28.72
N THR G 205 -50.74 37.17 -28.11
CA THR G 205 -49.58 36.66 -28.82
C THR G 205 -49.65 35.16 -28.71
N HIS G 206 -49.72 34.44 -29.84
CA HIS G 206 -49.84 32.97 -29.81
C HIS G 206 -49.04 32.28 -30.89
N GLN G 207 -48.84 30.96 -30.73
CA GLN G 207 -48.12 30.09 -31.64
C GLN G 207 -48.81 30.04 -32.99
N GLY G 208 -50.13 30.02 -32.97
CA GLY G 208 -50.98 29.93 -34.16
C GLY G 208 -51.20 31.21 -34.93
N LEU G 209 -50.88 32.35 -34.33
CA LEU G 209 -51.03 33.64 -34.99
C LEU G 209 -49.75 34.04 -35.65
N SER G 210 -49.83 34.40 -36.93
CA SER G 210 -48.72 34.88 -37.75
C SER G 210 -48.04 36.13 -37.15
N SER G 211 -48.83 36.97 -36.46
CA SER G 211 -48.43 38.21 -35.84
C SER G 211 -49.36 38.49 -34.68
N PRO G 212 -48.99 39.26 -33.63
CA PRO G 212 -49.94 39.54 -32.54
C PRO G 212 -51.25 40.13 -33.05
N VAL G 213 -52.33 39.75 -32.41
CA VAL G 213 -53.68 40.18 -32.73
C VAL G 213 -54.10 41.20 -31.69
N THR G 214 -54.71 42.31 -32.14
CA THR G 214 -55.17 43.34 -31.22
C THR G 214 -56.68 43.60 -31.39
N LYS G 215 -57.41 43.63 -30.28
CA LYS G 215 -58.83 43.93 -30.25
C LYS G 215 -58.97 45.14 -29.34
N SER G 216 -59.50 46.24 -29.90
CA SER G 216 -59.60 47.52 -29.22
C SER G 216 -60.90 48.28 -29.47
N PHE G 217 -61.24 49.19 -28.55
CA PHE G 217 -62.41 50.05 -28.64
C PHE G 217 -62.12 51.42 -28.06
N ASN G 218 -62.96 52.41 -28.38
CA ASN G 218 -62.89 53.77 -27.84
C ASN G 218 -64.08 53.92 -26.87
N ARG G 219 -63.95 54.63 -25.73
CA ARG G 219 -65.05 54.75 -24.76
C ARG G 219 -66.16 55.70 -25.21
N VAL H 1 -66.07 -2.52 -2.58
CA VAL H 1 -65.38 -1.59 -1.67
C VAL H 1 -65.96 -0.21 -1.86
N GLN H 2 -66.21 0.54 -0.76
CA GLN H 2 -66.78 1.89 -0.77
C GLN H 2 -66.41 2.76 0.43
N LEU H 3 -66.03 4.01 0.16
CA LEU H 3 -65.72 5.01 1.16
C LEU H 3 -66.47 6.28 0.77
N VAL H 4 -67.41 6.73 1.61
CA VAL H 4 -68.19 7.91 1.31
C VAL H 4 -68.15 8.93 2.45
N GLU H 5 -67.44 10.02 2.17
CA GLU H 5 -67.28 11.14 3.09
C GLU H 5 -68.55 11.95 3.06
N SER H 6 -68.90 12.49 4.22
CA SER H 6 -70.06 13.34 4.42
C SER H 6 -69.76 14.48 5.42
N GLY H 7 -70.57 15.52 5.37
CA GLY H 7 -70.38 16.72 6.18
C GLY H 7 -69.55 17.68 5.36
N GLY H 8 -69.02 18.71 5.99
CA GLY H 8 -68.19 19.70 5.32
C GLY H 8 -68.89 20.62 4.34
N GLY H 9 -68.77 21.93 4.59
CA GLY H 9 -69.34 22.99 3.76
C GLY H 9 -68.53 24.27 3.92
N VAL H 10 -69.20 25.37 4.26
CA VAL H 10 -68.53 26.64 4.55
C VAL H 10 -68.66 26.96 6.03
N VAL H 11 -67.59 27.40 6.67
CA VAL H 11 -67.55 27.79 8.07
C VAL H 11 -66.81 29.13 8.15
N HIS H 12 -67.20 29.94 9.14
CA HIS H 12 -66.53 31.18 9.51
C HIS H 12 -65.29 30.69 10.27
N PRO H 13 -64.14 31.38 10.09
CA PRO H 13 -62.88 30.93 10.73
C PRO H 13 -62.87 31.04 12.27
N GLY H 14 -63.34 29.97 12.91
CA GLY H 14 -63.40 29.83 14.37
C GLY H 14 -64.33 28.73 14.81
N ARG H 15 -65.46 28.54 14.10
CA ARG H 15 -66.40 27.48 14.47
C ARG H 15 -65.83 26.11 14.14
N SER H 16 -66.46 25.09 14.70
CA SER H 16 -66.04 23.72 14.48
C SER H 16 -66.84 23.08 13.34
N LEU H 17 -66.31 21.98 12.79
CA LEU H 17 -66.98 21.13 11.80
C LEU H 17 -66.66 19.66 12.09
N ARG H 18 -67.59 18.75 11.75
CA ARG H 18 -67.40 17.30 11.89
C ARG H 18 -67.69 16.55 10.58
N LEU H 19 -66.67 15.79 10.15
CA LEU H 19 -66.66 14.96 8.96
C LEU H 19 -66.77 13.50 9.34
N SER H 20 -67.48 12.74 8.52
CA SER H 20 -67.69 11.31 8.72
C SER H 20 -67.43 10.56 7.42
N CYS H 21 -66.93 9.35 7.54
CA CYS H 21 -66.66 8.53 6.36
C CYS H 21 -67.30 7.16 6.52
N ALA H 22 -68.27 6.84 5.65
CA ALA H 22 -68.96 5.56 5.69
C ALA H 22 -68.21 4.50 4.86
N ALA H 23 -67.80 3.43 5.52
CA ALA H 23 -67.02 2.37 4.90
C ALA H 23 -67.76 1.05 4.74
N SER H 24 -67.51 0.37 3.60
CA SER H 24 -68.05 -0.95 3.21
C SER H 24 -67.11 -1.64 2.19
N GLY H 25 -67.23 -2.97 2.07
CA GLY H 25 -66.45 -3.78 1.13
C GLY H 25 -65.15 -4.37 1.64
N PHE H 26 -64.79 -4.08 2.92
CA PHE H 26 -63.59 -4.57 3.60
C PHE H 26 -63.82 -4.76 5.11
N THR H 27 -62.82 -5.28 5.81
CA THR H 27 -62.93 -5.47 7.25
C THR H 27 -62.53 -4.18 7.92
N PHE H 28 -63.51 -3.29 8.17
CA PHE H 28 -63.22 -1.97 8.75
C PHE H 28 -62.58 -2.02 10.13
N GLY H 29 -63.16 -2.84 11.00
CA GLY H 29 -62.70 -2.99 12.38
C GLY H 29 -61.26 -3.42 12.61
N THR H 30 -60.59 -3.98 11.56
CA THR H 30 -59.21 -4.51 11.65
C THR H 30 -58.14 -3.64 10.94
N SER H 31 -58.57 -2.74 10.00
CA SER H 31 -57.64 -1.89 9.24
C SER H 31 -57.46 -0.47 9.79
N ILE H 32 -56.26 0.06 9.55
CA ILE H 32 -55.79 1.37 9.96
C ILE H 32 -56.39 2.40 8.97
N MET H 33 -56.96 3.53 9.49
CA MET H 33 -57.56 4.55 8.63
C MET H 33 -56.83 5.87 8.66
N HIS H 34 -56.98 6.69 7.59
CA HIS H 34 -56.31 7.98 7.43
C HIS H 34 -57.18 9.07 6.84
N TRP H 35 -56.81 10.34 7.11
CA TRP H 35 -57.44 11.54 6.58
C TRP H 35 -56.35 12.33 5.86
N VAL H 36 -56.48 12.48 4.54
CA VAL H 36 -55.54 13.20 3.69
C VAL H 36 -56.30 14.37 3.01
N ARG H 37 -55.77 15.60 3.14
CA ARG H 37 -56.42 16.77 2.56
C ARG H 37 -55.74 17.33 1.33
N GLN H 38 -56.52 17.95 0.43
CA GLN H 38 -56.05 18.58 -0.80
C GLN H 38 -56.54 20.01 -0.88
N ALA H 39 -55.63 20.94 -0.60
CA ALA H 39 -55.91 22.37 -0.65
C ALA H 39 -56.07 22.83 -2.10
N PRO H 40 -56.93 23.84 -2.33
CA PRO H 40 -57.06 24.36 -3.69
C PRO H 40 -55.67 24.80 -4.08
N GLY H 41 -55.16 24.11 -5.07
CA GLY H 41 -53.83 24.32 -5.58
C GLY H 41 -53.49 23.01 -6.19
N LYS H 42 -52.68 22.24 -5.49
CA LYS H 42 -52.29 20.93 -5.98
C LYS H 42 -51.87 20.00 -4.88
N GLY H 43 -51.07 20.49 -3.94
CA GLY H 43 -50.52 19.73 -2.83
C GLY H 43 -51.46 18.76 -2.15
N MET H 44 -51.03 17.50 -2.00
CA MET H 44 -51.75 16.45 -1.28
C MET H 44 -51.02 16.34 0.06
N GLN H 45 -51.72 16.54 1.18
CA GLN H 45 -51.09 16.53 2.50
C GLN H 45 -51.77 15.57 3.47
N TRP H 46 -50.96 14.81 4.25
CA TRP H 46 -51.49 13.90 5.28
C TRP H 46 -51.91 14.71 6.53
N VAL H 47 -53.05 14.32 7.14
CA VAL H 47 -53.62 14.98 8.31
C VAL H 47 -53.63 14.06 9.55
N ALA H 48 -54.31 12.90 9.49
CA ALA H 48 -54.34 12.02 10.64
C ALA H 48 -54.33 10.54 10.35
N GLN H 49 -54.04 9.72 11.39
CA GLN H 49 -54.02 8.25 11.38
C GLN H 49 -54.65 7.72 12.66
N ILE H 50 -55.39 6.62 12.54
CA ILE H 50 -56.05 5.94 13.64
C ILE H 50 -55.91 4.42 13.50
N SER H 51 -55.68 3.72 14.64
CA SER H 51 -55.57 2.27 14.70
C SER H 51 -56.97 1.62 14.72
N HIS H 52 -57.05 0.31 14.46
CA HIS H 52 -58.31 -0.47 14.45
C HIS H 52 -59.14 -0.33 15.75
N ASP H 53 -58.47 -0.06 16.89
CA ASP H 53 -59.06 0.05 18.23
C ASP H 53 -58.99 1.45 18.88
N GLU H 54 -58.45 2.44 18.16
CA GLU H 54 -58.31 3.87 18.58
C GLU H 54 -57.15 4.15 19.60
N SER H 55 -56.45 3.10 20.07
CA SER H 55 -55.32 3.23 21.01
C SER H 55 -54.17 4.15 20.51
N ARG H 56 -53.90 4.11 19.18
CA ARG H 56 -52.82 4.87 18.54
C ARG H 56 -53.37 5.85 17.47
N LYS H 57 -53.42 7.16 17.81
CA LYS H 57 -53.86 8.25 16.91
C LYS H 57 -52.71 9.23 16.71
N PHE H 58 -52.43 9.58 15.43
CA PHE H 58 -51.32 10.44 15.09
C PHE H 58 -51.78 11.56 14.20
N TYR H 59 -51.33 12.78 14.47
CA TYR H 59 -51.74 13.94 13.68
C TYR H 59 -50.56 14.64 13.02
N SER H 60 -50.81 15.34 11.88
CA SER H 60 -49.79 16.15 11.21
C SER H 60 -49.60 17.36 12.10
N ASP H 61 -48.41 17.93 12.07
CA ASP H 61 -48.08 19.05 12.98
C ASP H 61 -48.94 20.30 12.81
N SER H 62 -49.49 20.50 11.59
CA SER H 62 -50.38 21.61 11.24
C SER H 62 -51.72 21.61 12.02
N VAL H 63 -52.29 20.41 12.20
CA VAL H 63 -53.60 20.17 12.82
C VAL H 63 -53.51 19.75 14.30
N LYS H 64 -52.37 19.16 14.72
CA LYS H 64 -52.10 18.63 16.06
C LYS H 64 -52.75 19.47 17.17
N GLY H 65 -53.67 18.82 17.89
CA GLY H 65 -54.40 19.41 19.01
C GLY H 65 -55.68 20.17 18.68
N ARG H 66 -55.91 20.52 17.40
CA ARG H 66 -57.11 21.24 16.95
C ARG H 66 -58.12 20.21 16.47
N PHE H 67 -57.61 19.20 15.79
CA PHE H 67 -58.44 18.15 15.25
C PHE H 67 -58.39 16.95 16.18
N THR H 68 -59.40 16.06 16.04
CA THR H 68 -59.55 14.84 16.82
C THR H 68 -60.11 13.70 15.95
N VAL H 69 -59.29 12.68 15.69
CA VAL H 69 -59.75 11.54 14.92
C VAL H 69 -60.42 10.56 15.88
N SER H 70 -61.57 9.96 15.47
CA SER H 70 -62.35 8.96 16.23
C SER H 70 -62.97 7.97 15.23
N ARG H 71 -63.48 6.83 15.73
CA ARG H 71 -64.12 5.81 14.88
C ARG H 71 -65.16 4.96 15.62
N ASP H 72 -66.15 4.46 14.88
CA ASP H 72 -67.19 3.58 15.39
C ASP H 72 -67.24 2.34 14.49
N ASN H 73 -66.56 1.26 14.93
CA ASN H 73 -66.38 0.00 14.18
C ASN H 73 -67.69 -0.77 13.96
N SER H 74 -68.68 -0.56 14.86
CA SER H 74 -70.01 -1.16 14.82
C SER H 74 -70.82 -0.68 13.60
N LYS H 75 -70.57 0.59 13.22
CA LYS H 75 -71.23 1.28 12.10
C LYS H 75 -70.29 1.40 10.86
N ASN H 76 -69.00 0.94 11.02
CA ASN H 76 -67.92 0.99 10.02
C ASN H 76 -67.77 2.46 9.49
N THR H 77 -67.61 3.41 10.44
CA THR H 77 -67.51 4.85 10.20
C THR H 77 -66.31 5.50 10.85
N LEU H 78 -65.62 6.32 10.07
CA LEU H 78 -64.45 7.10 10.46
C LEU H 78 -64.89 8.55 10.74
N PHE H 79 -64.26 9.23 11.74
CA PHE H 79 -64.62 10.63 12.06
C PHE H 79 -63.45 11.56 12.30
N LEU H 80 -63.60 12.81 11.85
CA LEU H 80 -62.60 13.85 12.09
C LEU H 80 -63.31 15.06 12.64
N GLU H 81 -63.01 15.41 13.89
CA GLU H 81 -63.59 16.55 14.59
C GLU H 81 -62.63 17.71 14.54
N MET H 82 -63.00 18.73 13.77
CA MET H 82 -62.15 19.88 13.54
C MET H 82 -62.68 21.10 14.19
N SER H 83 -61.89 21.58 15.13
CA SER H 83 -62.21 22.76 15.89
C SER H 83 -61.17 23.84 15.63
N SER H 84 -61.52 25.09 16.00
CA SER H 84 -60.67 26.29 15.89
C SER H 84 -60.11 26.39 14.45
N LEU H 85 -61.03 26.23 13.47
CA LEU H 85 -60.74 26.26 12.03
C LEU H 85 -60.06 27.56 11.58
N ARG H 86 -59.15 27.43 10.62
CA ARG H 86 -58.37 28.53 10.05
C ARG H 86 -58.49 28.46 8.54
N ILE H 87 -58.30 29.59 7.83
CA ILE H 87 -58.39 29.68 6.37
C ILE H 87 -57.49 28.64 5.68
N GLU H 88 -56.32 28.35 6.26
CA GLU H 88 -55.34 27.36 5.79
C GLU H 88 -55.87 25.91 5.76
N ASP H 89 -56.98 25.66 6.46
CA ASP H 89 -57.61 24.34 6.52
C ASP H 89 -58.58 24.12 5.34
N THR H 90 -58.73 25.14 4.46
CA THR H 90 -59.57 25.03 3.27
C THR H 90 -58.98 23.94 2.39
N ALA H 91 -59.73 22.85 2.19
CA ALA H 91 -59.29 21.69 1.41
C ALA H 91 -60.38 20.70 1.18
N VAL H 92 -60.15 19.73 0.29
CA VAL H 92 -61.04 18.60 0.06
C VAL H 92 -60.48 17.52 0.93
N TYR H 93 -61.30 17.02 1.83
CA TYR H 93 -60.86 16.02 2.78
C TYR H 93 -61.23 14.63 2.35
N TYR H 94 -60.19 13.84 2.03
CA TYR H 94 -60.31 12.45 1.61
C TYR H 94 -60.03 11.48 2.75
N CYS H 95 -60.88 10.49 2.88
CA CYS H 95 -60.74 9.42 3.85
C CYS H 95 -60.14 8.23 3.09
N ALA H 96 -59.06 7.63 3.65
CA ALA H 96 -58.34 6.53 3.00
C ALA H 96 -57.92 5.38 3.90
N LYS H 97 -57.93 4.15 3.33
CA LYS H 97 -57.56 2.92 4.03
C LYS H 97 -56.11 2.55 3.83
N ASP H 98 -55.39 2.27 4.93
CA ASP H 98 -54.00 1.85 4.89
C ASP H 98 -53.88 0.39 4.48
N LEU H 99 -53.00 0.12 3.51
CA LEU H 99 -52.65 -1.18 2.94
C LEU H 99 -52.16 -2.17 4.02
N SER H 100 -51.61 -1.66 5.15
CA SER H 100 -51.09 -2.42 6.28
C SER H 100 -52.07 -3.52 6.68
N PRO H 101 -51.59 -4.79 6.77
CA PRO H 101 -52.48 -5.89 7.16
C PRO H 101 -52.99 -5.75 8.60
N PRO H 102 -53.91 -6.66 9.03
CA PRO H 102 -54.43 -6.56 10.39
C PRO H 102 -53.35 -6.63 11.48
N TYR H 103 -53.50 -5.67 12.42
CA TYR H 103 -52.70 -5.47 13.62
C TYR H 103 -51.25 -5.12 13.31
N SER H 104 -50.92 -4.91 12.01
CA SER H 104 -49.61 -4.47 11.53
C SER H 104 -49.55 -2.96 11.64
N TYR H 105 -48.35 -2.42 11.90
CA TYR H 105 -48.11 -0.96 12.00
C TYR H 105 -48.35 -0.33 10.64
N ALA H 106 -48.91 0.88 10.67
CA ALA H 106 -49.26 1.62 9.46
C ALA H 106 -48.13 1.64 8.49
N TRP H 107 -48.51 1.33 7.24
CA TRP H 107 -47.64 1.26 6.08
C TRP H 107 -47.55 2.58 5.32
N ASP H 108 -48.43 3.54 5.67
CA ASP H 108 -48.55 4.85 5.03
C ASP H 108 -48.79 4.71 3.49
N ILE H 109 -49.34 3.53 3.02
CA ILE H 109 -49.72 3.27 1.62
C ILE H 109 -51.25 3.34 1.60
N PHE H 110 -51.81 4.30 0.85
CA PHE H 110 -53.25 4.54 0.78
C PHE H 110 -53.92 3.78 -0.37
N GLN H 111 -54.32 2.54 -0.06
CA GLN H 111 -54.98 1.55 -0.90
C GLN H 111 -56.26 2.05 -1.53
N TYR H 112 -57.21 2.49 -0.69
CA TYR H 112 -58.53 2.95 -1.12
C TYR H 112 -58.85 4.37 -0.63
N TRP H 113 -59.41 5.21 -1.52
CA TRP H 113 -59.77 6.57 -1.18
C TRP H 113 -61.24 6.81 -1.45
N GLY H 114 -61.82 7.74 -0.69
CA GLY H 114 -63.19 8.17 -0.87
C GLY H 114 -63.25 9.31 -1.87
N GLN H 115 -64.46 9.79 -2.20
CA GLN H 115 -64.59 10.85 -3.21
C GLN H 115 -64.20 12.25 -2.68
N GLY H 116 -64.13 12.39 -1.35
CA GLY H 116 -63.71 13.61 -0.68
C GLY H 116 -64.83 14.59 -0.42
N SER H 117 -64.74 15.34 0.69
CA SER H 117 -65.73 16.37 1.05
C SER H 117 -65.08 17.73 1.14
N LEU H 118 -65.69 18.77 0.53
CA LEU H 118 -65.07 20.09 0.56
C LEU H 118 -65.32 20.81 1.85
N VAL H 119 -64.28 21.46 2.36
CA VAL H 119 -64.34 22.27 3.56
C VAL H 119 -63.70 23.61 3.23
N THR H 120 -64.51 24.68 3.28
CA THR H 120 -64.11 26.05 2.97
C THR H 120 -64.14 26.89 4.22
N VAL H 121 -62.99 27.47 4.55
CA VAL H 121 -62.86 28.31 5.72
C VAL H 121 -62.66 29.74 5.26
N SER H 122 -63.73 30.53 5.40
CA SER H 122 -63.70 31.95 5.10
C SER H 122 -64.71 32.75 5.93
N GLY H 123 -64.28 33.97 6.28
CA GLY H 123 -65.06 34.90 7.08
C GLY H 123 -65.96 35.76 6.24
N ALA H 124 -66.04 35.45 4.92
CA ALA H 124 -66.89 36.11 3.93
C ALA H 124 -68.33 35.59 4.07
N SER H 125 -69.30 36.50 4.25
CA SER H 125 -70.69 36.08 4.39
C SER H 125 -71.39 35.98 3.02
N THR H 126 -72.35 35.04 2.94
CA THR H 126 -73.11 34.68 1.74
C THR H 126 -73.60 35.94 1.01
N LYS H 127 -73.19 36.10 -0.26
CA LYS H 127 -73.59 37.20 -1.13
C LYS H 127 -74.01 36.69 -2.52
N GLY H 128 -75.13 37.20 -3.03
CA GLY H 128 -75.67 36.87 -4.33
C GLY H 128 -74.92 37.55 -5.47
N PRO H 129 -74.92 36.92 -6.68
CA PRO H 129 -74.18 37.53 -7.80
C PRO H 129 -74.91 38.65 -8.54
N SER H 130 -74.11 39.55 -9.11
CA SER H 130 -74.56 40.68 -9.93
C SER H 130 -74.24 40.23 -11.36
N VAL H 131 -75.25 40.11 -12.24
CA VAL H 131 -75.03 39.60 -13.58
C VAL H 131 -75.10 40.68 -14.64
N PHE H 132 -73.95 41.01 -15.24
CA PHE H 132 -73.90 42.01 -16.30
C PHE H 132 -73.64 41.35 -17.63
N PRO H 133 -74.17 41.93 -18.72
CA PRO H 133 -73.96 41.31 -20.02
C PRO H 133 -72.67 41.73 -20.71
N LEU H 134 -72.17 40.81 -21.51
CA LEU H 134 -71.00 40.98 -22.33
C LEU H 134 -71.59 40.96 -23.73
N ALA H 135 -71.99 42.17 -24.14
CA ALA H 135 -72.70 42.49 -25.36
C ALA H 135 -71.89 42.32 -26.65
N PRO H 136 -72.46 41.61 -27.68
CA PRO H 136 -71.77 41.46 -28.98
C PRO H 136 -71.67 42.79 -29.75
N SER H 137 -70.65 42.95 -30.65
CA SER H 137 -70.44 44.17 -31.45
C SER H 137 -71.61 44.46 -32.43
N GLY H 144 -67.56 36.16 -39.22
CA GLY H 144 -68.78 35.40 -39.51
C GLY H 144 -69.45 34.80 -38.28
N THR H 145 -68.74 34.85 -37.14
CA THR H 145 -69.24 34.35 -35.87
C THR H 145 -69.08 35.45 -34.82
N ALA H 146 -70.00 35.47 -33.86
CA ALA H 146 -70.05 36.47 -32.81
C ALA H 146 -69.96 35.87 -31.43
N ALA H 147 -69.42 36.64 -30.48
CA ALA H 147 -69.29 36.18 -29.10
C ALA H 147 -70.18 36.97 -28.16
N LEU H 148 -71.02 36.25 -27.39
CA LEU H 148 -71.97 36.76 -26.39
C LEU H 148 -71.55 36.28 -25.04
N GLY H 149 -71.88 37.02 -24.01
CA GLY H 149 -71.51 36.54 -22.69
C GLY H 149 -72.23 37.13 -21.51
N CYS H 150 -71.85 36.62 -20.33
CA CYS H 150 -72.38 36.99 -19.03
C CYS H 150 -71.27 37.05 -18.01
N LEU H 151 -71.16 38.17 -17.35
CA LEU H 151 -70.20 38.30 -16.28
C LEU H 151 -71.03 38.06 -15.01
N VAL H 152 -70.57 37.18 -14.12
CA VAL H 152 -71.24 36.86 -12.86
C VAL H 152 -70.29 37.31 -11.76
N LYS H 153 -70.36 38.58 -11.44
CA LYS H 153 -69.45 39.22 -10.49
C LYS H 153 -69.96 39.25 -9.05
N ASP H 154 -69.02 39.28 -8.10
CA ASP H 154 -69.19 39.42 -6.64
C ASP H 154 -70.25 38.51 -6.02
N TYR H 155 -69.84 37.27 -5.70
CA TYR H 155 -70.68 36.27 -5.05
C TYR H 155 -69.89 35.43 -4.03
N PHE H 156 -70.61 34.74 -3.12
CA PHE H 156 -70.04 33.87 -2.08
C PHE H 156 -71.11 32.97 -1.45
N PRO H 157 -70.82 31.68 -1.21
CA PRO H 157 -69.61 30.94 -1.60
C PRO H 157 -69.82 30.37 -2.99
N GLU H 158 -68.90 29.51 -3.41
CA GLU H 158 -69.09 28.84 -4.68
C GLU H 158 -70.12 27.73 -4.43
N PRO H 159 -70.89 27.28 -5.43
CA PRO H 159 -70.77 27.54 -6.87
C PRO H 159 -71.96 28.29 -7.44
N VAL H 160 -71.85 28.63 -8.73
CA VAL H 160 -72.91 29.27 -9.48
C VAL H 160 -73.09 28.48 -10.79
N THR H 161 -74.34 28.35 -11.30
CA THR H 161 -74.61 27.58 -12.51
C THR H 161 -75.17 28.44 -13.60
N VAL H 162 -74.52 28.42 -14.74
CA VAL H 162 -74.96 29.20 -15.88
C VAL H 162 -75.40 28.28 -17.00
N SER H 163 -76.60 28.53 -17.53
CA SER H 163 -77.17 27.82 -18.67
C SER H 163 -77.63 28.87 -19.67
N TRP H 164 -77.65 28.55 -20.98
CA TRP H 164 -78.07 29.54 -21.97
C TRP H 164 -79.33 29.14 -22.66
N ASN H 165 -80.29 30.08 -22.77
CA ASN H 165 -81.62 29.89 -23.35
C ASN H 165 -82.36 28.74 -22.63
N SER H 166 -82.21 28.72 -21.29
CA SER H 166 -82.74 27.76 -20.31
C SER H 166 -82.38 26.29 -20.63
N GLY H 167 -81.16 26.07 -21.12
CA GLY H 167 -80.66 24.74 -21.43
C GLY H 167 -80.78 24.35 -22.88
N ALA H 168 -81.40 25.22 -23.70
CA ALA H 168 -81.55 24.98 -25.14
C ALA H 168 -80.22 25.18 -25.88
N LEU H 169 -79.53 26.31 -25.57
CA LEU H 169 -78.24 26.66 -26.15
C LEU H 169 -77.14 25.90 -25.41
N THR H 170 -76.46 25.04 -26.18
CA THR H 170 -75.45 24.17 -25.64
C THR H 170 -74.09 24.27 -26.31
N SER H 171 -74.07 24.21 -27.65
CA SER H 171 -72.84 24.21 -28.45
C SER H 171 -72.08 25.52 -28.36
N GLY H 172 -70.78 25.40 -28.11
CA GLY H 172 -69.88 26.55 -28.00
C GLY H 172 -70.07 27.40 -26.77
N VAL H 173 -70.56 26.80 -25.69
CA VAL H 173 -70.72 27.48 -24.42
C VAL H 173 -69.47 27.21 -23.59
N HIS H 174 -68.75 28.27 -23.23
CA HIS H 174 -67.57 28.14 -22.40
C HIS H 174 -67.81 28.87 -21.11
N THR H 175 -67.90 28.12 -20.01
CA THR H 175 -68.08 28.73 -18.70
C THR H 175 -66.79 28.56 -17.91
N PHE H 176 -66.10 29.71 -17.74
CA PHE H 176 -64.81 29.83 -17.07
C PHE H 176 -64.88 29.57 -15.59
N PRO H 177 -63.85 28.96 -15.01
CA PRO H 177 -63.87 28.75 -13.55
C PRO H 177 -63.82 30.06 -12.78
N ALA H 178 -64.42 30.04 -11.60
CA ALA H 178 -64.48 31.20 -10.73
C ALA H 178 -63.09 31.61 -10.26
N VAL H 179 -62.89 32.91 -10.12
CA VAL H 179 -61.65 33.52 -9.69
C VAL H 179 -61.94 34.20 -8.38
N LEU H 180 -61.16 33.91 -7.34
CA LEU H 180 -61.51 34.43 -6.03
C LEU H 180 -61.33 35.93 -5.82
N GLN H 181 -60.51 36.69 -6.56
CA GLN H 181 -60.42 38.14 -6.26
C GLN H 181 -59.86 38.42 -4.84
N SER H 182 -59.44 39.68 -4.62
CA SER H 182 -58.88 40.18 -3.36
C SER H 182 -59.99 40.31 -2.30
N SER H 183 -61.20 40.71 -2.74
CA SER H 183 -62.40 40.95 -1.93
C SER H 183 -62.74 39.76 -1.03
N GLY H 184 -62.45 38.56 -1.52
CA GLY H 184 -62.81 37.30 -0.86
C GLY H 184 -64.09 36.75 -1.48
N LEU H 185 -64.60 37.47 -2.51
CA LEU H 185 -65.79 37.18 -3.32
C LEU H 185 -65.36 36.68 -4.70
N TYR H 186 -66.10 35.72 -5.22
CA TYR H 186 -65.85 35.11 -6.51
C TYR H 186 -66.41 35.92 -7.70
N SER H 187 -65.71 35.84 -8.84
CA SER H 187 -66.12 36.46 -10.09
C SER H 187 -65.98 35.37 -11.15
N LEU H 188 -66.96 35.24 -12.03
CA LEU H 188 -66.97 34.17 -13.04
C LEU H 188 -67.45 34.73 -14.37
N SER H 189 -67.02 34.13 -15.47
CA SER H 189 -67.47 34.59 -16.77
C SER H 189 -68.01 33.43 -17.57
N SER H 190 -69.06 33.66 -18.36
CA SER H 190 -69.61 32.62 -19.23
C SER H 190 -69.85 33.20 -20.60
N VAL H 191 -69.48 32.44 -21.64
CA VAL H 191 -69.58 32.90 -23.01
C VAL H 191 -70.12 31.87 -23.95
N VAL H 192 -70.55 32.33 -25.12
CA VAL H 192 -71.03 31.47 -26.17
C VAL H 192 -70.82 32.10 -27.53
N THR H 193 -70.33 31.29 -28.47
CA THR H 193 -70.14 31.70 -29.86
C THR H 193 -71.38 31.29 -30.62
N VAL H 194 -71.91 32.24 -31.39
CA VAL H 194 -73.16 32.15 -32.16
C VAL H 194 -72.91 32.69 -33.58
N PRO H 195 -73.62 32.22 -34.65
CA PRO H 195 -73.42 32.87 -35.98
C PRO H 195 -73.92 34.31 -35.96
N SER H 196 -73.16 35.19 -36.63
CA SER H 196 -73.42 36.63 -36.74
C SER H 196 -74.85 36.94 -37.26
N SER H 197 -75.29 36.13 -38.23
CA SER H 197 -76.60 36.17 -38.89
C SER H 197 -77.80 35.99 -37.94
N SER H 198 -77.64 35.17 -36.89
CA SER H 198 -78.72 34.93 -35.93
C SER H 198 -78.98 36.06 -34.95
N LEU H 199 -77.97 36.94 -34.72
CA LEU H 199 -78.03 38.06 -33.77
C LEU H 199 -79.30 38.93 -33.85
N GLY H 200 -79.79 39.19 -35.07
CA GLY H 200 -80.99 39.99 -35.29
C GLY H 200 -82.28 39.29 -34.88
N THR H 201 -82.35 37.98 -35.15
CA THR H 201 -83.50 37.11 -34.91
C THR H 201 -83.58 36.61 -33.45
N GLN H 202 -82.69 35.65 -33.14
CA GLN H 202 -82.56 34.92 -31.89
C GLN H 202 -82.42 35.82 -30.63
N THR H 203 -83.01 35.32 -29.53
CA THR H 203 -83.02 35.91 -28.21
C THR H 203 -82.02 35.13 -27.34
N TYR H 204 -80.98 35.84 -26.83
CA TYR H 204 -79.96 35.19 -26.00
C TYR H 204 -80.05 35.66 -24.53
N ILE H 205 -80.36 34.69 -23.61
CA ILE H 205 -80.54 34.90 -22.15
C ILE H 205 -79.77 33.86 -21.35
N CYS H 206 -78.85 34.33 -20.50
CA CYS H 206 -78.13 33.42 -19.61
C CYS H 206 -78.93 33.28 -18.32
N ASN H 207 -79.02 32.06 -17.83
CA ASN H 207 -79.77 31.71 -16.63
C ASN H 207 -78.79 31.31 -15.54
N VAL H 208 -78.51 32.28 -14.68
CA VAL H 208 -77.56 32.19 -13.56
C VAL H 208 -78.29 31.67 -12.34
N ASN H 209 -77.68 30.69 -11.64
CA ASN H 209 -78.28 30.13 -10.44
C ASN H 209 -77.26 29.88 -9.33
N HIS H 210 -77.40 30.67 -8.24
CA HIS H 210 -76.59 30.60 -7.04
C HIS H 210 -77.51 30.14 -5.90
N LYS H 211 -77.55 28.83 -5.68
CA LYS H 211 -78.37 28.20 -4.66
C LYS H 211 -78.06 28.68 -3.23
N PRO H 212 -76.76 28.88 -2.80
CA PRO H 212 -76.48 29.36 -1.43
C PRO H 212 -77.15 30.69 -0.99
N SER H 213 -77.27 31.70 -1.90
CA SER H 213 -77.92 32.97 -1.59
CA SER H 213 -77.92 32.96 -1.57
C SER H 213 -79.37 32.93 -2.13
N ASN H 214 -79.77 31.77 -2.71
CA ASN H 214 -81.08 31.47 -3.29
C ASN H 214 -81.46 32.45 -4.45
N THR H 215 -80.44 32.93 -5.18
CA THR H 215 -80.62 33.84 -6.31
C THR H 215 -80.78 32.99 -7.60
N LYS H 216 -81.44 33.55 -8.63
CA LYS H 216 -81.65 32.89 -9.91
C LYS H 216 -82.01 33.98 -10.91
N VAL H 217 -80.99 34.64 -11.42
CA VAL H 217 -81.18 35.74 -12.35
C VAL H 217 -81.22 35.20 -13.78
N ASP H 218 -82.00 35.83 -14.63
CA ASP H 218 -82.07 35.53 -16.05
C ASP H 218 -81.79 36.88 -16.72
N LYS H 219 -80.63 37.03 -17.42
CA LYS H 219 -80.30 38.30 -18.08
C LYS H 219 -80.23 38.15 -19.59
N ARG H 220 -80.92 39.04 -20.32
CA ARG H 220 -80.89 39.04 -21.77
C ARG H 220 -79.67 39.86 -22.22
N VAL H 221 -78.91 39.27 -23.14
CA VAL H 221 -77.73 39.89 -23.72
C VAL H 221 -78.18 40.46 -25.06
N GLU H 222 -78.07 41.79 -25.20
CA GLU H 222 -78.55 42.48 -26.40
C GLU H 222 -77.43 43.13 -27.18
N PRO H 223 -77.38 42.88 -28.49
CA PRO H 223 -76.35 43.53 -29.32
C PRO H 223 -76.56 45.04 -29.20
N LYS H 224 -75.43 45.76 -29.14
CA LYS H 224 -75.35 47.23 -29.04
C LYS H 224 -75.28 47.87 -30.46
N SER H 225 -75.77 49.14 -30.60
CA SER H 225 -75.77 49.88 -31.87
C SER H 225 -75.57 51.39 -31.68
N GLU I 1 27.52 18.71 13.21
CA GLU I 1 26.96 18.07 12.01
C GLU I 1 27.17 18.90 10.73
N LEU I 2 26.76 20.22 10.71
CA LEU I 2 26.89 21.12 9.56
C LEU I 2 27.91 22.23 9.70
N PRO I 3 28.96 22.22 8.83
CA PRO I 3 29.99 23.26 8.93
C PRO I 3 29.46 24.64 8.64
N SER I 4 29.89 25.61 9.47
CA SER I 4 29.51 27.04 9.42
C SER I 4 30.41 27.85 8.46
N LEU I 5 29.77 28.60 7.53
CA LEU I 5 30.44 29.38 6.51
C LEU I 5 30.42 30.90 6.78
N CYS I 6 31.32 31.63 6.06
CA CYS I 6 31.52 33.09 6.12
C CYS I 6 32.37 33.63 4.97
N MET I 7 32.14 34.88 4.58
CA MET I 7 32.85 35.59 3.52
C MET I 7 33.49 36.86 4.11
N LEU I 8 34.67 37.24 3.61
CA LEU I 8 35.38 38.45 4.04
C LEU I 8 35.35 39.48 2.87
N ASN I 9 35.88 39.10 1.70
CA ASN I 9 35.85 39.84 0.43
C ASN I 9 35.64 38.79 -0.70
N ASN I 10 35.81 39.15 -1.98
CA ASN I 10 35.60 38.19 -3.10
C ASN I 10 36.79 37.15 -3.25
N SER I 11 37.90 37.35 -2.49
CA SER I 11 39.13 36.51 -2.44
C SER I 11 39.31 35.77 -1.09
N PHE I 12 38.44 36.07 -0.10
CA PHE I 12 38.48 35.49 1.24
C PHE I 12 37.16 34.92 1.71
N TYR I 13 37.13 33.60 1.80
CA TYR I 13 35.98 32.83 2.25
C TYR I 13 36.52 31.96 3.38
N TYR I 14 35.65 31.53 4.32
CA TYR I 14 36.03 30.70 5.47
C TYR I 14 35.02 29.54 5.74
N MET I 15 35.45 28.51 6.51
CA MET I 15 34.61 27.38 6.89
C MET I 15 35.08 26.83 8.24
N ARG I 16 34.14 26.49 9.13
CA ARG I 16 34.51 25.91 10.41
C ARG I 16 33.89 24.50 10.57
N GLY I 17 34.74 23.47 10.49
CA GLY I 17 34.37 22.06 10.58
C GLY I 17 34.45 21.48 11.97
N GLY I 18 33.60 22.01 12.84
CA GLY I 18 33.48 21.67 14.24
C GLY I 18 34.38 22.53 15.09
N VAL I 19 35.62 22.05 15.23
CA VAL I 19 36.68 22.68 16.02
C VAL I 19 37.67 23.41 15.08
N ASN I 20 37.98 22.76 13.94
CA ASN I 20 38.94 23.21 12.93
C ASN I 20 38.39 24.35 12.10
N THR I 21 39.30 25.19 11.59
CA THR I 21 38.92 26.29 10.70
C THR I 21 39.68 26.12 9.40
N PHE I 22 39.06 26.51 8.24
CA PHE I 22 39.63 26.37 6.89
C PHE I 22 39.43 27.64 6.08
N LEU I 23 40.50 28.12 5.44
CA LEU I 23 40.52 29.33 4.64
C LEU I 23 40.44 28.99 3.14
N ILE I 24 39.33 29.41 2.50
CA ILE I 24 39.02 29.25 1.06
C ILE I 24 39.46 30.57 0.39
N ARG I 25 40.25 30.47 -0.71
CA ARG I 25 40.74 31.62 -1.51
C ARG I 25 40.71 31.28 -2.98
N VAL I 26 40.35 32.27 -3.79
CA VAL I 26 40.34 32.13 -5.23
C VAL I 26 41.67 32.65 -5.72
N SER I 27 42.33 31.93 -6.66
CA SER I 27 43.64 32.37 -7.17
C SER I 27 43.93 31.95 -8.61
N ASP I 28 44.92 32.63 -9.20
CA ASP I 28 45.44 32.43 -10.55
C ASP I 28 46.81 31.72 -10.46
N ILE I 29 47.27 31.43 -9.23
CA ILE I 29 48.57 30.82 -8.95
C ILE I 29 48.45 29.31 -8.71
N SER I 30 48.96 28.48 -9.64
CA SER I 30 48.96 27.02 -9.53
C SER I 30 50.09 26.60 -8.60
N VAL I 31 49.82 26.72 -7.27
CA VAL I 31 50.72 26.43 -6.14
C VAL I 31 51.06 24.92 -6.08
N LEU I 32 50.07 24.07 -6.32
CA LEU I 32 50.36 22.64 -6.34
C LEU I 32 50.66 22.23 -7.77
N MET I 33 51.27 21.06 -7.88
CA MET I 33 51.65 20.55 -9.19
C MET I 33 51.15 19.14 -9.33
N LYS I 34 50.75 18.78 -10.53
CA LYS I 34 50.25 17.43 -10.71
C LYS I 34 51.38 16.49 -10.90
N GLU I 35 51.08 15.24 -10.54
CA GLU I 35 51.88 14.02 -10.47
C GLU I 35 52.92 14.17 -9.34
N TYR I 36 53.44 15.40 -9.02
CA TYR I 36 54.30 15.56 -7.86
C TYR I 36 53.42 15.56 -6.57
N ASP I 37 52.09 15.87 -6.66
CA ASP I 37 51.24 15.87 -5.45
C ASP I 37 50.06 14.84 -5.52
N VAL I 38 49.42 14.61 -4.35
CA VAL I 38 48.31 13.67 -4.08
C VAL I 38 47.07 13.90 -4.92
N SER I 39 46.65 12.86 -5.67
CA SER I 39 45.44 12.86 -6.49
C SER I 39 44.31 12.24 -5.66
N ILE I 40 43.35 13.07 -5.18
CA ILE I 40 42.22 12.60 -4.35
C ILE I 40 41.17 11.88 -5.22
N TYR I 41 41.28 10.53 -5.22
CA TYR I 41 40.47 9.59 -6.00
C TYR I 41 39.09 9.39 -5.36
N GLU I 42 39.07 9.28 -4.05
CA GLU I 42 37.86 9.11 -3.27
C GLU I 42 37.96 9.92 -1.98
N PRO I 43 36.85 10.08 -1.23
CA PRO I 43 36.88 10.86 0.01
C PRO I 43 37.78 10.29 1.12
N GLU I 44 38.09 8.97 1.04
CA GLU I 44 38.94 8.23 2.01
C GLU I 44 40.39 8.70 1.91
N ASP I 45 40.74 9.26 0.75
CA ASP I 45 42.06 9.76 0.42
C ASP I 45 42.20 11.21 0.84
N LEU I 46 41.15 11.74 1.51
CA LEU I 46 41.16 13.10 2.06
C LEU I 46 41.95 13.13 3.37
N GLY I 47 42.09 11.97 4.03
CA GLY I 47 42.80 11.82 5.31
C GLY I 47 44.31 11.96 5.28
N ASN I 48 44.91 11.83 4.07
CA ASN I 48 46.34 11.90 3.80
C ASN I 48 46.79 13.35 3.57
N CYS I 49 45.84 14.30 3.66
CA CYS I 49 46.00 15.71 3.33
C CYS I 49 46.08 16.70 4.55
N LEU I 50 45.50 16.29 5.70
CA LEU I 50 45.49 17.02 6.97
C LEU I 50 45.99 16.11 8.04
N ASN I 51 46.43 16.70 9.16
CA ASN I 51 46.91 15.93 10.33
C ASN I 51 45.78 15.05 10.92
N LYS I 52 44.62 15.68 11.21
CA LYS I 52 43.45 15.05 11.80
C LYS I 52 42.60 14.27 10.78
N SER I 53 41.79 13.32 11.30
CA SER I 53 40.87 12.45 10.55
C SER I 53 39.43 13.02 10.53
N ASP I 54 39.03 13.74 11.62
CA ASP I 54 37.74 14.45 11.77
C ASP I 54 37.87 15.95 11.31
N SER I 55 38.70 16.14 10.28
CA SER I 55 38.93 17.35 9.51
C SER I 55 38.37 16.97 8.13
N SER I 56 38.75 15.77 7.65
CA SER I 56 38.39 15.16 6.36
C SER I 56 36.92 15.28 5.97
N TRP I 57 35.99 15.10 6.94
CA TRP I 57 34.53 15.19 6.73
C TRP I 57 34.02 16.56 6.24
N ALA I 58 34.55 17.66 6.82
CA ALA I 58 34.15 19.04 6.51
C ALA I 58 34.47 19.36 5.06
N ILE I 59 35.60 18.83 4.62
CA ILE I 59 36.12 18.95 3.28
C ILE I 59 35.21 18.16 2.37
N HIS I 60 34.98 16.88 2.71
CA HIS I 60 34.14 15.95 1.97
C HIS I 60 32.73 16.54 1.72
N TRP I 61 32.12 17.15 2.74
CA TRP I 61 30.83 17.80 2.62
C TRP I 61 30.87 18.95 1.63
N PHE I 62 31.91 19.79 1.73
CA PHE I 62 32.12 20.98 0.92
C PHE I 62 32.36 20.67 -0.55
N SER I 63 33.02 19.52 -0.85
CA SER I 63 33.31 19.10 -2.24
C SER I 63 32.04 18.62 -2.94
N ASN I 64 31.15 18.00 -2.16
CA ASN I 64 29.87 17.55 -2.66
C ASN I 64 28.95 18.76 -2.76
N ALA I 65 29.03 19.68 -1.76
CA ALA I 65 28.30 20.95 -1.72
C ALA I 65 28.51 21.76 -3.02
N LEU I 66 29.79 21.93 -3.48
CA LEU I 66 30.14 22.62 -4.75
C LEU I 66 29.79 21.83 -5.99
N GLY I 67 29.74 20.51 -5.81
CA GLY I 67 29.38 19.57 -6.85
C GLY I 67 30.53 18.80 -7.44
N HIS I 68 31.02 17.80 -6.69
CA HIS I 68 32.07 16.94 -7.21
C HIS I 68 31.60 15.50 -7.32
N ASP I 69 31.53 15.00 -8.56
CA ASP I 69 31.19 13.63 -8.86
C ASP I 69 32.45 12.83 -8.60
N TRP I 70 32.44 11.95 -7.60
CA TRP I 70 33.61 11.16 -7.25
C TRP I 70 33.95 10.08 -8.28
N LEU I 71 33.08 9.89 -9.28
CA LEU I 71 33.25 8.88 -10.32
C LEU I 71 33.83 9.39 -11.67
N MET I 72 33.43 10.59 -12.08
CA MET I 72 33.87 11.10 -13.37
C MET I 72 34.78 12.30 -13.33
N ASP I 73 34.39 13.34 -12.53
CA ASP I 73 35.11 14.60 -12.37
C ASP I 73 36.61 14.42 -12.05
N PRO I 74 37.47 15.35 -12.58
CA PRO I 74 38.92 15.23 -12.35
C PRO I 74 39.34 15.37 -10.87
N PRO I 75 40.24 14.44 -10.40
CA PRO I 75 40.68 14.49 -8.99
C PRO I 75 41.19 15.86 -8.52
N MET I 76 41.11 16.07 -7.21
CA MET I 76 41.54 17.31 -6.59
C MET I 76 43.01 17.29 -6.17
N LEU I 77 43.74 18.41 -6.40
CA LEU I 77 45.15 18.54 -6.02
C LEU I 77 45.25 18.73 -4.52
N CYS I 78 46.22 18.05 -3.91
CA CYS I 78 46.50 18.09 -2.47
C CYS I 78 47.97 17.77 -2.10
N ARG I 79 48.50 18.48 -1.07
CA ARG I 79 49.85 18.28 -0.54
C ARG I 79 49.83 17.29 0.61
N ASN I 80 50.61 16.15 0.45
CA ASN I 80 50.77 15.04 1.40
C ASN I 80 51.14 15.54 2.78
N LYS I 81 50.66 14.84 3.83
CA LYS I 81 50.93 15.31 5.19
C LYS I 81 52.41 15.06 5.62
N THR I 82 53.23 14.45 4.72
CA THR I 82 54.68 14.22 4.89
C THR I 82 55.49 15.52 4.79
N LYS I 83 55.08 16.41 3.86
CA LYS I 83 55.67 17.70 3.59
C LYS I 83 55.12 18.66 4.63
N LYS I 84 56.03 19.34 5.30
CA LYS I 84 55.72 20.27 6.37
C LYS I 84 55.42 21.67 5.78
N GLU I 85 55.12 21.73 4.47
CA GLU I 85 54.79 22.96 3.78
C GLU I 85 53.44 23.50 4.24
N GLY I 86 52.48 22.59 4.35
CA GLY I 86 51.12 22.83 4.81
C GLY I 86 50.08 21.90 4.19
N SER I 87 48.82 22.08 4.60
CA SER I 87 47.68 21.33 4.05
C SER I 87 47.10 22.26 3.00
N ASN I 88 46.91 21.74 1.78
CA ASN I 88 46.41 22.54 0.66
C ASN I 88 45.59 21.65 -0.25
N ILE I 89 44.49 22.21 -0.77
CA ILE I 89 43.59 21.54 -1.70
C ILE I 89 43.13 22.50 -2.78
N GLN I 90 43.60 22.19 -4.01
CA GLN I 90 43.41 22.98 -5.24
C GLN I 90 42.46 22.42 -6.31
N PHE I 91 41.56 23.30 -6.76
CA PHE I 91 40.63 22.94 -7.81
C PHE I 91 40.96 23.63 -9.10
N ASN I 92 41.07 22.81 -10.17
CA ASN I 92 41.33 23.30 -11.52
C ASN I 92 40.02 23.83 -12.13
N ILE I 93 39.74 25.12 -11.84
CA ILE I 93 38.50 25.74 -12.31
C ILE I 93 38.79 26.86 -13.31
N SER I 94 39.74 26.60 -14.20
CA SER I 94 40.09 27.64 -15.17
C SER I 94 39.03 27.92 -16.20
N LYS I 95 39.15 29.09 -16.86
CA LYS I 95 38.27 29.54 -17.96
C LYS I 95 38.90 29.17 -19.36
N ALA I 96 39.58 28.02 -19.41
CA ALA I 96 40.23 27.52 -20.63
C ALA I 96 40.08 25.99 -20.83
N ASP I 97 41.22 25.24 -20.96
CA ASP I 97 41.44 23.82 -21.33
C ASP I 97 40.71 22.82 -20.51
N ASP I 98 39.53 22.43 -21.05
CA ASP I 98 38.58 21.38 -20.65
C ASP I 98 38.29 21.28 -19.15
N ALA I 99 38.44 22.46 -18.51
CA ALA I 99 38.24 22.81 -17.11
C ALA I 99 37.31 24.03 -17.16
N ARG I 100 36.70 24.20 -18.33
CA ARG I 100 35.71 25.18 -18.69
C ARG I 100 34.36 24.60 -18.16
N VAL I 101 34.05 23.32 -18.48
CA VAL I 101 32.82 22.62 -18.10
C VAL I 101 32.71 22.39 -16.56
N TYR I 102 33.74 21.76 -16.01
CA TYR I 102 33.85 21.48 -14.58
C TYR I 102 33.98 22.79 -13.82
N GLY I 103 34.77 23.72 -14.38
CA GLY I 103 35.05 25.03 -13.82
C GLY I 103 33.81 25.87 -13.56
N LYS I 104 32.88 25.90 -14.53
CA LYS I 104 31.62 26.65 -14.41
C LYS I 104 30.59 25.92 -13.49
N LYS I 105 30.70 24.57 -13.34
CA LYS I 105 29.85 23.78 -12.44
C LYS I 105 30.20 24.07 -10.95
N ILE I 106 31.54 24.20 -10.66
CA ILE I 106 32.11 24.50 -9.33
C ILE I 106 31.90 25.99 -8.99
N ARG I 107 32.06 26.89 -9.99
CA ARG I 107 31.81 28.32 -9.83
C ARG I 107 30.33 28.51 -9.54
N ASN I 108 29.49 27.66 -10.18
CA ASN I 108 28.05 27.60 -9.97
C ASN I 108 27.77 27.07 -8.54
N GLY I 109 28.40 25.96 -8.16
CA GLY I 109 28.30 25.41 -6.81
C GLY I 109 28.74 26.42 -5.77
N MET I 110 29.67 27.36 -6.15
CA MET I 110 30.21 28.45 -5.32
C MET I 110 29.24 29.61 -5.19
N ARG I 111 28.56 30.01 -6.29
CA ARG I 111 27.54 31.06 -6.28
C ARG I 111 26.43 30.64 -5.31
N HIS I 112 26.24 29.30 -5.12
CA HIS I 112 25.25 28.66 -4.24
C HIS I 112 25.62 28.70 -2.75
N LEU I 113 26.92 28.44 -2.42
CA LEU I 113 27.41 28.45 -1.03
C LEU I 113 27.64 29.83 -0.55
N PHE I 114 28.04 30.74 -1.45
CA PHE I 114 28.26 32.16 -1.15
C PHE I 114 27.58 33.00 -2.23
N ARG I 115 26.52 33.73 -1.84
CA ARG I 115 25.71 34.59 -2.71
C ARG I 115 26.47 35.87 -3.11
N GLY I 116 27.22 36.42 -2.14
CA GLY I 116 28.07 37.61 -2.28
C GLY I 116 29.24 37.42 -3.24
N PHE I 117 29.47 36.17 -3.63
CA PHE I 117 30.49 35.74 -4.58
C PHE I 117 30.02 36.09 -6.03
N HIS I 118 30.95 36.76 -6.82
CA HIS I 118 30.86 37.17 -8.27
C HIS I 118 32.20 36.80 -8.94
N ASP I 119 32.16 35.77 -9.85
CA ASP I 119 33.20 35.11 -10.67
C ASP I 119 34.53 35.94 -10.81
N PRO I 120 35.64 35.63 -10.05
CA PRO I 120 36.85 36.48 -10.17
C PRO I 120 37.80 36.08 -11.33
N CYS I 121 37.46 34.98 -12.06
CA CYS I 121 38.22 34.39 -13.18
C CYS I 121 38.34 35.28 -14.36
N GLU I 122 39.44 35.09 -15.09
CA GLU I 122 39.63 35.81 -16.35
C GLU I 122 39.49 34.84 -17.47
N GLU I 123 38.90 35.31 -18.59
CA GLU I 123 38.62 34.50 -19.77
C GLU I 123 39.91 34.08 -20.46
N GLY I 124 40.04 32.76 -20.64
CA GLY I 124 41.21 32.08 -21.20
C GLY I 124 42.44 32.20 -20.30
N LYS I 125 42.21 32.42 -18.98
CA LYS I 125 43.26 32.61 -17.97
C LYS I 125 43.05 31.71 -16.74
N VAL I 126 44.23 31.30 -16.15
CA VAL I 126 44.45 30.39 -15.01
C VAL I 126 43.61 30.78 -13.79
N CYS I 127 42.73 29.87 -13.39
CA CYS I 127 41.83 30.11 -12.27
C CYS I 127 41.82 28.91 -11.36
N TYR I 128 41.87 29.15 -10.06
CA TYR I 128 41.97 28.07 -9.10
C TYR I 128 41.29 28.33 -7.76
N LEU I 129 41.17 27.26 -6.94
CA LEU I 129 40.53 27.27 -5.64
C LEU I 129 41.42 26.70 -4.57
N THR I 130 42.00 27.57 -3.75
CA THR I 130 42.91 27.13 -2.69
C THR I 130 42.28 27.17 -1.33
N ILE I 131 42.35 26.05 -0.60
CA ILE I 131 41.85 26.00 0.77
C ILE I 131 42.91 25.38 1.70
N ASN I 132 43.20 26.07 2.83
CA ASN I 132 44.19 25.68 3.83
C ASN I 132 43.61 25.61 5.25
N GLN I 133 44.04 24.60 6.07
CA GLN I 133 43.61 24.42 7.48
C GLN I 133 44.23 25.56 8.27
N CYS I 134 43.50 26.07 9.29
CA CYS I 134 43.94 27.19 10.14
C CYS I 134 44.87 26.70 11.26
N GLY I 135 46.07 27.28 11.29
CA GLY I 135 47.17 26.94 12.19
C GLY I 135 48.41 26.49 11.41
N ASP I 136 48.15 26.06 10.16
CA ASP I 136 49.14 25.59 9.19
C ASP I 136 50.02 26.72 8.65
N PRO I 137 51.26 26.41 8.20
CA PRO I 137 52.14 27.47 7.65
C PRO I 137 51.57 28.03 6.32
N SER I 138 50.87 27.16 5.53
CA SER I 138 50.20 27.43 4.24
C SER I 138 49.02 28.46 4.36
N SER I 139 48.37 28.56 5.59
CA SER I 139 47.21 29.42 5.99
C SER I 139 47.58 30.87 6.39
N PHE I 140 48.84 31.07 6.88
CA PHE I 140 49.51 32.31 7.32
C PHE I 140 48.73 33.10 8.42
N ASP I 141 48.79 34.44 8.33
CA ASP I 141 48.18 35.43 9.24
C ASP I 141 46.64 35.56 9.11
N TYR I 142 46.12 35.22 7.90
CA TYR I 142 44.70 35.26 7.48
C TYR I 142 43.75 34.46 8.38
N CYS I 143 44.34 33.52 9.14
CA CYS I 143 43.65 32.67 10.11
C CYS I 143 43.72 33.23 11.58
N GLY I 144 44.27 34.44 11.71
CA GLY I 144 44.36 35.16 12.97
C GLY I 144 42.99 35.67 13.36
N VAL I 145 42.80 35.97 14.67
CA VAL I 145 41.51 36.44 15.22
C VAL I 145 41.18 37.93 14.80
N ASN I 146 42.06 38.54 13.97
CA ASN I 146 41.91 39.90 13.41
C ASN I 146 40.90 39.91 12.25
N HIS I 147 40.79 38.76 11.56
CA HIS I 147 39.92 38.47 10.42
C HIS I 147 38.69 37.73 10.89
N LEU I 148 38.92 36.63 11.73
CA LEU I 148 37.90 35.78 12.36
C LEU I 148 37.07 36.51 13.48
N SER I 149 37.25 37.85 13.60
CA SER I 149 36.44 38.71 14.47
C SER I 149 35.21 39.11 13.64
N LYS I 150 35.45 39.58 12.39
CA LYS I 150 34.51 40.10 11.40
C LYS I 150 33.44 39.12 10.98
N CYS I 151 33.54 37.86 11.45
CA CYS I 151 32.61 36.78 11.13
C CYS I 151 31.77 36.30 12.33
N GLU J 1 0.29 50.53 -2.30
CA GLU J 1 0.64 49.15 -1.96
C GLU J 1 0.98 48.94 -0.48
N LEU J 2 1.88 49.81 0.08
CA LEU J 2 2.44 49.86 1.44
C LEU J 2 1.64 49.24 2.61
N PRO J 3 2.30 48.40 3.44
CA PRO J 3 1.62 47.81 4.60
C PRO J 3 1.55 48.75 5.82
N SER J 4 0.31 49.04 6.28
CA SER J 4 0.01 49.89 7.42
C SER J 4 0.49 49.22 8.71
N LEU J 5 1.23 49.97 9.54
CA LEU J 5 1.77 49.48 10.80
C LEU J 5 0.92 49.94 12.00
N CYS J 6 1.27 49.47 13.23
CA CYS J 6 0.57 49.75 14.50
C CYS J 6 1.21 48.96 15.72
N MET J 7 1.03 49.45 16.95
CA MET J 7 1.55 48.82 18.17
C MET J 7 0.45 48.90 19.26
N LEU J 8 0.53 47.99 20.26
CA LEU J 8 -0.41 47.93 21.38
C LEU J 8 0.31 48.06 22.72
N ASN J 9 1.28 47.19 22.99
CA ASN J 9 2.13 47.32 24.15
C ASN J 9 3.56 47.07 23.71
N ASN J 10 4.46 47.01 24.68
CA ASN J 10 5.90 46.80 24.56
C ASN J 10 6.38 45.56 23.70
N SER J 11 5.57 44.45 23.64
CA SER J 11 5.90 43.26 22.82
C SER J 11 4.68 42.84 21.92
N PHE J 12 3.91 43.87 21.44
CA PHE J 12 2.73 43.72 20.56
C PHE J 12 2.65 44.74 19.43
N TYR J 13 3.28 44.43 18.28
CA TYR J 13 3.33 45.28 17.08
C TYR J 13 2.55 44.56 15.96
N TYR J 14 1.90 45.31 15.03
CA TYR J 14 1.08 44.72 13.96
C TYR J 14 1.40 45.28 12.58
N MET J 15 1.00 44.57 11.51
CA MET J 15 1.21 45.00 10.11
C MET J 15 0.06 44.48 9.24
N ARG J 16 -0.45 45.32 8.32
CA ARG J 16 -1.54 44.87 7.46
C ARG J 16 -1.13 44.97 6.00
N GLY J 17 -0.95 43.78 5.38
CA GLY J 17 -0.52 43.57 3.97
C GLY J 17 -1.64 43.40 2.95
N GLY J 18 -2.42 44.48 2.84
CA GLY J 18 -3.59 44.59 2.00
C GLY J 18 -4.84 44.10 2.74
N VAL J 19 -5.10 42.79 2.64
CA VAL J 19 -6.24 42.11 3.23
C VAL J 19 -5.78 41.38 4.52
N ASN J 20 -4.58 40.75 4.44
CA ASN J 20 -3.95 39.96 5.51
C ASN J 20 -3.42 40.81 6.66
N THR J 21 -3.39 40.23 7.86
CA THR J 21 -2.84 40.90 9.03
C THR J 21 -1.73 40.01 9.58
N PHE J 22 -0.68 40.65 10.18
CA PHE J 22 0.53 39.98 10.72
C PHE J 22 0.90 40.54 12.07
N LEU J 23 1.11 39.64 13.04
CA LEU J 23 1.46 39.97 14.40
C LEU J 23 2.95 39.86 14.65
N ILE J 24 3.55 40.96 15.09
CA ILE J 24 4.98 41.12 15.40
C ILE J 24 5.25 41.29 16.93
N ARG J 25 5.88 40.25 17.53
CA ARG J 25 6.22 40.18 18.96
C ARG J 25 7.69 39.91 19.14
N VAL J 26 8.24 40.29 20.28
CA VAL J 26 9.63 39.93 20.58
C VAL J 26 9.57 38.76 21.54
N SER J 27 10.55 37.84 21.41
CA SER J 27 10.66 36.70 22.33
C SER J 27 12.11 36.51 22.76
N ASP J 28 12.28 35.78 23.88
CA ASP J 28 13.57 35.37 24.47
C ASP J 28 13.71 33.87 24.16
N ILE J 29 12.58 33.27 23.72
CA ILE J 29 12.41 31.84 23.50
C ILE J 29 12.76 31.47 22.06
N SER J 30 13.80 30.59 21.89
CA SER J 30 14.22 30.09 20.59
C SER J 30 13.24 28.97 20.16
N VAL J 31 12.10 29.44 19.57
CA VAL J 31 10.92 28.67 19.13
C VAL J 31 11.21 27.76 17.92
N LEU J 32 11.71 28.35 16.76
CA LEU J 32 12.14 27.73 15.48
C LEU J 32 13.58 27.31 15.63
N MET J 33 13.96 26.15 15.06
CA MET J 33 15.35 25.69 15.18
C MET J 33 16.11 25.66 13.89
N LYS J 34 17.41 25.79 13.99
CA LYS J 34 18.26 25.67 12.86
C LYS J 34 18.37 24.16 12.65
N GLU J 35 18.50 23.77 11.38
CA GLU J 35 18.65 22.39 10.91
C GLU J 35 17.35 21.64 10.83
N TYR J 36 16.31 22.21 11.37
CA TYR J 36 15.04 21.57 11.23
C TYR J 36 14.21 22.40 10.28
N ASP J 37 14.41 23.72 10.30
CA ASP J 37 13.54 24.64 9.58
C ASP J 37 14.16 25.23 8.30
N VAL J 38 13.27 25.86 7.48
CA VAL J 38 13.51 26.50 6.19
C VAL J 38 14.29 27.77 6.37
N SER J 39 15.50 27.86 5.79
CA SER J 39 16.25 29.11 5.88
C SER J 39 15.71 30.00 4.75
N ILE J 40 15.49 31.31 5.00
CA ILE J 40 15.04 32.21 3.93
C ILE J 40 16.28 32.92 3.43
N TYR J 41 16.60 32.71 2.16
CA TYR J 41 17.77 33.29 1.54
C TYR J 41 17.44 34.61 0.80
N GLU J 42 16.49 34.51 -0.17
CA GLU J 42 15.94 35.54 -1.07
C GLU J 42 14.44 35.69 -0.83
N PRO J 43 13.83 36.71 -1.40
CA PRO J 43 12.39 36.91 -1.20
C PRO J 43 11.47 35.82 -1.73
N GLU J 44 11.99 34.99 -2.65
CA GLU J 44 11.23 33.92 -3.29
C GLU J 44 10.97 32.74 -2.36
N ASP J 45 11.82 32.56 -1.34
CA ASP J 45 11.67 31.49 -0.37
C ASP J 45 10.48 31.78 0.53
N LEU J 46 10.12 33.09 0.66
CA LEU J 46 9.04 33.55 1.52
C LEU J 46 7.68 32.92 1.27
N GLY J 47 7.41 32.53 0.02
CA GLY J 47 6.14 31.89 -0.37
C GLY J 47 5.91 30.54 0.28
N ASN J 48 6.94 29.99 0.93
CA ASN J 48 6.92 28.70 1.57
C ASN J 48 6.52 28.81 3.01
N CYS J 49 6.25 30.04 3.47
CA CYS J 49 5.87 30.40 4.83
C CYS J 49 4.39 30.77 5.03
N LEU J 50 3.73 31.22 3.93
CA LEU J 50 2.35 31.65 3.86
C LEU J 50 1.60 30.87 2.79
N ASN J 51 0.29 30.59 3.06
CA ASN J 51 -0.62 29.86 2.14
C ASN J 51 -0.71 30.61 0.77
N LYS J 52 -0.79 31.97 0.88
CA LYS J 52 -0.96 32.99 -0.16
C LYS J 52 0.35 33.46 -0.80
N SER J 53 0.20 34.08 -1.97
CA SER J 53 1.27 34.69 -2.77
C SER J 53 1.30 36.21 -2.48
N ASP J 54 0.11 36.71 -2.09
CA ASP J 54 -0.24 38.11 -1.79
C ASP J 54 -0.05 38.46 -0.31
N SER J 55 0.75 37.61 0.31
CA SER J 55 1.15 37.74 1.67
C SER J 55 2.63 38.07 1.55
N SER J 56 3.41 37.15 0.91
CA SER J 56 4.87 37.14 0.66
C SER J 56 5.54 38.53 0.56
N TRP J 57 4.98 39.42 -0.26
CA TRP J 57 5.43 40.80 -0.52
C TRP J 57 5.49 41.75 0.70
N ALA J 58 4.47 41.71 1.59
CA ALA J 58 4.35 42.58 2.76
C ALA J 58 5.49 42.29 3.73
N ILE J 59 5.78 40.98 3.87
CA ILE J 59 6.82 40.41 4.69
C ILE J 59 8.13 40.94 4.11
N HIS J 60 8.34 40.66 2.81
CA HIS J 60 9.51 41.06 2.03
C HIS J 60 9.83 42.56 2.19
N TRP J 61 8.76 43.40 2.25
CA TRP J 61 8.92 44.83 2.41
C TRP J 61 9.49 45.13 3.78
N PHE J 62 8.84 44.59 4.82
CA PHE J 62 9.17 44.80 6.21
C PHE J 62 10.57 44.36 6.57
N SER J 63 10.98 43.16 6.10
CA SER J 63 12.32 42.59 6.36
C SER J 63 13.36 43.52 5.82
N ASN J 64 13.13 44.01 4.59
CA ASN J 64 14.05 44.96 4.04
C ASN J 64 13.88 46.32 4.68
N ALA J 65 12.66 46.71 5.03
CA ALA J 65 12.40 47.96 5.73
C ALA J 65 13.20 47.98 7.05
N LEU J 66 13.45 46.79 7.66
CA LEU J 66 14.19 46.65 8.92
C LEU J 66 15.65 46.90 8.80
N GLY J 67 16.25 46.39 7.74
CA GLY J 67 17.67 46.56 7.47
C GLY J 67 18.31 45.28 7.00
N HIS J 68 17.46 44.27 6.71
CA HIS J 68 17.93 42.98 6.25
C HIS J 68 18.44 43.07 4.83
N ASP J 69 19.71 42.72 4.65
CA ASP J 69 20.38 42.65 3.35
C ASP J 69 20.59 41.16 3.00
N TRP J 70 19.72 40.63 2.13
CA TRP J 70 19.56 39.25 1.63
C TRP J 70 20.84 38.56 1.17
N LEU J 71 21.72 39.37 0.55
CA LEU J 71 23.03 39.02 0.02
C LEU J 71 24.09 38.69 1.09
N MET J 72 24.12 39.45 2.20
CA MET J 72 25.12 39.21 3.23
C MET J 72 24.53 38.74 4.58
N ASP J 73 23.56 39.49 5.13
CA ASP J 73 22.88 39.23 6.40
C ASP J 73 22.38 37.76 6.55
N PRO J 74 22.35 37.23 7.81
CA PRO J 74 21.93 35.84 8.01
C PRO J 74 20.48 35.51 7.67
N PRO J 75 20.25 34.38 6.94
CA PRO J 75 18.89 33.96 6.62
C PRO J 75 18.03 33.87 7.87
N MET J 76 16.82 34.30 7.71
CA MET J 76 15.87 34.24 8.79
C MET J 76 15.24 32.84 8.75
N LEU J 77 14.91 32.26 9.90
CA LEU J 77 14.32 30.94 9.91
C LEU J 77 12.86 31.04 9.87
N CYS J 78 12.28 30.14 9.15
CA CYS J 78 10.86 30.10 9.00
C CYS J 78 10.32 28.69 9.08
N ARG J 79 9.09 28.58 9.64
CA ARG J 79 8.29 27.37 9.76
C ARG J 79 7.54 27.11 8.45
N ASN J 80 7.83 25.95 7.82
CA ASN J 80 7.23 25.53 6.54
C ASN J 80 5.69 25.53 6.64
N LYS J 81 4.98 25.81 5.51
CA LYS J 81 3.51 25.80 5.53
C LYS J 81 2.95 24.34 5.55
N THR J 82 3.85 23.33 5.49
CA THR J 82 3.46 21.90 5.57
C THR J 82 3.06 21.52 6.99
N LYS J 83 3.75 22.13 7.97
CA LYS J 83 3.53 21.92 9.39
C LYS J 83 2.36 22.74 9.78
N LYS J 84 1.32 22.11 10.34
CA LYS J 84 0.06 22.79 10.68
C LYS J 84 0.16 23.48 12.07
N GLU J 85 1.41 23.83 12.46
CA GLU J 85 1.81 24.55 13.67
C GLU J 85 1.55 26.07 13.50
N GLY J 86 1.32 26.46 12.26
CA GLY J 86 1.11 27.84 11.81
C GLY J 86 2.24 28.33 10.89
N SER J 87 2.29 29.66 10.65
CA SER J 87 3.31 30.30 9.83
C SER J 87 4.06 31.20 10.77
N ASN J 88 5.37 30.91 10.90
CA ASN J 88 6.25 31.61 11.81
C ASN J 88 7.53 31.96 11.08
N ILE J 89 7.97 33.23 11.21
CA ILE J 89 9.20 33.79 10.65
C ILE J 89 9.92 34.43 11.80
N GLN J 90 11.16 34.01 12.04
CA GLN J 90 11.93 34.58 13.14
C GLN J 90 13.28 35.06 12.68
N PHE J 91 13.72 36.17 13.30
CA PHE J 91 15.02 36.80 13.04
C PHE J 91 15.90 36.58 14.24
N ASN J 92 17.14 36.05 14.05
CA ASN J 92 18.08 35.87 15.16
C ASN J 92 18.79 37.20 15.51
N ILE J 93 18.14 37.95 16.42
CA ILE J 93 18.55 39.28 16.90
C ILE J 93 19.24 39.25 18.31
N SER J 94 19.80 38.08 18.71
CA SER J 94 20.52 37.86 19.99
C SER J 94 21.67 38.87 20.27
N LYS J 95 21.85 39.27 21.56
CA LYS J 95 22.94 40.12 22.08
C LYS J 95 24.25 39.22 22.43
N ALA J 96 24.41 38.06 21.71
CA ALA J 96 25.52 37.08 21.79
C ALA J 96 26.41 37.43 20.69
N ASP J 97 27.71 37.22 20.93
CA ASP J 97 28.83 37.66 20.11
C ASP J 97 28.67 37.43 18.58
N ASP J 98 28.04 36.29 18.18
CA ASP J 98 27.78 35.88 16.79
C ASP J 98 26.91 36.83 16.04
N ALA J 99 25.62 36.89 16.38
CA ALA J 99 24.62 37.77 15.78
C ALA J 99 24.49 39.07 16.60
N ARG J 100 25.60 39.51 17.19
CA ARG J 100 25.68 40.73 17.99
C ARG J 100 25.27 41.92 17.10
N VAL J 101 25.96 42.07 15.95
CA VAL J 101 25.80 43.15 14.98
C VAL J 101 24.39 43.19 14.39
N TYR J 102 23.91 42.05 13.82
CA TYR J 102 22.55 41.90 13.23
C TYR J 102 21.47 42.31 14.25
N GLY J 103 21.75 42.06 15.52
CA GLY J 103 20.88 42.37 16.63
C GLY J 103 20.63 43.86 16.68
N LYS J 104 21.73 44.65 16.66
CA LYS J 104 21.72 46.11 16.67
C LYS J 104 20.94 46.63 15.44
N LYS J 105 21.15 45.99 14.27
CA LYS J 105 20.52 46.37 13.01
C LYS J 105 19.01 46.44 13.14
N ILE J 106 18.34 45.27 13.12
CA ILE J 106 16.87 45.09 13.19
C ILE J 106 16.22 45.93 14.32
N ARG J 107 16.93 46.05 15.48
CA ARG J 107 16.48 46.83 16.62
C ARG J 107 16.42 48.31 16.26
N ASN J 108 17.51 48.87 15.66
CA ASN J 108 17.48 50.27 15.23
C ASN J 108 16.33 50.46 14.22
N GLY J 109 16.20 49.53 13.26
CA GLY J 109 15.12 49.52 12.26
C GLY J 109 13.73 49.57 12.86
N MET J 110 13.49 48.76 13.90
CA MET J 110 12.25 48.72 14.64
C MET J 110 11.95 50.09 15.31
N ARG J 111 12.97 50.69 16.03
CA ARG J 111 12.93 51.98 16.76
C ARG J 111 12.53 53.11 15.80
N HIS J 112 12.83 52.93 14.47
CA HIS J 112 12.57 53.86 13.33
C HIS J 112 11.18 53.66 12.74
N LEU J 113 10.68 52.40 12.69
CA LEU J 113 9.36 52.05 12.17
C LEU J 113 8.26 52.26 13.17
N PHE J 114 8.55 51.93 14.44
CA PHE J 114 7.63 52.05 15.58
C PHE J 114 8.21 52.96 16.66
N ARG J 115 7.66 54.22 16.77
CA ARG J 115 8.10 55.26 17.72
C ARG J 115 8.17 54.73 19.15
N GLY J 116 7.21 53.86 19.46
CA GLY J 116 7.08 53.22 20.76
C GLY J 116 7.96 52.00 21.01
N PHE J 117 9.09 51.88 20.29
CA PHE J 117 9.93 50.73 20.57
C PHE J 117 11.18 51.13 21.40
N HIS J 118 11.41 50.25 22.39
CA HIS J 118 12.45 50.16 23.43
C HIS J 118 13.12 48.74 23.27
N ASP J 119 14.47 48.66 23.46
CA ASP J 119 15.27 47.42 23.37
C ASP J 119 14.87 46.48 24.56
N PRO J 120 13.98 45.43 24.34
CA PRO J 120 13.60 44.55 25.47
C PRO J 120 14.66 43.49 25.86
N CYS J 121 15.70 43.35 25.01
CA CYS J 121 16.82 42.40 25.07
C CYS J 121 17.72 42.54 26.26
N GLU J 122 18.31 41.41 26.60
CA GLU J 122 19.28 41.29 27.65
C GLU J 122 20.63 41.04 27.06
N GLU J 123 21.63 41.67 27.67
CA GLU J 123 23.03 41.57 27.27
C GLU J 123 23.55 40.15 27.56
N GLY J 124 24.17 39.56 26.54
CA GLY J 124 24.68 38.19 26.58
C GLY J 124 23.61 37.11 26.70
N LYS J 125 22.31 37.47 26.37
CA LYS J 125 21.12 36.59 26.35
C LYS J 125 20.35 36.70 25.01
N VAL J 126 19.87 35.50 24.53
CA VAL J 126 19.10 35.25 23.28
C VAL J 126 17.84 36.18 23.17
N CYS J 127 17.54 36.62 21.96
CA CYS J 127 16.52 37.57 21.64
C CYS J 127 16.09 37.30 20.21
N TYR J 128 14.77 37.21 20.02
CA TYR J 128 14.22 36.89 18.71
C TYR J 128 13.04 37.77 18.38
N LEU J 129 12.82 37.94 17.07
CA LEU J 129 11.73 38.68 16.48
C LEU J 129 10.84 37.67 15.78
N THR J 130 9.62 37.48 16.27
CA THR J 130 8.67 36.49 15.76
C THR J 130 7.50 37.18 15.06
N ILE J 131 7.12 36.72 13.85
CA ILE J 131 5.98 37.23 13.08
C ILE J 131 5.02 36.05 12.80
N ASN J 132 3.67 36.27 12.90
CA ASN J 132 2.63 35.26 12.60
C ASN J 132 1.45 35.87 11.86
N GLN J 133 1.00 35.18 10.78
CA GLN J 133 -0.14 35.61 9.96
C GLN J 133 -1.37 35.48 10.83
N CYS J 134 -2.32 36.41 10.67
CA CYS J 134 -3.53 36.45 11.48
C CYS J 134 -4.61 35.51 10.89
N GLY J 135 -5.06 34.59 11.75
CA GLY J 135 -6.01 33.51 11.46
C GLY J 135 -5.40 32.14 11.72
N ASP J 136 -4.05 32.13 11.74
CA ASP J 136 -3.21 30.98 11.98
C ASP J 136 -3.28 30.50 13.43
N PRO J 137 -3.02 29.18 13.69
CA PRO J 137 -3.09 28.68 15.08
C PRO J 137 -2.00 29.29 15.98
N SER J 138 -0.78 29.53 15.42
CA SER J 138 0.39 30.15 16.06
C SER J 138 0.17 31.66 16.45
N SER J 139 -0.77 32.39 15.75
CA SER J 139 -1.14 33.82 15.97
C SER J 139 -2.11 34.04 17.18
N PHE J 140 -2.91 32.97 17.55
CA PHE J 140 -3.89 32.82 18.65
C PHE J 140 -5.01 33.92 18.70
N ASP J 141 -5.38 34.32 19.93
CA ASP J 141 -6.39 35.31 20.32
C ASP J 141 -6.02 36.77 19.98
N TYR J 142 -4.68 37.06 19.99
CA TYR J 142 -4.01 38.36 19.76
C TYR J 142 -4.41 39.02 18.46
N CYS J 143 -4.92 38.20 17.51
CA CYS J 143 -5.36 38.60 16.17
C CYS J 143 -6.90 38.87 16.09
N GLY J 144 -7.58 38.75 17.24
CA GLY J 144 -9.02 39.00 17.35
C GLY J 144 -9.27 40.50 17.20
N VAL J 145 -10.51 40.92 16.78
CA VAL J 145 -10.91 42.36 16.58
C VAL J 145 -11.09 43.10 17.98
N ASN J 146 -10.81 42.37 19.13
CA ASN J 146 -10.78 42.85 20.54
C ASN J 146 -9.45 43.68 20.84
N HIS J 147 -8.29 43.19 20.30
CA HIS J 147 -6.92 43.75 20.39
C HIS J 147 -6.68 44.75 19.22
N LEU J 148 -7.26 44.43 18.03
CA LEU J 148 -7.21 45.09 16.72
C LEU J 148 -8.18 46.33 16.54
N SER J 149 -9.06 46.57 17.55
CA SER J 149 -9.95 47.72 17.65
C SER J 149 -9.10 49.00 18.00
N LYS J 150 -8.19 48.81 19.03
CA LYS J 150 -7.23 49.77 19.60
C LYS J 150 -6.25 50.38 18.56
N CYS J 151 -6.27 49.84 17.31
CA CYS J 151 -5.42 50.23 16.17
C CYS J 151 -6.17 50.89 15.01
N GLN J 152 -5.41 51.58 14.14
CA GLN J 152 -5.89 52.27 12.93
C GLN J 152 -6.55 51.32 11.92
N GLU K 1 -20.78 -2.27 33.40
CA GLU K 1 -20.35 -3.48 32.72
C GLU K 1 -21.56 -4.28 32.15
N LEU K 2 -22.67 -4.51 32.94
CA LEU K 2 -23.86 -5.30 32.50
C LEU K 2 -25.26 -4.82 33.01
N PRO K 3 -26.37 -5.19 32.29
CA PRO K 3 -27.71 -4.66 32.61
C PRO K 3 -28.47 -5.37 33.71
N SER K 4 -29.24 -4.59 34.51
CA SER K 4 -30.05 -5.07 35.65
C SER K 4 -31.47 -5.47 35.19
N LEU K 5 -31.92 -6.67 35.56
CA LEU K 5 -33.24 -7.19 35.18
C LEU K 5 -34.32 -7.01 36.30
N CYS K 6 -35.58 -7.45 36.02
CA CYS K 6 -36.77 -7.45 36.92
C CYS K 6 -38.03 -7.99 36.20
N MET K 7 -38.94 -8.61 36.96
CA MET K 7 -40.20 -9.13 36.46
C MET K 7 -41.36 -8.48 37.22
N LEU K 8 -42.53 -8.31 36.58
CA LEU K 8 -43.74 -7.76 37.21
C LEU K 8 -44.82 -8.89 37.31
N ASN K 9 -45.19 -9.49 36.14
CA ASN K 9 -46.08 -10.65 35.97
C ASN K 9 -45.52 -11.50 34.79
N ASN K 10 -46.24 -12.50 34.25
CA ASN K 10 -45.71 -13.33 33.13
C ASN K 10 -45.73 -12.62 31.70
N SER K 11 -46.34 -11.39 31.64
CA SER K 11 -46.44 -10.54 30.43
C SER K 11 -45.62 -9.24 30.54
N PHE K 12 -45.00 -9.00 31.73
CA PHE K 12 -44.22 -7.81 32.10
C PHE K 12 -42.83 -8.12 32.64
N TYR K 13 -41.80 -7.83 31.87
CA TYR K 13 -40.41 -8.02 32.30
C TYR K 13 -39.72 -6.70 31.97
N TYR K 14 -38.62 -6.35 32.69
CA TYR K 14 -37.90 -5.08 32.52
C TYR K 14 -36.36 -5.24 32.48
N MET K 15 -35.65 -4.26 31.91
CA MET K 15 -34.19 -4.27 31.81
C MET K 15 -33.66 -2.84 31.85
N ARG K 16 -32.56 -2.61 32.58
CA ARG K 16 -32.02 -1.27 32.66
C ARG K 16 -30.59 -1.28 32.16
N GLY K 17 -30.43 -0.70 30.97
CA GLY K 17 -29.14 -0.55 30.27
C GLY K 17 -28.42 0.75 30.57
N GLY K 18 -27.98 0.90 31.84
CA GLY K 18 -27.25 2.03 32.39
C GLY K 18 -28.20 3.10 32.87
N VAL K 19 -28.55 4.02 31.95
CA VAL K 19 -29.45 5.15 32.17
C VAL K 19 -30.88 4.79 31.61
N ASN K 20 -30.90 4.14 30.43
CA ASN K 20 -32.10 3.73 29.70
C ASN K 20 -32.81 2.55 30.34
N THR K 21 -34.12 2.49 30.15
CA THR K 21 -34.93 1.39 30.63
C THR K 21 -35.64 0.77 29.42
N PHE K 22 -35.87 -0.56 29.44
CA PHE K 22 -36.50 -1.33 28.35
C PHE K 22 -37.55 -2.29 28.89
N LEU K 23 -38.73 -2.28 28.27
CA LEU K 23 -39.87 -3.12 28.65
C LEU K 23 -39.98 -4.29 27.68
N ILE K 24 -39.76 -5.53 28.18
CA ILE K 24 -39.79 -6.77 27.38
C ILE K 24 -41.14 -7.47 27.59
N ARG K 25 -41.90 -7.72 26.51
CA ARG K 25 -43.24 -8.29 26.64
C ARG K 25 -43.52 -9.47 25.77
N VAL K 26 -44.48 -10.29 26.19
CA VAL K 26 -44.90 -11.46 25.41
C VAL K 26 -46.27 -11.25 24.86
N SER K 27 -46.35 -11.17 23.54
CA SER K 27 -47.60 -10.94 22.84
C SER K 27 -47.83 -11.94 21.71
N ASP K 28 -49.07 -11.94 21.22
CA ASP K 28 -49.62 -12.75 20.15
C ASP K 28 -49.93 -11.82 18.95
N ILE K 29 -49.62 -10.49 19.10
CA ILE K 29 -49.84 -9.43 18.13
C ILE K 29 -48.56 -9.18 17.30
N SER K 30 -48.64 -9.51 15.98
CA SER K 30 -47.56 -9.32 14.99
C SER K 30 -47.61 -7.84 14.60
N VAL K 31 -47.02 -6.97 15.49
CA VAL K 31 -46.94 -5.48 15.45
C VAL K 31 -46.15 -4.98 14.22
N LEU K 32 -45.03 -5.64 13.92
CA LEU K 32 -44.17 -5.39 12.76
C LEU K 32 -44.38 -6.47 11.73
N MET K 33 -43.91 -6.22 10.49
CA MET K 33 -44.05 -7.16 9.39
C MET K 33 -42.75 -7.36 8.54
N LYS K 34 -42.82 -8.34 7.65
CA LYS K 34 -41.72 -8.66 6.78
C LYS K 34 -41.62 -7.67 5.70
N GLU K 35 -40.41 -7.25 5.40
CA GLU K 35 -40.04 -6.39 4.28
C GLU K 35 -40.60 -4.96 4.35
N TYR K 36 -41.41 -4.73 5.36
CA TYR K 36 -41.80 -3.38 5.61
C TYR K 36 -40.88 -2.87 6.77
N ASP K 37 -40.26 -3.78 7.56
CA ASP K 37 -39.44 -3.26 8.66
C ASP K 37 -38.03 -3.78 8.72
N VAL K 38 -37.12 -3.04 9.45
CA VAL K 38 -35.67 -3.29 9.63
C VAL K 38 -35.35 -4.72 10.10
N SER K 39 -34.73 -5.49 9.19
CA SER K 39 -34.36 -6.90 9.38
C SER K 39 -32.87 -7.05 9.83
N ILE K 40 -32.66 -6.66 11.16
CA ILE K 40 -31.41 -6.64 11.96
C ILE K 40 -30.68 -7.97 11.91
N TYR K 41 -29.55 -8.00 11.18
CA TYR K 41 -28.74 -9.20 11.03
C TYR K 41 -27.35 -9.05 11.67
N GLU K 42 -27.13 -7.95 12.36
CA GLU K 42 -25.87 -7.72 13.04
C GLU K 42 -26.05 -6.76 14.17
N PRO K 43 -25.30 -6.90 15.29
CA PRO K 43 -25.44 -5.95 16.41
C PRO K 43 -25.25 -4.51 15.99
N GLU K 44 -24.57 -4.35 14.86
CA GLU K 44 -24.24 -3.09 14.28
C GLU K 44 -25.53 -2.35 13.96
N ASP K 45 -26.51 -3.08 13.40
CA ASP K 45 -27.82 -2.60 12.96
C ASP K 45 -28.79 -2.06 14.01
N LEU K 46 -28.60 -2.43 15.29
CA LEU K 46 -29.46 -2.06 16.39
C LEU K 46 -29.60 -0.58 16.68
N GLY K 47 -28.60 0.21 16.26
CA GLY K 47 -28.60 1.66 16.39
C GLY K 47 -29.71 2.35 15.60
N ASN K 48 -30.33 1.65 14.56
CA ASN K 48 -31.43 2.13 13.67
C ASN K 48 -32.81 2.03 14.28
N CYS K 49 -32.91 1.43 15.46
CA CYS K 49 -34.15 1.14 16.14
C CYS K 49 -34.44 2.00 17.34
N LEU K 50 -33.39 2.55 17.89
CA LEU K 50 -33.35 3.42 19.04
C LEU K 50 -32.86 4.75 18.61
N ASN K 51 -33.39 5.78 19.23
CA ASN K 51 -33.06 7.17 18.97
C ASN K 51 -31.63 7.54 19.30
N LYS K 52 -30.76 6.53 19.50
CA LYS K 52 -29.38 6.80 19.84
C LYS K 52 -28.29 5.97 19.02
N SER K 53 -27.38 5.27 19.74
CA SER K 53 -26.21 4.52 19.30
C SER K 53 -25.98 3.59 20.45
N ASP K 54 -25.81 4.16 21.67
CA ASP K 54 -25.67 3.49 22.96
C ASP K 54 -27.05 3.46 23.60
N SER K 55 -27.61 2.29 23.50
CA SER K 55 -28.91 1.86 23.94
C SER K 55 -28.82 0.45 23.38
N SER K 56 -28.21 0.36 22.15
CA SER K 56 -28.01 -0.84 21.34
C SER K 56 -27.36 -1.98 22.11
N TRP K 57 -26.37 -1.64 22.97
CA TRP K 57 -25.55 -2.59 23.76
C TRP K 57 -26.32 -3.53 24.71
N ALA K 58 -27.30 -2.96 25.43
CA ALA K 58 -28.13 -3.66 26.39
C ALA K 58 -28.99 -4.73 25.66
N ILE K 59 -29.59 -4.35 24.49
CA ILE K 59 -30.39 -5.28 23.69
C ILE K 59 -29.47 -6.31 23.06
N HIS K 60 -28.29 -5.87 22.56
CA HIS K 60 -27.22 -6.73 22.00
C HIS K 60 -26.77 -7.79 23.01
N TRP K 61 -26.59 -7.42 24.28
CA TRP K 61 -26.19 -8.44 25.24
C TRP K 61 -27.38 -9.38 25.59
N PHE K 62 -28.62 -8.83 25.60
CA PHE K 62 -29.80 -9.61 25.90
C PHE K 62 -30.02 -10.66 24.81
N SER K 63 -29.75 -10.34 23.54
CA SER K 63 -29.92 -11.27 22.41
C SER K 63 -28.75 -12.25 22.29
N ASN K 64 -27.62 -11.94 22.91
CA ASN K 64 -26.47 -12.84 22.99
C ASN K 64 -26.88 -13.86 24.07
N ALA K 65 -27.39 -13.30 25.21
CA ALA K 65 -27.86 -14.00 26.40
C ALA K 65 -28.84 -15.14 26.02
N LEU K 66 -30.05 -14.81 25.47
CA LEU K 66 -31.07 -15.79 25.04
C LEU K 66 -30.52 -16.86 24.07
N GLY K 67 -29.41 -16.52 23.43
CA GLY K 67 -28.74 -17.40 22.50
C GLY K 67 -29.17 -17.23 21.05
N HIS K 68 -29.32 -15.98 20.57
CA HIS K 68 -29.62 -15.74 19.14
C HIS K 68 -28.27 -15.94 18.47
N ASP K 69 -28.28 -16.61 17.30
CA ASP K 69 -27.06 -16.95 16.57
C ASP K 69 -26.36 -15.78 15.84
N TRP K 70 -27.15 -14.85 15.18
CA TRP K 70 -26.70 -13.66 14.41
C TRP K 70 -26.09 -14.09 13.09
N LEU K 71 -25.44 -15.26 13.14
CA LEU K 71 -24.70 -15.90 12.06
C LEU K 71 -25.69 -16.67 11.25
N MET K 72 -26.46 -17.50 11.93
CA MET K 72 -27.36 -18.44 11.33
C MET K 72 -28.78 -18.28 11.75
N ASP K 73 -29.04 -17.60 12.88
CA ASP K 73 -30.42 -17.40 13.31
C ASP K 73 -31.13 -16.27 12.58
N PRO K 74 -32.45 -16.49 12.27
CA PRO K 74 -33.23 -15.47 11.56
C PRO K 74 -33.33 -14.15 12.31
N PRO K 75 -33.16 -13.02 11.57
CA PRO K 75 -33.19 -11.68 12.18
C PRO K 75 -34.42 -11.36 13.02
N MET K 76 -34.34 -10.20 13.65
CA MET K 76 -35.36 -9.66 14.53
C MET K 76 -35.78 -8.35 13.96
N LEU K 77 -37.00 -8.41 13.43
CA LEU K 77 -37.69 -7.31 12.81
C LEU K 77 -37.72 -6.08 13.77
N CYS K 78 -37.62 -4.87 13.21
CA CYS K 78 -37.55 -3.63 13.95
C CYS K 78 -38.16 -2.40 13.21
N ARG K 79 -38.90 -1.56 13.96
CA ARG K 79 -39.50 -0.31 13.46
C ARG K 79 -38.39 0.71 13.56
N ASN K 80 -37.88 1.18 12.38
CA ASN K 80 -36.76 2.14 12.31
C ASN K 80 -37.07 3.46 13.06
N LYS K 81 -36.06 4.29 13.22
CA LYS K 81 -36.20 5.49 14.02
C LYS K 81 -36.87 6.65 13.23
N THR K 82 -37.17 6.44 11.91
CA THR K 82 -37.83 7.45 11.06
C THR K 82 -39.32 7.65 11.39
N LYS K 83 -40.05 6.52 11.59
CA LYS K 83 -41.48 6.44 11.94
C LYS K 83 -41.63 6.67 13.42
N LYS K 84 -42.33 7.76 13.79
CA LYS K 84 -42.51 8.15 15.20
C LYS K 84 -43.66 7.33 15.88
N GLU K 85 -43.75 6.06 15.52
CA GLU K 85 -44.65 5.08 16.11
C GLU K 85 -43.88 4.39 17.28
N GLY K 86 -42.58 4.76 17.41
CA GLY K 86 -41.63 4.31 18.43
C GLY K 86 -40.31 3.63 18.02
N SER K 87 -39.88 2.71 18.92
CA SER K 87 -38.73 1.82 18.83
C SER K 87 -39.35 0.50 19.22
N ASN K 88 -39.28 -0.49 18.33
CA ASN K 88 -39.91 -1.77 18.61
C ASN K 88 -39.10 -2.90 17.99
N ILE K 89 -38.77 -3.95 18.78
CA ILE K 89 -38.01 -5.13 18.35
C ILE K 89 -38.93 -6.29 18.53
N GLN K 90 -39.08 -7.11 17.51
CA GLN K 90 -39.93 -8.25 17.72
C GLN K 90 -39.27 -9.55 17.18
N PHE K 91 -39.27 -10.64 18.03
CA PHE K 91 -38.67 -11.99 17.87
C PHE K 91 -39.75 -13.02 17.56
N ASN K 92 -39.68 -13.66 16.36
CA ASN K 92 -40.75 -14.65 16.04
C ASN K 92 -40.50 -15.99 16.73
N ILE K 93 -40.89 -16.03 18.03
CA ILE K 93 -40.72 -17.20 18.90
C ILE K 93 -42.02 -18.02 18.96
N SER K 94 -42.75 -18.12 17.81
CA SER K 94 -44.01 -18.86 17.75
C SER K 94 -43.76 -20.39 17.83
N LYS K 95 -44.80 -21.15 18.16
CA LYS K 95 -44.79 -22.63 18.26
C LYS K 95 -45.25 -23.33 16.92
N ALA K 96 -45.20 -22.57 15.78
CA ALA K 96 -45.51 -22.95 14.37
C ALA K 96 -44.35 -23.72 13.78
N ASP K 97 -44.62 -25.01 13.36
CA ASP K 97 -43.75 -26.05 12.76
C ASP K 97 -42.47 -25.51 12.06
N ASP K 98 -42.59 -24.41 11.29
CA ASP K 98 -41.44 -23.79 10.62
C ASP K 98 -40.44 -23.09 11.59
N ALA K 99 -40.93 -22.41 12.65
CA ALA K 99 -40.02 -21.71 13.56
C ALA K 99 -40.24 -22.03 15.03
N ARG K 100 -40.45 -23.32 15.37
CA ARG K 100 -40.65 -23.77 16.77
C ARG K 100 -39.23 -23.84 17.36
N VAL K 101 -38.31 -24.38 16.53
CA VAL K 101 -36.88 -24.64 16.68
C VAL K 101 -36.22 -23.48 17.48
N TYR K 102 -36.24 -22.27 16.90
CA TYR K 102 -35.77 -20.99 17.47
C TYR K 102 -36.81 -20.54 18.52
N GLY K 103 -38.07 -20.83 18.24
CA GLY K 103 -39.18 -20.54 19.13
C GLY K 103 -38.83 -20.95 20.53
N LYS K 104 -38.51 -22.24 20.74
CA LYS K 104 -38.18 -22.79 22.03
C LYS K 104 -36.84 -22.32 22.56
N LYS K 105 -35.80 -22.21 21.70
CA LYS K 105 -34.46 -21.79 22.15
C LYS K 105 -34.46 -20.44 22.92
N ILE K 106 -35.18 -19.43 22.40
CA ILE K 106 -35.27 -18.11 23.03
C ILE K 106 -36.07 -18.17 24.32
N ARG K 107 -37.18 -18.94 24.31
CA ARG K 107 -38.03 -19.12 25.47
C ARG K 107 -37.25 -19.83 26.54
N ASN K 108 -36.43 -20.82 26.17
CA ASN K 108 -35.61 -21.52 27.15
C ASN K 108 -34.53 -20.63 27.74
N GLY K 109 -33.97 -19.74 26.93
CA GLY K 109 -33.00 -18.75 27.40
C GLY K 109 -33.69 -17.72 28.30
N MET K 110 -34.96 -17.41 27.98
CA MET K 110 -35.78 -16.49 28.74
C MET K 110 -36.10 -17.05 30.12
N ARG K 111 -36.35 -18.35 30.15
CA ARG K 111 -36.63 -19.13 31.32
C ARG K 111 -35.45 -19.11 32.26
N HIS K 112 -34.23 -18.86 31.72
CA HIS K 112 -32.95 -18.78 32.45
C HIS K 112 -32.70 -17.40 33.10
N LEU K 113 -32.88 -16.34 32.30
CA LEU K 113 -32.69 -14.96 32.74
C LEU K 113 -33.69 -14.59 33.82
N PHE K 114 -34.95 -15.03 33.61
CA PHE K 114 -36.05 -14.74 34.51
C PHE K 114 -36.63 -15.99 35.10
N ARG K 115 -36.54 -16.06 36.45
CA ARG K 115 -36.94 -17.16 37.33
C ARG K 115 -38.42 -17.61 37.15
N GLY K 116 -39.33 -16.63 37.32
CA GLY K 116 -40.79 -16.77 37.24
C GLY K 116 -41.47 -16.90 35.89
N PHE K 117 -40.66 -17.00 34.81
CA PHE K 117 -41.19 -17.19 33.48
C PHE K 117 -41.85 -18.60 33.30
N HIS K 118 -42.97 -18.58 32.54
CA HIS K 118 -43.86 -19.69 32.09
C HIS K 118 -44.18 -19.43 30.62
N ASP K 119 -43.96 -20.46 29.77
CA ASP K 119 -44.25 -20.44 28.33
C ASP K 119 -45.70 -19.85 28.08
N PRO K 120 -45.88 -18.54 27.65
CA PRO K 120 -47.26 -18.04 27.43
C PRO K 120 -47.83 -18.34 26.02
N CYS K 121 -47.00 -18.95 25.14
CA CYS K 121 -47.32 -19.31 23.76
C CYS K 121 -48.31 -20.40 23.59
N GLU K 122 -49.00 -20.36 22.46
CA GLU K 122 -49.92 -21.42 22.10
C GLU K 122 -49.38 -22.20 20.94
N GLU K 123 -49.68 -23.51 20.96
CA GLU K 123 -49.27 -24.45 19.93
C GLU K 123 -50.03 -24.16 18.61
N GLY K 124 -49.26 -24.01 17.52
CA GLY K 124 -49.74 -23.70 16.17
C GLY K 124 -50.22 -22.27 16.06
N LYS K 125 -49.83 -21.43 17.04
CA LYS K 125 -50.24 -20.04 17.16
C LYS K 125 -49.06 -19.08 17.36
N VAL K 126 -49.23 -17.89 16.72
CA VAL K 126 -48.36 -16.71 16.77
C VAL K 126 -48.06 -16.27 18.23
N CYS K 127 -46.78 -15.98 18.42
CA CYS K 127 -46.21 -15.58 19.68
C CYS K 127 -44.85 -14.90 19.44
N TYR K 128 -44.64 -13.74 20.08
CA TYR K 128 -43.43 -12.98 19.83
C TYR K 128 -42.81 -12.45 21.10
N LEU K 129 -41.85 -11.57 20.95
CA LEU K 129 -41.25 -10.94 22.09
C LEU K 129 -41.06 -9.45 21.68
N THR K 130 -41.89 -8.53 22.19
CA THR K 130 -41.87 -7.08 21.82
C THR K 130 -41.12 -6.19 22.89
N ILE K 131 -39.87 -5.74 22.56
CA ILE K 131 -39.04 -4.89 23.45
C ILE K 131 -39.20 -3.44 23.09
N ASN K 132 -39.43 -2.58 24.09
CA ASN K 132 -39.63 -1.15 23.86
C ASN K 132 -38.83 -0.30 24.82
N GLN K 133 -38.14 0.72 24.28
CA GLN K 133 -37.34 1.64 25.09
C GLN K 133 -38.32 2.47 25.89
N CYS K 134 -37.96 2.82 27.15
CA CYS K 134 -38.79 3.60 28.07
C CYS K 134 -38.63 5.11 27.80
N GLY K 135 -39.78 5.74 27.48
CA GLY K 135 -39.90 7.15 27.07
C GLY K 135 -40.52 7.28 25.68
N ASP K 136 -40.47 6.16 24.94
CA ASP K 136 -41.01 6.00 23.61
C ASP K 136 -42.55 5.89 23.61
N PRO K 137 -43.21 6.27 22.47
CA PRO K 137 -44.68 6.18 22.44
C PRO K 137 -45.19 4.75 22.50
N SER K 138 -44.42 3.78 21.94
CA SER K 138 -44.74 2.35 21.90
C SER K 138 -44.49 1.60 23.23
N SER K 139 -43.87 2.29 24.24
CA SER K 139 -43.62 1.80 25.61
C SER K 139 -44.79 2.15 26.59
N PHE K 140 -45.57 3.25 26.27
CA PHE K 140 -46.80 3.78 26.96
C PHE K 140 -46.60 4.10 28.47
N ASP K 141 -47.67 3.84 29.27
CA ASP K 141 -47.80 4.06 30.73
C ASP K 141 -46.91 3.09 31.57
N TYR K 142 -46.68 1.86 31.03
CA TYR K 142 -45.96 0.72 31.63
C TYR K 142 -44.54 1.07 32.09
N CYS K 143 -44.00 2.16 31.52
CA CYS K 143 -42.67 2.69 31.81
C CYS K 143 -42.68 3.85 32.86
N GLY K 144 -43.86 4.13 33.42
CA GLY K 144 -44.04 5.13 34.47
C GLY K 144 -43.40 4.63 35.76
N VAL K 145 -43.04 5.56 36.70
CA VAL K 145 -42.38 5.22 37.99
C VAL K 145 -43.39 4.52 39.00
N ASN K 146 -44.66 4.27 38.54
CA ASN K 146 -45.75 3.55 39.24
C ASN K 146 -45.52 1.98 39.26
N HIS K 147 -45.07 1.41 38.10
CA HIS K 147 -44.77 -0.02 37.85
C HIS K 147 -43.27 -0.34 38.10
N LEU K 148 -42.43 0.71 37.95
CA LEU K 148 -40.96 0.78 38.07
C LEU K 148 -40.42 0.99 39.54
N SER K 149 -41.33 1.32 40.47
CA SER K 149 -41.07 1.49 41.91
C SER K 149 -40.83 0.09 42.55
N LYS K 150 -41.74 -0.85 42.18
CA LYS K 150 -41.84 -2.27 42.61
C LYS K 150 -40.55 -3.10 42.33
N CYS K 151 -39.58 -2.51 41.60
CA CYS K 151 -38.31 -3.13 41.19
C CYS K 151 -37.11 -2.50 41.85
N GLU L 1 -53.90 -62.87 8.69
CA GLU L 1 -54.60 -64.15 8.62
C GLU L 1 -54.17 -64.99 7.37
N LEU L 2 -55.08 -65.27 6.39
CA LEU L 2 -54.86 -66.03 5.15
C LEU L 2 -55.06 -65.06 4.00
N PRO L 3 -54.25 -65.12 2.94
CA PRO L 3 -54.46 -64.18 1.85
C PRO L 3 -55.65 -64.55 0.94
N SER L 4 -56.55 -63.57 0.72
CA SER L 4 -57.73 -63.67 -0.14
C SER L 4 -57.37 -63.40 -1.63
N LEU L 5 -57.80 -64.29 -2.54
CA LEU L 5 -57.52 -64.16 -3.98
C LEU L 5 -58.71 -63.51 -4.75
N CYS L 6 -58.58 -63.26 -6.10
CA CYS L 6 -59.58 -62.62 -7.01
C CYS L 6 -59.05 -62.59 -8.48
N MET L 7 -59.94 -62.73 -9.49
CA MET L 7 -59.58 -62.66 -10.93
C MET L 7 -60.34 -61.50 -11.61
N LEU L 8 -59.72 -60.85 -12.63
CA LEU L 8 -60.32 -59.78 -13.42
C LEU L 8 -60.48 -60.30 -14.87
N ASN L 9 -59.38 -60.66 -15.54
CA ASN L 9 -59.29 -61.28 -16.88
C ASN L 9 -58.13 -62.29 -16.83
N ASN L 10 -57.67 -62.81 -17.99
CA ASN L 10 -56.58 -63.82 -17.98
C ASN L 10 -55.12 -63.20 -17.81
N SER L 11 -55.00 -61.86 -17.73
CA SER L 11 -53.72 -61.17 -17.51
C SER L 11 -53.71 -60.43 -16.12
N PHE L 12 -54.91 -60.33 -15.45
CA PHE L 12 -55.14 -59.66 -14.15
C PHE L 12 -55.72 -60.56 -13.09
N TYR L 13 -54.94 -60.79 -12.06
CA TYR L 13 -55.28 -61.61 -10.92
C TYR L 13 -54.82 -60.81 -9.75
N TYR L 14 -55.38 -61.07 -8.57
CA TYR L 14 -55.03 -60.27 -7.41
C TYR L 14 -54.90 -61.10 -6.12
N MET L 15 -54.30 -60.52 -5.06
CA MET L 15 -54.11 -61.17 -3.75
C MET L 15 -54.11 -60.10 -2.64
N ARG L 16 -54.76 -60.36 -1.49
CA ARG L 16 -54.75 -59.42 -0.39
C ARG L 16 -54.17 -60.03 0.87
N GLY L 17 -52.99 -59.53 1.23
CA GLY L 17 -52.19 -59.93 2.39
C GLY L 17 -52.36 -59.04 3.62
N GLY L 18 -53.57 -59.16 4.21
CA GLY L 18 -54.04 -58.41 5.38
C GLY L 18 -54.59 -57.04 5.00
N VAL L 19 -53.70 -56.06 5.00
CA VAL L 19 -53.93 -54.65 4.66
C VAL L 19 -53.44 -54.40 3.20
N ASN L 20 -52.28 -54.98 2.83
CA ASN L 20 -51.60 -54.90 1.54
C ASN L 20 -52.35 -55.64 0.41
N THR L 21 -52.23 -55.12 -0.80
CA THR L 21 -52.81 -55.75 -1.98
C THR L 21 -51.67 -55.98 -2.97
N PHE L 22 -51.76 -57.06 -3.79
CA PHE L 22 -50.73 -57.50 -4.76
C PHE L 22 -51.35 -57.88 -6.09
N LEU L 23 -50.82 -57.33 -7.18
CA LEU L 23 -51.30 -57.58 -8.53
C LEU L 23 -50.41 -58.62 -9.22
N ILE L 24 -50.96 -59.80 -9.53
CA ILE L 24 -50.25 -60.93 -10.18
C ILE L 24 -50.56 -61.04 -11.65
N ARG L 25 -49.63 -60.66 -12.47
CA ARG L 25 -49.87 -60.71 -13.88
C ARG L 25 -49.17 -61.93 -14.49
N VAL L 26 -49.32 -62.14 -15.81
CA VAL L 26 -48.63 -63.14 -16.63
C VAL L 26 -47.97 -62.30 -17.71
N SER L 27 -46.68 -62.56 -18.03
CA SER L 27 -46.00 -61.80 -19.11
C SER L 27 -44.93 -62.63 -19.85
N ASP L 28 -44.63 -62.18 -21.07
CA ASP L 28 -43.65 -62.72 -22.01
C ASP L 28 -42.40 -61.80 -22.04
N ILE L 29 -42.44 -60.69 -21.25
CA ILE L 29 -41.40 -59.67 -21.16
C ILE L 29 -40.49 -59.90 -19.97
N SER L 30 -39.21 -60.29 -20.24
CA SER L 30 -38.21 -60.55 -19.20
C SER L 30 -37.69 -59.21 -18.67
N VAL L 31 -38.50 -58.62 -17.74
CA VAL L 31 -38.27 -57.32 -17.05
C VAL L 31 -37.12 -57.41 -16.02
N LEU L 32 -37.27 -58.33 -15.02
CA LEU L 32 -36.25 -58.60 -14.03
C LEU L 32 -35.21 -59.47 -14.68
N MET L 33 -34.01 -58.93 -14.65
CA MET L 33 -32.76 -59.40 -15.24
C MET L 33 -31.85 -60.18 -14.22
N LYS L 34 -31.13 -61.22 -14.69
CA LYS L 34 -30.22 -61.85 -13.76
C LYS L 34 -28.86 -61.16 -13.77
N GLU L 35 -28.21 -61.22 -12.61
CA GLU L 35 -26.90 -60.63 -12.27
C GLU L 35 -27.02 -59.16 -12.02
N TYR L 36 -28.18 -58.60 -12.35
CA TYR L 36 -28.48 -57.25 -11.95
C TYR L 36 -29.50 -57.34 -10.79
N ASP L 37 -30.24 -58.47 -10.66
CA ASP L 37 -31.23 -58.47 -9.59
C ASP L 37 -31.06 -59.60 -8.54
N VAL L 38 -31.72 -59.40 -7.34
CA VAL L 38 -31.77 -60.19 -6.10
C VAL L 38 -32.36 -61.56 -6.34
N SER L 39 -31.58 -62.62 -6.10
CA SER L 39 -32.14 -63.97 -6.21
C SER L 39 -32.63 -64.51 -4.83
N ILE L 40 -33.96 -64.74 -4.68
CA ILE L 40 -34.61 -65.22 -3.45
C ILE L 40 -34.47 -66.77 -3.34
N TYR L 41 -33.41 -67.18 -2.65
CA TYR L 41 -33.11 -68.59 -2.46
C TYR L 41 -34.02 -69.15 -1.40
N GLU L 42 -34.13 -68.42 -0.26
CA GLU L 42 -34.87 -68.69 0.97
C GLU L 42 -35.97 -67.64 1.16
N PRO L 43 -37.04 -67.93 1.93
CA PRO L 43 -38.07 -66.91 2.18
C PRO L 43 -37.61 -65.67 2.97
N GLU L 44 -36.40 -65.74 3.55
CA GLU L 44 -35.76 -64.66 4.32
C GLU L 44 -35.29 -63.54 3.44
N ASP L 45 -35.11 -63.86 2.16
CA ASP L 45 -34.68 -62.97 1.11
C ASP L 45 -35.87 -62.21 0.51
N LEU L 46 -37.04 -62.41 1.11
CA LEU L 46 -38.23 -61.73 0.71
C LEU L 46 -38.31 -60.35 1.30
N GLY L 47 -38.04 -60.22 2.60
CA GLY L 47 -38.09 -58.95 3.35
C GLY L 47 -37.36 -57.78 2.71
N ASN L 48 -36.53 -58.07 1.64
CA ASN L 48 -35.72 -57.16 0.82
C ASN L 48 -36.42 -56.67 -0.48
N CYS L 49 -37.61 -57.23 -0.83
CA CYS L 49 -38.43 -56.91 -2.02
C CYS L 49 -39.61 -56.05 -1.69
N LEU L 50 -40.04 -56.09 -0.43
CA LEU L 50 -41.16 -55.30 0.05
C LEU L 50 -40.79 -54.43 1.15
N ASN L 51 -41.38 -53.22 1.16
CA ASN L 51 -41.17 -52.20 2.19
C ASN L 51 -41.33 -52.84 3.57
N LYS L 52 -42.50 -53.45 3.77
CA LYS L 52 -42.90 -54.12 5.00
C LYS L 52 -42.29 -55.53 5.16
N SER L 53 -42.45 -56.06 6.39
CA SER L 53 -42.09 -57.40 6.84
C SER L 53 -43.40 -58.24 6.87
N ASP L 54 -44.56 -57.53 7.00
CA ASP L 54 -45.95 -58.07 7.02
C ASP L 54 -46.52 -58.19 5.56
N SER L 55 -45.58 -58.27 4.60
CA SER L 55 -45.88 -58.37 3.20
C SER L 55 -45.28 -59.69 2.76
N SER L 56 -44.02 -59.93 3.15
CA SER L 56 -43.18 -61.11 2.92
C SER L 56 -43.91 -62.46 3.07
N TRP L 57 -44.72 -62.64 4.15
CA TRP L 57 -45.46 -63.87 4.49
C TRP L 57 -46.51 -64.25 3.45
N ALA L 58 -47.20 -63.20 2.92
CA ALA L 58 -48.30 -63.27 1.98
C ALA L 58 -47.77 -63.92 0.71
N ILE L 59 -46.66 -63.37 0.17
CA ILE L 59 -45.99 -63.87 -1.04
C ILE L 59 -45.45 -65.29 -0.79
N HIS L 60 -44.83 -65.48 0.37
CA HIS L 60 -44.29 -66.76 0.82
C HIS L 60 -45.36 -67.85 0.69
N TRP L 61 -46.53 -67.59 1.25
CA TRP L 61 -47.60 -68.54 1.11
C TRP L 61 -47.86 -68.86 -0.34
N PHE L 62 -48.02 -67.82 -1.15
CA PHE L 62 -48.37 -67.98 -2.55
C PHE L 62 -47.30 -68.68 -3.37
N SER L 63 -46.00 -68.59 -2.99
CA SER L 63 -44.94 -69.28 -3.78
C SER L 63 -44.88 -70.75 -3.46
N ASN L 64 -45.26 -71.12 -2.23
CA ASN L 64 -45.33 -72.50 -1.80
C ASN L 64 -46.61 -73.11 -2.29
N ALA L 65 -47.70 -72.32 -2.28
CA ALA L 65 -49.01 -72.73 -2.79
C ALA L 65 -48.88 -73.12 -4.26
N LEU L 66 -48.08 -72.36 -5.02
CA LEU L 66 -47.80 -72.61 -6.44
C LEU L 66 -47.02 -73.91 -6.65
N GLY L 67 -46.29 -74.34 -5.61
CA GLY L 67 -45.53 -75.58 -5.63
C GLY L 67 -44.04 -75.38 -5.66
N HIS L 68 -43.55 -74.26 -5.10
CA HIS L 68 -42.11 -73.99 -5.07
C HIS L 68 -41.44 -74.68 -3.83
N ASP L 69 -40.29 -75.34 -4.11
CA ASP L 69 -39.40 -76.01 -3.13
C ASP L 69 -38.12 -75.23 -3.23
N TRP L 70 -37.83 -74.52 -2.17
CA TRP L 70 -36.70 -73.61 -2.01
C TRP L 70 -35.34 -74.25 -2.32
N LEU L 71 -35.23 -75.59 -2.05
CA LEU L 71 -34.03 -76.43 -2.20
C LEU L 71 -33.70 -76.84 -3.64
N MET L 72 -34.72 -77.19 -4.45
CA MET L 72 -34.46 -77.67 -5.82
C MET L 72 -34.86 -76.69 -6.93
N ASP L 73 -36.11 -76.14 -6.85
CA ASP L 73 -36.66 -75.17 -7.79
C ASP L 73 -35.78 -73.88 -7.88
N PRO L 74 -35.72 -73.24 -9.08
CA PRO L 74 -34.87 -72.04 -9.24
C PRO L 74 -35.27 -70.82 -8.40
N PRO L 75 -34.29 -70.16 -7.72
CA PRO L 75 -34.62 -68.94 -6.96
C PRO L 75 -35.30 -67.86 -7.82
N MET L 76 -36.37 -67.26 -7.28
CA MET L 76 -37.11 -66.23 -8.00
C MET L 76 -36.31 -64.94 -7.86
N LEU L 77 -36.36 -64.09 -8.89
CA LEU L 77 -35.69 -62.77 -9.01
C LEU L 77 -36.54 -61.70 -8.35
N CYS L 78 -35.94 -60.56 -8.03
CA CYS L 78 -36.68 -59.50 -7.38
C CYS L 78 -35.93 -58.14 -7.44
N ARG L 79 -36.63 -57.04 -7.67
CA ARG L 79 -35.88 -55.80 -7.61
C ARG L 79 -35.89 -55.29 -6.18
N ASN L 80 -34.67 -54.96 -5.70
CA ASN L 80 -34.35 -54.47 -4.36
C ASN L 80 -35.29 -53.34 -3.91
N LYS L 81 -35.60 -53.23 -2.57
CA LYS L 81 -36.43 -52.15 -2.01
C LYS L 81 -35.72 -50.75 -2.05
N THR L 82 -34.38 -50.70 -2.41
CA THR L 82 -33.61 -49.45 -2.56
C THR L 82 -34.06 -48.70 -3.84
N LYS L 83 -34.38 -49.45 -4.94
CA LYS L 83 -34.86 -48.90 -6.20
C LYS L 83 -36.31 -48.56 -6.00
N LYS L 84 -36.65 -47.26 -6.11
CA LYS L 84 -38.03 -46.77 -5.92
C LYS L 84 -38.74 -46.78 -7.32
N GLU L 85 -38.52 -47.88 -8.09
CA GLU L 85 -39.03 -48.12 -9.45
C GLU L 85 -40.00 -49.34 -9.38
N GLY L 86 -40.72 -49.39 -8.25
CA GLY L 86 -41.69 -50.40 -7.87
C GLY L 86 -41.18 -51.49 -6.94
N SER L 87 -41.97 -52.59 -6.77
CA SER L 87 -41.60 -53.79 -5.99
C SER L 87 -41.99 -54.93 -6.87
N ASN L 88 -41.00 -55.67 -7.33
CA ASN L 88 -41.22 -56.75 -8.25
C ASN L 88 -40.62 -58.01 -7.67
N ILE L 89 -41.23 -59.18 -8.07
CA ILE L 89 -41.00 -60.64 -7.88
C ILE L 89 -41.33 -61.38 -9.23
N GLN L 90 -40.33 -62.11 -9.80
CA GLN L 90 -40.30 -62.82 -11.09
C GLN L 90 -40.00 -64.37 -11.11
N PHE L 91 -40.94 -65.14 -11.66
CA PHE L 91 -40.88 -66.61 -11.76
C PHE L 91 -40.61 -67.04 -13.21
N ASN L 92 -39.44 -67.69 -13.50
CA ASN L 92 -39.17 -68.20 -14.88
C ASN L 92 -39.90 -69.48 -15.19
N ILE L 93 -41.09 -69.30 -15.78
CA ILE L 93 -42.02 -70.39 -16.12
C ILE L 93 -42.19 -70.47 -17.65
N SER L 94 -41.09 -70.70 -18.35
CA SER L 94 -41.24 -70.81 -19.77
C SER L 94 -41.53 -72.32 -20.22
N LYS L 95 -41.92 -72.53 -21.50
CA LYS L 95 -42.14 -73.83 -22.18
C LYS L 95 -40.81 -74.25 -22.93
N ALA L 96 -39.68 -73.59 -22.51
CA ALA L 96 -38.25 -73.74 -22.91
C ALA L 96 -37.71 -74.93 -22.18
N ASP L 97 -37.11 -75.87 -22.92
CA ASP L 97 -36.60 -77.16 -22.45
C ASP L 97 -35.98 -77.13 -21.02
N ASP L 98 -35.16 -76.06 -20.71
CA ASP L 98 -34.48 -75.77 -19.44
C ASP L 98 -35.41 -75.67 -18.23
N ALA L 99 -36.38 -74.73 -18.27
CA ALA L 99 -37.36 -74.51 -17.19
C ALA L 99 -38.78 -74.97 -17.57
N ARG L 100 -38.92 -75.94 -18.53
CA ARG L 100 -40.19 -76.48 -19.04
C ARG L 100 -40.99 -77.18 -17.93
N VAL L 101 -40.25 -77.98 -17.09
CA VAL L 101 -40.65 -78.80 -15.92
C VAL L 101 -41.38 -77.92 -14.91
N TYR L 102 -40.62 -76.95 -14.36
CA TYR L 102 -40.97 -75.90 -13.39
C TYR L 102 -42.08 -75.08 -13.92
N GLY L 103 -41.95 -74.71 -15.19
CA GLY L 103 -42.93 -73.98 -15.97
C GLY L 103 -44.31 -74.58 -15.80
N LYS L 104 -44.46 -75.89 -16.10
CA LYS L 104 -45.75 -76.54 -15.95
C LYS L 104 -46.18 -76.60 -14.47
N LYS L 105 -45.22 -76.85 -13.57
CA LYS L 105 -45.42 -76.93 -12.11
C LYS L 105 -46.21 -75.75 -11.54
N ILE L 106 -45.75 -74.51 -11.82
CA ILE L 106 -46.32 -73.24 -11.32
C ILE L 106 -47.69 -72.89 -11.99
N ARG L 107 -47.82 -73.04 -13.35
CA ARG L 107 -49.13 -72.73 -13.95
C ARG L 107 -50.20 -73.73 -13.48
N ASN L 108 -49.80 -74.93 -13.00
CA ASN L 108 -50.81 -75.80 -12.46
C ASN L 108 -51.16 -75.35 -11.06
N GLY L 109 -50.21 -74.73 -10.37
CA GLY L 109 -50.41 -74.15 -9.05
C GLY L 109 -51.46 -73.06 -9.14
N MET L 110 -51.29 -72.18 -10.13
CA MET L 110 -52.19 -71.07 -10.43
C MET L 110 -53.61 -71.53 -10.74
N ARG L 111 -53.72 -72.62 -11.49
CA ARG L 111 -54.97 -73.24 -11.91
C ARG L 111 -55.76 -73.74 -10.73
N HIS L 112 -55.08 -74.14 -9.66
CA HIS L 112 -55.76 -74.66 -8.47
C HIS L 112 -56.24 -73.52 -7.62
N LEU L 113 -55.43 -72.46 -7.54
CA LEU L 113 -55.67 -71.24 -6.78
C LEU L 113 -56.75 -70.37 -7.38
N PHE L 114 -56.86 -70.45 -8.72
CA PHE L 114 -57.86 -69.79 -9.57
C PHE L 114 -58.14 -70.77 -10.71
N ARG L 115 -59.30 -71.48 -10.64
CA ARG L 115 -59.74 -72.40 -11.71
C ARG L 115 -59.93 -71.56 -13.01
N GLY L 116 -60.38 -70.31 -12.83
CA GLY L 116 -60.50 -69.32 -13.89
C GLY L 116 -59.09 -68.96 -14.31
N PHE L 117 -58.63 -69.62 -15.42
CA PHE L 117 -57.29 -69.45 -15.99
C PHE L 117 -57.07 -70.41 -17.18
N HIS L 118 -56.49 -69.84 -18.25
CA HIS L 118 -55.99 -70.44 -19.50
C HIS L 118 -54.46 -70.05 -19.54
N ASP L 119 -53.58 -71.04 -19.84
CA ASP L 119 -52.13 -70.96 -19.99
C ASP L 119 -51.88 -69.93 -21.15
N PRO L 120 -51.64 -68.61 -20.86
CA PRO L 120 -51.46 -67.65 -21.96
C PRO L 120 -50.12 -67.87 -22.72
N CYS L 121 -49.23 -68.75 -22.17
CA CYS L 121 -47.85 -69.07 -22.64
C CYS L 121 -47.81 -69.77 -23.94
N GLU L 122 -46.71 -69.52 -24.65
CA GLU L 122 -46.44 -70.22 -25.92
C GLU L 122 -45.32 -71.24 -25.78
N GLU L 123 -45.34 -72.28 -26.68
CA GLU L 123 -44.42 -73.40 -26.79
C GLU L 123 -43.13 -72.92 -27.37
N GLY L 124 -42.06 -73.13 -26.60
CA GLY L 124 -40.71 -72.66 -26.93
C GLY L 124 -40.53 -71.14 -26.79
N LYS L 125 -41.46 -70.49 -26.00
CA LYS L 125 -41.54 -69.05 -25.70
C LYS L 125 -41.65 -68.72 -24.17
N VAL L 126 -40.91 -67.64 -23.81
CA VAL L 126 -40.70 -66.95 -22.52
C VAL L 126 -42.03 -66.60 -21.85
N CYS L 127 -42.08 -66.91 -20.56
CA CYS L 127 -43.27 -66.71 -19.76
C CYS L 127 -43.02 -66.60 -18.26
N TYR L 128 -43.56 -65.53 -17.72
CA TYR L 128 -43.30 -65.09 -16.39
C TYR L 128 -44.61 -64.69 -15.65
N LEU L 129 -44.44 -64.66 -14.31
CA LEU L 129 -45.30 -64.30 -13.17
C LEU L 129 -44.80 -63.06 -12.47
N THR L 130 -45.41 -61.93 -12.82
CA THR L 130 -44.96 -60.64 -12.30
C THR L 130 -45.95 -60.09 -11.25
N ILE L 131 -45.52 -60.06 -9.98
CA ILE L 131 -46.33 -59.59 -8.87
C ILE L 131 -45.87 -58.19 -8.48
N ASN L 132 -46.81 -57.24 -8.19
CA ASN L 132 -46.46 -55.88 -7.77
C ASN L 132 -47.32 -55.46 -6.62
N GLN L 133 -46.70 -54.95 -5.54
CA GLN L 133 -47.44 -54.49 -4.38
C GLN L 133 -48.27 -53.29 -4.84
N CYS L 134 -49.48 -53.13 -4.28
CA CYS L 134 -50.44 -52.06 -4.61
C CYS L 134 -50.11 -50.77 -3.83
N GLY L 135 -49.87 -49.71 -4.59
CA GLY L 135 -49.45 -48.38 -4.12
C GLY L 135 -48.12 -47.99 -4.75
N ASP L 136 -47.39 -49.03 -5.22
CA ASP L 136 -46.10 -48.93 -5.86
C ASP L 136 -46.19 -48.36 -7.28
N PRO L 137 -45.09 -47.70 -7.77
CA PRO L 137 -45.13 -47.12 -9.13
C PRO L 137 -45.26 -48.21 -10.22
N SER L 138 -44.65 -49.41 -9.95
CA SER L 138 -44.62 -50.61 -10.78
C SER L 138 -46.04 -51.25 -10.98
N SER L 139 -46.99 -51.02 -10.00
CA SER L 139 -48.40 -51.54 -9.93
C SER L 139 -49.44 -50.73 -10.75
N PHE L 140 -49.14 -49.39 -10.98
CA PHE L 140 -49.88 -48.34 -11.75
C PHE L 140 -51.35 -48.14 -11.30
N ASP L 141 -52.24 -47.88 -12.31
CA ASP L 141 -53.70 -47.64 -12.18
C ASP L 141 -54.53 -48.88 -11.82
N TYR L 142 -54.02 -50.07 -12.21
CA TYR L 142 -54.59 -51.42 -12.04
C TYR L 142 -54.94 -51.76 -10.59
N CYS L 143 -54.28 -51.04 -9.66
CA CYS L 143 -54.48 -51.16 -8.22
C CYS L 143 -55.50 -50.14 -7.63
N GLY L 144 -56.15 -49.35 -8.52
CA GLY L 144 -57.17 -48.37 -8.16
C GLY L 144 -58.42 -49.11 -7.73
N VAL L 145 -59.31 -48.45 -6.91
CA VAL L 145 -60.57 -49.06 -6.39
C VAL L 145 -61.67 -49.24 -7.52
N ASN L 146 -61.30 -48.83 -8.79
CA ASN L 146 -62.07 -48.98 -10.05
C ASN L 146 -62.08 -50.45 -10.56
N HIS L 147 -60.88 -51.08 -10.53
CA HIS L 147 -60.58 -52.48 -10.88
C HIS L 147 -61.00 -53.44 -9.69
N LEU L 148 -60.57 -53.01 -8.42
CA LEU L 148 -60.65 -53.59 -7.05
C LEU L 148 -62.10 -53.65 -6.38
N SER L 149 -63.10 -53.06 -7.08
CA SER L 149 -64.52 -53.04 -6.75
C SER L 149 -65.17 -54.44 -6.80
C1 NAG M . 43.96 22.26 -15.73
C2 NAG M . 45.24 23.11 -15.85
C3 NAG M . 45.45 23.36 -17.35
C4 NAG M . 45.37 22.07 -18.18
C5 NAG M . 44.06 21.33 -17.91
C6 NAG M . 43.85 20.03 -18.72
C7 NAG M . 44.41 25.49 -15.66
C8 NAG M . 44.76 26.77 -14.98
N2 NAG M . 45.02 24.37 -15.15
O3 NAG M . 46.66 24.09 -17.59
O4 NAG M . 45.33 22.32 -19.57
O5 NAG M . 43.97 21.04 -16.49
O6 NAG M . 42.47 19.59 -18.91
O7 NAG M . 43.57 25.45 -16.55
C1 NAG M . 46.53 22.63 -20.29
C2 NAG M . 46.66 21.74 -21.55
C3 NAG M . 47.88 22.42 -22.20
C4 NAG M . 47.60 23.93 -22.46
C5 NAG M . 47.72 24.65 -21.11
C6 NAG M . 47.46 26.18 -21.20
C7 NAG M . 46.46 19.31 -22.11
C8 NAG M . 46.43 17.98 -21.44
N2 NAG M . 46.88 20.31 -21.33
O3 NAG M . 48.28 21.60 -23.33
O4 NAG M . 48.36 24.64 -23.44
O5 NAG M . 46.65 24.09 -20.29
O6 NAG M . 47.05 26.77 -19.93
O7 NAG M . 46.15 19.44 -23.32
C1 NAG N . 20.73 32.46 17.57
C2 NAG N . 20.93 30.94 17.50
C3 NAG N . 21.53 30.57 18.85
C4 NAG N . 22.82 31.34 19.13
C5 NAG N . 22.58 32.85 19.13
C6 NAG N . 23.81 33.73 19.27
C7 NAG N . 19.68 28.83 16.94
C8 NAG N . 18.69 27.99 17.70
N2 NAG N . 19.71 30.15 17.27
O3 NAG N . 21.83 29.18 18.83
O4 NAG N . 23.31 30.93 20.41
O5 NAG N . 21.91 33.24 17.89
O6 NAG N . 24.76 33.54 18.24
O7 NAG N . 20.38 28.36 16.04
C1 NAG N . 24.70 30.51 20.52
C2 NAG N . 25.13 30.45 22.00
C3 NAG N . 26.63 30.11 22.05
C4 NAG N . 26.94 28.83 21.26
C5 NAG N . 26.36 28.84 19.85
C6 NAG N . 26.45 27.50 19.12
C7 NAG N . 23.98 32.05 23.55
C8 NAG N . 23.27 33.37 23.50
N2 NAG N . 24.83 31.79 22.53
O3 NAG N . 27.10 29.93 23.39
O4 NAG N . 28.35 28.56 21.25
O5 NAG N . 24.96 29.24 19.90
O6 NAG N . 25.40 26.57 19.46
O7 NAG N . 23.87 31.30 24.53
C1 NAG O . -44.00 -15.80 12.47
C2 NAG O . -44.29 -15.19 11.10
C3 NAG O . -45.61 -15.87 10.76
C4 NAG O . -45.37 -17.37 10.60
C5 NAG O . -44.78 -18.03 11.86
C6 NAG O . -44.21 -19.43 11.68
C7 NAG O . -45.24 -12.86 10.60
C8 NAG O . -44.95 -12.38 9.22
N2 NAG O . -44.33 -13.73 11.14
O3 NAG O . -46.03 -15.43 9.47
O4 NAG O . -46.59 -18.00 10.25
O5 NAG O . -43.74 -17.21 12.42
O6 NAG O . -43.13 -19.53 10.75
O7 NAG O . -46.10 -12.32 11.29
C1 NAG O . -46.53 -18.89 9.13
C2 NAG O . -47.72 -19.85 9.16
C3 NAG O . -47.41 -20.86 8.04
C4 NAG O . -47.27 -20.17 6.69
C5 NAG O . -46.18 -19.09 6.74
C6 NAG O . -46.07 -18.24 5.49
C7 NAG O . -48.62 -20.04 11.50
C8 NAG O . -49.23 -21.06 12.41
N2 NAG O . -47.88 -20.52 10.45
O3 NAG O . -48.49 -21.77 7.89
O4 NAG O . -47.06 -21.14 5.66
O5 NAG O . -46.42 -18.20 7.87
O6 NAG O . -47.25 -17.50 5.20
O7 NAG O . -48.80 -18.84 11.68
C1 BMA O . -47.97 -21.01 4.54
C2 BMA O . -47.66 -22.01 3.45
C3 BMA O . -48.54 -21.66 2.23
C4 BMA O . -50.04 -21.61 2.58
C5 BMA O . -50.26 -20.75 3.82
C6 BMA O . -51.67 -20.80 4.37
O2 BMA O . -47.80 -23.35 3.93
O3 BMA O . -48.19 -22.43 1.09
O4 BMA O . -50.74 -21.02 1.47
O5 BMA O . -49.37 -21.11 4.92
O6 BMA O . -51.96 -22.00 5.07
C1 BMA P . 49.35 23.87 -24.41
C2 BMA P . 48.55 23.36 -25.47
C3 BMA P . 49.46 22.58 -26.41
C4 BMA P . 50.59 23.38 -27.05
C5 BMA P . 51.15 24.34 -25.99
C6 BMA P . 52.01 25.52 -26.43
O2 BMA P . 47.70 24.37 -25.94
O3 BMA P . 48.63 21.83 -27.27
O4 BMA P . 51.63 22.47 -27.33
O5 BMA P . 50.16 24.84 -25.01
O6 BMA P . 52.72 26.04 -25.34
C1 NAG Q . -35.58 -67.62 -18.38
C2 NAG Q . -34.07 -67.47 -18.21
C3 NAG Q . -33.54 -67.21 -19.62
C4 NAG Q . -33.81 -68.44 -20.50
C5 NAG Q . -35.32 -68.70 -20.56
C6 NAG Q . -35.65 -70.06 -21.17
C7 NAG Q . -32.50 -65.74 -17.20
C8 NAG Q . -31.39 -66.37 -16.41
N2 NAG Q . -33.67 -66.44 -17.24
O3 NAG Q . -32.12 -67.02 -19.59
O4 NAG Q . -33.22 -68.32 -21.78
O5 NAG Q . -35.84 -68.77 -19.20
O6 NAG Q . -35.26 -70.18 -22.55
O7 NAG Q . -32.42 -64.58 -17.59
#